data_6M1Y
#
_entry.id   6M1Y
#
_cell.length_a   1.00
_cell.length_b   1.00
_cell.length_c   1.00
_cell.angle_alpha   90.00
_cell.angle_beta   90.00
_cell.angle_gamma   90.00
#
_symmetry.space_group_name_H-M   'P 1'
#
loop_
_entity.id
_entity.type
_entity.pdbx_description
1 polymer 'Solute carrier family 12 member 6'
2 branched 2-acetamido-2-deoxy-beta-D-glucopyranose-(1-4)-2-acetamido-2-deoxy-beta-D-glucopyranose
3 non-polymer 'POTASSIUM ION'
4 non-polymer 'CHLORIDE ION'
5 non-polymer 2-acetamido-2-deoxy-beta-D-glucopyranose
6 water water
#
_entity_poly.entity_id   1
_entity_poly.type   'polypeptide(L)'
_entity_poly.pdbx_seq_one_letter_code
;MADYKDDDDKSGRMPHFTVTKVEDPEEGAAASISQEPSLADIKARIQDSDEPDLSQNSITGEHSQLLDDGHKKARNAYLN
NSNYEEGDEYFDKNLALFEEEMDTRPKVSSLLNRMANYTNLTQGAKEHEEAENITEGKKKPTKTPQMGTFMGVYLPCLQN
IFGVILFLRLTWVVGTAGVLQAFAIVLICCCCTMLTAISMSAIATNGVVPAGGSYFMISRALGPEFGGAVGLCFYLGTTF
AAAMYILGAIEIFLVYIVPRAAIFHSDDALKESAAMLNNMRVYGTAFLVLMVLVVFIGVRYVNKFASLFLACVIVSILAI
YAGAIKSSFAPPHFPVCMLGNRTLSSRHIDVCSKTKEINNMTVPSKLWGFFCNSSQFFNATCDEYFVHNNVTSIQGIPGL
ASGIITENLWSNYLPKGEIIEKPSAKSSDVLGSLNHEYVLVDITTSFTLLVGIFFPSVTGIMAGSNRSGDLKDAQKSIPI
GTILAILTTSFVYLSNVVLFGACIEGVVLRDKFGDAVKGNLVVGTLSWPSPWVIVIGSFFSTCGAGLQSLTGAPRLLQAI
AKDNIIPFLRVFGHSKANGEPTWALLLTAAIAELGILIASLDLVAPILSMFFLMCYLFVNLACALQTLLRTPNWRPRFRY
YHWALSFMGMSICLALMFISSWYYAIVAMVIAGMIYKYIEYQGAEKEWGDGIRGLSLSAARFALLRLEEGPPHTKNWRPQ
LLVLLKLDEDLHVKHPRLLTFASQLKAGKGLTIVGSVIVGNFLENYGEALAAEQTIKHLMEAEKVKGFCQLVVAAKLREG
ISHLIQSCGLGGMKHNTVVMGWPNGWRQSEDARAWKTFIGTVRVTTAAHLALLVAKNISFFPSNVEQFSEGNIDVWWIVH
DGGMLMLLPFLLKQHKVWRKCSIRIFTVAQLEDNSIQMKKDLATFLYHLRIEAEVEVVEMHDSDISAYTYER(TPO)LMM
EQRSQMLRHMRLSKTERDREAQLVKDRNSMLRLTSIGSDEDEETETYQEKVHM(TPO)WTKDKYMASRGQKAKSMEGFQD
LLNMRPDQSNVRRMHTAVKLNEVIVNKSHEAKLVLLNMPGPPRNPEGDENYMEFLEVLTEGLERVLLVRGGGSEVITIYS
;
_entity_poly.pdbx_strand_id   A,B
#
# COMPACT_ATOMS: atom_id res chain seq x y z
N ASN A 113 -30.67 30.25 -33.72
CA ASN A 113 -29.44 31.00 -33.51
C ASN A 113 -29.34 31.49 -32.09
N ARG A 114 -30.31 31.09 -31.27
CA ARG A 114 -30.38 31.52 -29.87
C ARG A 114 -29.51 30.68 -28.94
N MET A 115 -28.75 29.73 -29.47
CA MET A 115 -27.84 28.94 -28.66
C MET A 115 -26.44 29.56 -28.73
N ALA A 116 -26.30 30.70 -28.06
CA ALA A 116 -25.04 31.40 -27.94
C ALA A 116 -24.43 31.25 -26.54
N ASN A 117 -25.02 30.45 -25.70
CA ASN A 117 -24.47 30.15 -24.37
C ASN A 117 -23.66 28.85 -24.43
N TYR A 118 -22.59 28.89 -25.22
CA TYR A 118 -21.81 27.69 -25.49
C TYR A 118 -20.98 27.28 -24.29
N THR A 119 -20.19 28.22 -23.75
CA THR A 119 -19.50 28.22 -22.43
C THR A 119 -18.78 26.89 -22.13
N ASN A 120 -17.69 26.68 -22.87
CA ASN A 120 -16.82 25.51 -22.66
C ASN A 120 -16.01 25.56 -21.35
N LEU A 121 -16.19 26.57 -20.50
CA LEU A 121 -15.43 26.72 -19.27
C LEU A 121 -15.92 25.72 -18.21
N THR A 122 -15.31 25.80 -17.02
CA THR A 122 -15.53 24.85 -15.95
C THR A 122 -16.66 25.30 -15.04
N GLN A 123 -17.40 24.32 -14.50
CA GLN A 123 -18.50 24.62 -13.58
C GLN A 123 -17.97 25.17 -12.26
N GLY A 124 -17.22 24.37 -11.52
CA GLY A 124 -16.63 24.80 -10.26
C GLY A 124 -17.66 25.04 -9.16
N ALA A 125 -17.19 25.73 -8.12
CA ALA A 125 -18.07 26.16 -7.05
C ALA A 125 -18.92 27.35 -7.50
N LYS A 126 -19.87 27.73 -6.62
CA LYS A 126 -20.95 28.72 -6.75
C LYS A 126 -22.07 28.19 -7.67
N GLU A 127 -21.81 27.10 -8.38
CA GLU A 127 -22.84 26.40 -9.15
C GLU A 127 -23.06 25.00 -8.59
N HIS A 128 -22.44 24.69 -7.45
CA HIS A 128 -22.72 23.48 -6.68
C HIS A 128 -23.64 23.75 -5.50
N GLU A 129 -23.47 24.88 -4.82
CA GLU A 129 -24.35 25.23 -3.71
C GLU A 129 -25.71 25.70 -4.19
N GLU A 130 -25.82 26.20 -5.42
CA GLU A 130 -27.12 26.59 -5.95
C GLU A 130 -27.96 25.38 -6.30
N ALA A 131 -27.32 24.24 -6.59
CA ALA A 131 -28.05 23.00 -6.85
C ALA A 131 -28.45 22.28 -5.57
N GLU A 132 -28.04 22.78 -4.41
CA GLU A 132 -28.42 22.20 -3.13
C GLU A 132 -29.29 23.16 -2.33
N ASN A 133 -30.02 24.03 -3.02
CA ASN A 133 -30.90 24.99 -2.36
C ASN A 133 -32.33 24.82 -2.83
N GLN A 146 -31.34 23.96 -20.37
CA GLN A 146 -30.61 22.70 -20.41
C GLN A 146 -29.69 22.64 -21.63
N MET A 147 -28.97 21.53 -21.78
CA MET A 147 -28.04 21.33 -22.87
C MET A 147 -28.14 19.89 -23.35
N GLY A 148 -27.53 19.63 -24.49
CA GLY A 148 -27.57 18.29 -25.06
C GLY A 148 -26.21 17.64 -25.17
N THR A 149 -26.13 16.54 -25.92
CA THR A 149 -24.85 15.83 -26.06
C THR A 149 -23.90 16.57 -27.00
N PHE A 150 -24.42 17.24 -28.01
CA PHE A 150 -23.54 17.92 -28.95
C PHE A 150 -22.99 19.21 -28.35
N MET A 151 -23.84 20.07 -27.82
CA MET A 151 -23.42 21.37 -27.35
C MET A 151 -23.00 21.36 -25.88
N GLY A 152 -23.13 20.25 -25.18
CA GLY A 152 -22.79 20.24 -23.78
C GLY A 152 -21.55 19.46 -23.38
N VAL A 153 -21.34 18.30 -23.99
CA VAL A 153 -20.23 17.41 -23.63
C VAL A 153 -19.28 17.18 -24.80
N TYR A 154 -19.80 17.03 -26.02
CA TYR A 154 -18.95 16.72 -27.17
C TYR A 154 -18.08 17.92 -27.57
N LEU A 155 -18.71 19.05 -27.82
CA LEU A 155 -17.96 20.22 -28.27
C LEU A 155 -17.05 20.85 -27.22
N PRO A 156 -17.38 20.93 -25.91
CA PRO A 156 -16.36 21.40 -24.96
C PRO A 156 -15.19 20.44 -24.79
N CYS A 157 -15.39 19.14 -24.98
CA CYS A 157 -14.28 18.21 -24.92
C CYS A 157 -13.43 18.25 -26.19
N LEU A 158 -14.00 18.71 -27.30
CA LEU A 158 -13.25 18.81 -28.55
C LEU A 158 -12.38 20.06 -28.59
N GLN A 159 -12.82 21.14 -27.94
CA GLN A 159 -12.08 22.39 -28.00
C GLN A 159 -10.88 22.40 -27.07
N ASN A 160 -10.93 21.64 -25.99
CA ASN A 160 -9.85 21.62 -25.00
C ASN A 160 -8.80 20.56 -25.27
N ILE A 161 -9.00 19.72 -26.29
CA ILE A 161 -7.99 18.72 -26.66
C ILE A 161 -7.07 19.26 -27.74
N PHE A 162 -7.63 19.93 -28.75
CA PHE A 162 -6.80 20.52 -29.81
C PHE A 162 -6.02 21.70 -29.26
N GLY A 163 -4.71 21.72 -29.53
CA GLY A 163 -3.84 22.72 -28.94
C GLY A 163 -2.74 23.21 -29.87
N VAL A 164 -1.51 23.22 -29.36
CA VAL A 164 -0.39 23.80 -30.10
C VAL A 164 0.54 22.75 -30.70
N ILE A 165 0.48 21.50 -30.23
CA ILE A 165 1.37 20.47 -30.76
C ILE A 165 0.93 20.06 -32.16
N LEU A 166 -0.37 20.15 -32.46
CA LEU A 166 -0.87 19.84 -33.79
C LEU A 166 -0.36 20.83 -34.84
N PHE A 167 -0.11 22.07 -34.44
CA PHE A 167 0.34 23.09 -35.37
C PHE A 167 1.84 23.37 -35.28
N LEU A 168 2.41 23.46 -34.08
CA LEU A 168 3.80 23.88 -33.96
C LEU A 168 4.79 22.73 -33.98
N ARG A 169 4.40 21.53 -33.56
CA ARG A 169 5.37 20.48 -33.32
C ARG A 169 5.04 19.14 -33.93
N LEU A 170 3.90 18.98 -34.61
CA LEU A 170 3.58 17.67 -35.15
C LEU A 170 4.39 17.34 -36.39
N THR A 171 4.76 18.36 -37.18
CA THR A 171 5.62 18.12 -38.34
C THR A 171 7.02 17.70 -37.92
N TRP A 172 7.49 18.20 -36.78
CA TRP A 172 8.80 17.81 -36.26
C TRP A 172 8.78 16.42 -35.65
N VAL A 173 7.61 15.97 -35.19
CA VAL A 173 7.46 14.62 -34.65
C VAL A 173 7.35 13.59 -35.78
N VAL A 174 6.87 14.00 -36.96
CA VAL A 174 6.83 13.08 -38.09
C VAL A 174 8.17 13.06 -38.82
N GLY A 175 8.83 14.21 -38.92
CA GLY A 175 10.10 14.33 -39.62
C GLY A 175 11.23 13.56 -38.96
N THR A 176 11.49 13.87 -37.70
CA THR A 176 12.22 12.95 -36.85
C THR A 176 11.39 11.68 -36.69
N ALA A 177 12.07 10.53 -36.58
CA ALA A 177 11.50 9.20 -36.31
C ALA A 177 10.63 8.63 -37.42
N GLY A 178 10.36 9.38 -38.48
CA GLY A 178 9.66 8.85 -39.63
C GLY A 178 8.19 8.57 -39.39
N VAL A 179 7.55 8.02 -40.42
CA VAL A 179 6.12 7.75 -40.36
C VAL A 179 5.83 6.54 -39.47
N LEU A 180 6.63 5.47 -39.61
CA LEU A 180 6.35 4.21 -38.95
C LEU A 180 6.54 4.26 -37.43
N GLN A 181 7.32 5.20 -36.91
CA GLN A 181 7.45 5.34 -35.46
C GLN A 181 6.64 6.49 -34.89
N ALA A 182 6.31 7.51 -35.69
CA ALA A 182 5.38 8.52 -35.21
C ALA A 182 3.95 8.02 -35.23
N PHE A 183 3.66 6.94 -35.96
CA PHE A 183 2.36 6.29 -35.87
C PHE A 183 2.22 5.55 -34.54
N ALA A 184 3.31 5.03 -34.00
CA ALA A 184 3.27 4.32 -32.74
C ALA A 184 3.29 5.25 -31.55
N ILE A 185 3.72 6.50 -31.72
CA ILE A 185 3.70 7.46 -30.62
C ILE A 185 2.27 7.94 -30.38
N VAL A 186 1.53 8.20 -31.46
CA VAL A 186 0.16 8.68 -31.33
C VAL A 186 -0.76 7.57 -30.87
N LEU A 187 -0.55 6.34 -31.39
CA LEU A 187 -1.43 5.23 -31.06
C LEU A 187 -1.26 4.77 -29.61
N ILE A 188 -0.06 4.91 -29.05
CA ILE A 188 0.17 4.58 -27.65
C ILE A 188 -0.47 5.64 -26.75
N CYS A 189 -0.32 6.92 -27.12
CA CYS A 189 -0.83 7.99 -26.28
C CYS A 189 -2.34 8.12 -26.37
N CYS A 190 -2.93 7.77 -27.52
CA CYS A 190 -4.39 7.88 -27.64
C CYS A 190 -5.11 6.72 -26.98
N CYS A 191 -4.52 5.52 -26.98
CA CYS A 191 -5.15 4.42 -26.28
C CYS A 191 -4.93 4.49 -24.78
N CYS A 192 -3.96 5.28 -24.33
CA CYS A 192 -3.80 5.53 -22.89
C CYS A 192 -4.95 6.36 -22.33
N THR A 193 -5.35 7.40 -23.06
CA THR A 193 -6.42 8.28 -22.61
C THR A 193 -7.79 7.82 -23.06
N MET A 194 -7.87 6.79 -23.90
CA MET A 194 -9.17 6.18 -24.22
C MET A 194 -9.62 5.27 -23.08
N LEU A 195 -8.70 4.47 -22.53
CA LEU A 195 -9.03 3.57 -21.44
C LEU A 195 -9.32 4.32 -20.14
N THR A 196 -8.81 5.55 -20.00
CA THR A 196 -9.18 6.38 -18.87
C THR A 196 -10.57 6.97 -19.05
N ALA A 197 -11.00 7.19 -20.28
CA ALA A 197 -12.34 7.69 -20.54
C ALA A 197 -13.42 6.64 -20.35
N ILE A 198 -13.07 5.36 -20.24
CA ILE A 198 -14.04 4.35 -19.88
C ILE A 198 -14.20 4.28 -18.37
N SER A 199 -13.09 4.41 -17.63
CA SER A 199 -13.17 4.51 -16.18
C SER A 199 -13.82 5.81 -15.73
N MET A 200 -13.60 6.90 -16.48
CA MET A 200 -14.27 8.16 -16.17
C MET A 200 -15.75 8.09 -16.51
N SER A 201 -16.13 7.25 -17.47
CA SER A 201 -17.53 7.08 -17.81
C SER A 201 -18.26 6.19 -16.83
N ALA A 202 -17.56 5.21 -16.23
CA ALA A 202 -18.17 4.38 -15.21
C ALA A 202 -18.40 5.13 -13.91
N ILE A 203 -17.68 6.24 -13.69
CA ILE A 203 -17.90 7.08 -12.52
C ILE A 203 -19.21 7.86 -12.68
N ALA A 204 -19.46 8.38 -13.88
CA ALA A 204 -20.63 9.23 -14.09
C ALA A 204 -21.94 8.45 -14.07
N THR A 205 -21.91 7.14 -14.30
CA THR A 205 -23.10 6.31 -14.29
C THR A 205 -23.16 5.43 -13.04
N ASN A 206 -22.69 5.94 -11.91
CA ASN A 206 -22.77 5.23 -10.65
C ASN A 206 -23.66 5.94 -9.65
N GLY A 207 -23.38 7.21 -9.35
CA GLY A 207 -24.14 7.93 -8.36
C GLY A 207 -25.35 8.62 -8.93
N VAL A 208 -25.49 9.91 -8.64
CA VAL A 208 -26.65 10.67 -9.08
C VAL A 208 -26.13 11.94 -9.78
N VAL A 209 -24.86 11.88 -10.18
CA VAL A 209 -24.08 12.88 -10.94
C VAL A 209 -24.27 14.30 -10.41
N PRO A 210 -23.57 14.67 -9.34
CA PRO A 210 -23.68 16.01 -8.78
C PRO A 210 -23.22 17.09 -9.73
N ALA A 211 -23.60 18.32 -9.43
CA ALA A 211 -23.44 19.44 -10.35
C ALA A 211 -22.36 20.38 -9.85
N GLY A 212 -21.11 20.03 -10.12
CA GLY A 212 -20.02 20.93 -9.81
C GLY A 212 -18.85 20.89 -10.76
N GLY A 213 -18.92 20.05 -11.78
CA GLY A 213 -17.80 19.79 -12.65
C GLY A 213 -17.19 18.43 -12.40
N SER A 214 -15.89 18.33 -12.71
CA SER A 214 -15.20 17.05 -12.64
C SER A 214 -14.65 16.74 -11.26
N TYR A 215 -14.41 17.76 -10.43
CA TYR A 215 -13.90 17.50 -9.09
C TYR A 215 -14.98 16.94 -8.19
N PHE A 216 -16.20 17.49 -8.29
CA PHE A 216 -17.29 17.01 -7.45
C PHE A 216 -17.84 15.68 -7.92
N MET A 217 -17.62 15.31 -9.18
CA MET A 217 -18.11 14.03 -9.66
C MET A 217 -17.20 12.88 -9.25
N ILE A 218 -15.91 13.16 -9.04
CA ILE A 218 -14.97 12.13 -8.61
C ILE A 218 -14.94 12.01 -7.09
N SER A 219 -15.02 13.13 -6.38
CA SER A 219 -14.93 13.14 -4.92
C SER A 219 -16.16 12.57 -4.24
N ARG A 220 -17.22 12.26 -4.97
CA ARG A 220 -18.37 11.58 -4.39
C ARG A 220 -18.47 10.12 -4.81
N ALA A 221 -17.97 9.77 -5.98
CA ALA A 221 -17.99 8.37 -6.41
C ALA A 221 -16.83 7.59 -5.81
N LEU A 222 -15.63 8.17 -5.84
CA LEU A 222 -14.46 7.58 -5.20
C LEU A 222 -14.29 8.01 -3.76
N GLY A 223 -15.27 8.75 -3.22
CA GLY A 223 -15.21 9.25 -1.87
C GLY A 223 -14.17 10.34 -1.72
N PRO A 224 -13.84 10.70 -0.49
CA PRO A 224 -12.68 11.58 -0.27
C PRO A 224 -11.39 10.78 -0.39
N GLU A 225 -10.25 11.46 -0.25
CA GLU A 225 -8.87 10.97 -0.28
C GLU A 225 -8.43 10.61 -1.70
N PHE A 226 -9.38 10.57 -2.63
CA PHE A 226 -9.11 10.60 -4.05
C PHE A 226 -9.69 11.86 -4.69
N GLY A 227 -10.25 12.76 -3.89
CA GLY A 227 -10.54 14.10 -4.34
C GLY A 227 -9.24 14.87 -4.34
N GLY A 228 -8.58 14.93 -3.18
CA GLY A 228 -7.17 15.25 -3.17
C GLY A 228 -6.37 14.11 -3.77
N ALA A 229 -5.19 14.46 -4.29
CA ALA A 229 -4.23 13.64 -5.05
C ALA A 229 -4.73 13.31 -6.46
N VAL A 230 -5.97 13.66 -6.78
CA VAL A 230 -6.45 13.77 -8.14
C VAL A 230 -6.76 15.22 -8.49
N GLY A 231 -7.44 15.93 -7.58
CA GLY A 231 -7.70 17.33 -7.79
C GLY A 231 -6.47 18.20 -7.61
N LEU A 232 -5.49 17.73 -6.84
CA LEU A 232 -4.25 18.47 -6.70
C LEU A 232 -3.24 18.14 -7.79
N CYS A 233 -3.28 16.94 -8.35
CA CYS A 233 -2.50 16.64 -9.54
C CYS A 233 -3.13 17.21 -10.80
N PHE A 234 -4.43 17.50 -10.77
CA PHE A 234 -5.07 18.19 -11.88
C PHE A 234 -4.86 19.70 -11.80
N TYR A 235 -4.72 20.24 -10.60
CA TYR A 235 -4.49 21.67 -10.46
C TYR A 235 -3.08 22.06 -10.90
N LEU A 236 -2.09 21.21 -10.58
CA LEU A 236 -0.74 21.48 -11.04
C LEU A 236 -0.58 21.19 -12.51
N GLY A 237 -1.40 20.30 -13.06
CA GLY A 237 -1.30 19.98 -14.48
C GLY A 237 -1.80 21.08 -15.38
N THR A 238 -2.87 21.76 -14.97
CA THR A 238 -3.40 22.87 -15.77
C THR A 238 -2.73 24.19 -15.46
N THR A 239 -2.00 24.30 -14.35
CA THR A 239 -1.22 25.51 -14.09
C THR A 239 0.01 25.55 -14.97
N PHE A 240 0.66 24.41 -15.17
CA PHE A 240 1.78 24.34 -16.09
C PHE A 240 1.32 24.24 -17.54
N ALA A 241 0.06 23.92 -17.78
CA ALA A 241 -0.49 24.02 -19.13
C ALA A 241 -0.72 25.46 -19.52
N ALA A 242 -1.01 26.34 -18.55
CA ALA A 242 -1.19 27.75 -18.86
C ALA A 242 0.14 28.43 -19.14
N ALA A 243 1.24 27.91 -18.61
CA ALA A 243 2.56 28.41 -18.96
C ALA A 243 3.06 27.84 -20.28
N MET A 244 2.39 26.83 -20.83
CA MET A 244 2.79 26.21 -22.06
C MET A 244 2.14 26.86 -23.26
N TYR A 245 0.87 27.25 -23.14
CA TYR A 245 0.21 27.99 -24.21
C TYR A 245 0.76 29.41 -24.32
N ILE A 246 1.14 30.02 -23.20
CA ILE A 246 1.71 31.36 -23.26
C ILE A 246 3.09 31.33 -23.89
N LEU A 247 3.89 30.31 -23.56
CA LEU A 247 5.16 30.12 -24.25
C LEU A 247 4.96 29.71 -25.71
N GLY A 248 3.86 29.02 -26.00
CA GLY A 248 3.55 28.71 -27.38
C GLY A 248 3.09 29.91 -28.17
N ALA A 249 2.45 30.88 -27.52
CA ALA A 249 1.92 32.04 -28.22
C ALA A 249 3.01 33.07 -28.53
N ILE A 250 4.03 33.17 -27.68
CA ILE A 250 5.13 34.09 -27.94
C ILE A 250 5.98 33.58 -29.09
N GLU A 251 6.07 32.26 -29.26
CA GLU A 251 6.83 31.68 -30.37
C GLU A 251 6.16 31.97 -31.71
N ILE A 252 4.83 31.98 -31.75
CA ILE A 252 4.11 32.41 -32.96
C ILE A 252 4.15 33.91 -33.13
N PHE A 253 4.56 34.65 -32.10
CA PHE A 253 4.69 36.10 -32.19
C PHE A 253 6.09 36.52 -32.62
N LEU A 254 7.13 35.97 -31.98
CA LEU A 254 8.48 36.39 -32.27
C LEU A 254 8.98 35.83 -33.60
N VAL A 255 8.57 34.62 -33.93
CA VAL A 255 8.75 34.07 -35.26
C VAL A 255 7.40 34.19 -35.96
N TYR A 256 7.43 34.17 -37.30
CA TYR A 256 6.27 34.09 -38.19
C TYR A 256 5.33 35.30 -38.21
N ILE A 257 5.52 36.28 -37.32
CA ILE A 257 4.71 37.48 -37.37
C ILE A 257 5.61 38.71 -37.46
N VAL A 258 6.43 38.92 -36.43
CA VAL A 258 7.35 40.05 -36.39
C VAL A 258 8.72 39.60 -35.88
N PRO A 259 9.59 39.09 -36.75
CA PRO A 259 10.99 38.82 -36.37
C PRO A 259 11.87 40.07 -36.40
N ARG A 260 11.36 41.16 -35.82
CA ARG A 260 12.04 42.44 -35.76
C ARG A 260 11.93 43.09 -34.40
N ALA A 261 11.01 42.67 -33.55
CA ALA A 261 10.77 43.26 -32.23
C ALA A 261 11.35 42.40 -31.12
N ALA A 262 12.51 41.77 -31.36
CA ALA A 262 13.21 41.09 -30.28
C ALA A 262 13.93 42.12 -29.41
N ILE A 263 14.33 41.67 -28.22
CA ILE A 263 15.00 42.52 -27.26
C ILE A 263 16.47 42.16 -27.12
N PHE A 264 16.79 40.87 -27.17
CA PHE A 264 18.14 40.40 -26.89
C PHE A 264 18.77 39.83 -28.16
N HIS A 265 18.63 40.54 -29.27
CA HIS A 265 19.20 40.11 -30.55
C HIS A 265 20.71 40.28 -30.49
N SER A 266 21.37 39.26 -29.95
CA SER A 266 22.83 39.30 -29.86
C SER A 266 23.44 39.06 -31.24
N ASP A 267 24.75 39.32 -31.32
CA ASP A 267 25.48 39.15 -32.57
C ASP A 267 25.54 37.67 -32.96
N ASP A 268 25.70 37.44 -34.27
CA ASP A 268 25.71 36.09 -34.82
C ASP A 268 26.98 35.37 -34.38
N ALA A 269 26.82 34.41 -33.47
CA ALA A 269 27.95 33.71 -32.90
C ALA A 269 27.52 32.28 -32.60
N LEU A 270 28.32 31.58 -31.80
CA LEU A 270 28.06 30.18 -31.48
C LEU A 270 26.87 30.00 -30.54
N LYS A 271 26.45 31.05 -29.85
CA LYS A 271 25.23 30.99 -29.04
C LYS A 271 24.19 31.94 -29.61
N GLU A 272 23.03 31.38 -29.97
CA GLU A 272 21.85 32.17 -30.28
C GLU A 272 20.58 31.62 -29.65
N SER A 273 20.54 30.34 -29.28
CA SER A 273 19.38 29.82 -28.56
C SER A 273 19.30 30.40 -27.16
N ALA A 274 20.45 30.71 -26.55
CA ALA A 274 20.43 31.42 -25.27
C ALA A 274 19.99 32.87 -25.43
N ALA A 275 20.17 33.46 -26.62
CA ALA A 275 19.60 34.77 -26.90
C ALA A 275 18.13 34.69 -27.29
N MET A 276 17.62 33.50 -27.60
CA MET A 276 16.21 33.31 -27.87
C MET A 276 15.42 33.03 -26.60
N LEU A 277 16.03 32.38 -25.60
CA LEU A 277 15.33 32.09 -24.36
C LEU A 277 15.18 33.33 -23.49
N ASN A 278 15.96 34.38 -23.73
CA ASN A 278 15.77 35.62 -22.99
C ASN A 278 14.65 36.47 -23.57
N ASN A 279 14.32 36.30 -24.84
CA ASN A 279 13.19 37.03 -25.39
C ASN A 279 11.86 36.41 -24.98
N MET A 280 11.84 35.10 -24.71
CA MET A 280 10.63 34.46 -24.23
C MET A 280 10.35 34.76 -22.77
N ARG A 281 11.37 35.16 -22.01
CA ARG A 281 11.16 35.47 -20.59
C ARG A 281 10.56 36.85 -20.40
N VAL A 282 11.05 37.84 -21.14
CA VAL A 282 10.60 39.21 -20.90
C VAL A 282 9.26 39.48 -21.61
N TYR A 283 8.99 38.79 -22.72
CA TYR A 283 7.67 38.88 -23.34
C TYR A 283 6.67 37.91 -22.75
N GLY A 284 7.14 36.85 -22.10
CA GLY A 284 6.25 35.89 -21.49
C GLY A 284 5.62 36.39 -20.21
N THR A 285 6.42 37.03 -19.36
CA THR A 285 5.88 37.57 -18.12
C THR A 285 5.01 38.80 -18.38
N ALA A 286 5.30 39.56 -19.42
CA ALA A 286 4.43 40.67 -19.80
C ALA A 286 3.14 40.19 -20.46
N PHE A 287 3.10 38.94 -20.91
CA PHE A 287 1.90 38.35 -21.48
C PHE A 287 1.09 37.58 -20.44
N LEU A 288 1.74 37.10 -19.38
CA LEU A 288 1.01 36.44 -18.30
C LEU A 288 0.26 37.47 -17.46
N VAL A 289 0.90 38.61 -17.17
CA VAL A 289 0.30 39.64 -16.34
C VAL A 289 -0.85 40.35 -17.03
N LEU A 290 -0.99 40.21 -18.34
CA LEU A 290 -2.13 40.78 -19.04
C LEU A 290 -3.31 39.83 -19.12
N MET A 291 -3.07 38.52 -19.14
CA MET A 291 -4.16 37.57 -19.16
C MET A 291 -4.73 37.33 -17.77
N VAL A 292 -3.92 37.50 -16.73
CA VAL A 292 -4.44 37.46 -15.36
C VAL A 292 -5.37 38.63 -15.10
N LEU A 293 -5.03 39.80 -15.65
CA LEU A 293 -5.88 40.97 -15.53
C LEU A 293 -7.20 40.83 -16.29
N VAL A 294 -7.24 39.98 -17.32
CA VAL A 294 -8.49 39.76 -18.05
C VAL A 294 -9.44 38.92 -17.20
N VAL A 295 -8.93 37.85 -16.59
CA VAL A 295 -9.77 36.91 -15.83
C VAL A 295 -10.30 37.59 -14.57
N PHE A 296 -9.49 38.44 -13.94
CA PHE A 296 -9.90 39.14 -12.73
C PHE A 296 -10.96 40.20 -13.00
N ILE A 297 -11.06 40.69 -14.23
CA ILE A 297 -11.98 41.76 -14.59
C ILE A 297 -13.10 41.26 -15.50
N GLY A 298 -12.74 40.63 -16.62
CA GLY A 298 -13.70 40.34 -17.66
C GLY A 298 -13.97 38.87 -17.90
N VAL A 299 -14.17 38.10 -16.83
CA VAL A 299 -14.39 36.67 -16.95
C VAL A 299 -15.75 36.36 -17.60
N ARG A 300 -16.68 37.31 -17.60
CA ARG A 300 -17.92 37.14 -18.34
C ARG A 300 -17.71 37.33 -19.84
N TYR A 301 -16.62 37.98 -20.24
CA TYR A 301 -16.34 38.21 -21.65
C TYR A 301 -15.43 37.14 -22.25
N VAL A 302 -14.70 36.41 -21.41
CA VAL A 302 -13.97 35.24 -21.92
C VAL A 302 -14.92 34.05 -22.01
N ASN A 303 -16.07 34.11 -21.37
CA ASN A 303 -17.07 33.05 -21.44
C ASN A 303 -17.98 33.19 -22.64
N LYS A 304 -18.29 34.42 -23.07
CA LYS A 304 -19.13 34.61 -24.23
C LYS A 304 -18.39 34.33 -25.53
N PHE A 305 -17.07 34.51 -25.54
CA PHE A 305 -16.27 34.33 -26.74
C PHE A 305 -15.73 32.91 -26.88
N ALA A 306 -16.38 31.93 -26.25
CA ALA A 306 -15.90 30.56 -26.35
C ALA A 306 -16.18 29.96 -27.72
N SER A 307 -17.26 30.41 -28.37
CA SER A 307 -17.55 29.93 -29.72
C SER A 307 -16.66 30.58 -30.77
N LEU A 308 -16.05 31.72 -30.46
CA LEU A 308 -15.15 32.35 -31.41
C LEU A 308 -13.80 31.64 -31.44
N PHE A 309 -13.34 31.14 -30.30
CA PHE A 309 -12.10 30.37 -30.28
C PHE A 309 -12.28 28.99 -30.90
N LEU A 310 -13.49 28.45 -30.85
CA LEU A 310 -13.74 27.15 -31.47
C LEU A 310 -13.74 27.25 -33.00
N ALA A 311 -14.17 28.39 -33.53
CA ALA A 311 -14.17 28.56 -34.98
C ALA A 311 -12.77 28.73 -35.55
N CYS A 312 -11.80 29.16 -34.74
CA CYS A 312 -10.43 29.29 -35.20
C CYS A 312 -9.70 27.95 -35.28
N VAL A 313 -10.20 26.92 -34.63
CA VAL A 313 -9.57 25.60 -34.69
C VAL A 313 -10.16 24.75 -35.80
N ILE A 314 -11.47 24.86 -36.04
CA ILE A 314 -12.13 24.01 -37.01
C ILE A 314 -11.76 24.42 -38.44
N VAL A 315 -11.70 25.74 -38.71
CA VAL A 315 -11.30 26.17 -40.05
C VAL A 315 -9.82 26.03 -40.30
N SER A 316 -9.02 25.78 -39.27
CA SER A 316 -7.60 25.55 -39.48
C SER A 316 -7.31 24.10 -39.81
N ILE A 317 -8.06 23.16 -39.23
CA ILE A 317 -7.89 21.76 -39.57
C ILE A 317 -8.43 21.48 -40.97
N LEU A 318 -9.50 22.16 -41.37
CA LEU A 318 -10.03 21.99 -42.72
C LEU A 318 -9.14 22.65 -43.76
N ALA A 319 -8.40 23.69 -43.37
CA ALA A 319 -7.44 24.30 -44.30
C ALA A 319 -6.24 23.40 -44.56
N ILE A 320 -5.93 22.48 -43.66
CA ILE A 320 -4.82 21.55 -43.88
C ILE A 320 -5.27 20.41 -44.78
N TYR A 321 -6.48 19.89 -44.56
CA TYR A 321 -7.00 18.83 -45.41
C TYR A 321 -7.34 19.31 -46.81
N ALA A 322 -7.61 20.61 -46.97
CA ALA A 322 -7.88 21.15 -48.31
C ALA A 322 -6.62 21.14 -49.15
N GLY A 323 -5.50 21.62 -48.59
CA GLY A 323 -4.26 21.72 -49.35
C GLY A 323 -3.57 20.39 -49.56
N ALA A 324 -3.84 19.39 -48.73
CA ALA A 324 -3.21 18.09 -48.92
C ALA A 324 -3.91 17.27 -49.99
N ILE A 325 -5.06 17.70 -50.50
CA ILE A 325 -5.72 17.05 -51.61
C ILE A 325 -5.45 17.88 -52.85
N LYS A 326 -5.27 19.19 -52.66
CA LYS A 326 -4.86 20.06 -53.75
C LYS A 326 -3.47 19.71 -54.25
N SER A 327 -2.58 19.28 -53.36
CA SER A 327 -1.20 18.99 -53.72
C SER A 327 -1.06 17.76 -54.61
N SER A 328 -2.10 16.94 -54.74
CA SER A 328 -2.07 15.85 -55.71
C SER A 328 -2.27 16.36 -57.13
N PHE A 329 -2.77 17.58 -57.30
CA PHE A 329 -2.95 18.17 -58.61
C PHE A 329 -2.07 19.39 -58.86
N ALA A 330 -1.76 20.16 -57.82
CA ALA A 330 -1.00 21.40 -57.99
C ALA A 330 -0.24 21.70 -56.70
N PRO A 331 1.06 21.41 -56.65
CA PRO A 331 1.84 21.71 -55.45
C PRO A 331 2.07 23.22 -55.32
N PRO A 332 2.27 23.71 -54.10
CA PRO A 332 2.34 25.16 -53.88
C PRO A 332 3.65 25.82 -54.23
N HIS A 333 4.68 25.06 -54.62
CA HIS A 333 5.98 25.55 -55.10
C HIS A 333 6.69 26.41 -54.04
N PHE A 334 7.13 25.73 -52.98
CA PHE A 334 8.04 26.34 -52.01
C PHE A 334 9.44 25.78 -52.22
N PRO A 335 10.39 26.55 -52.72
CA PRO A 335 11.72 26.02 -53.01
C PRO A 335 12.66 26.06 -51.81
N VAL A 336 13.68 25.22 -51.87
CA VAL A 336 14.70 25.13 -50.83
C VAL A 336 16.06 24.91 -51.49
N CYS A 337 17.07 25.61 -51.00
CA CYS A 337 18.40 25.57 -51.58
C CYS A 337 19.23 24.48 -50.93
N MET A 338 19.90 23.69 -51.77
CA MET A 338 20.79 22.62 -51.31
C MET A 338 22.16 22.79 -51.92
N LEU A 339 23.19 22.62 -51.10
CA LEU A 339 24.57 22.56 -51.59
C LEU A 339 24.94 21.16 -52.04
N GLY A 340 24.00 20.23 -51.98
CA GLY A 340 24.24 18.84 -52.36
C GLY A 340 24.54 18.05 -51.11
N ASN A 341 23.54 17.28 -50.64
CA ASN A 341 23.60 16.51 -49.40
C ASN A 341 23.90 17.43 -48.21
N ARG A 342 23.35 18.63 -48.26
CA ARG A 342 23.39 19.62 -47.17
C ARG A 342 22.32 20.65 -47.45
N THR A 343 21.56 21.00 -46.41
CA THR A 343 20.42 21.91 -46.55
C THR A 343 20.81 23.28 -46.00
N LEU A 344 20.56 24.32 -46.79
CA LEU A 344 20.97 25.67 -46.46
C LEU A 344 19.80 26.48 -45.96
N SER A 345 20.10 27.47 -45.11
CA SER A 345 19.08 28.38 -44.61
C SER A 345 18.66 29.33 -45.72
N SER A 346 17.38 29.29 -46.09
CA SER A 346 16.92 30.00 -47.27
C SER A 346 16.78 31.51 -47.04
N ARG A 347 16.80 31.96 -45.79
CA ARG A 347 16.79 33.40 -45.55
C ARG A 347 18.19 33.96 -45.78
N HIS A 348 18.27 35.29 -45.82
CA HIS A 348 19.45 36.12 -46.08
C HIS A 348 20.04 35.92 -47.47
N ILE A 349 19.42 35.12 -48.35
CA ILE A 349 19.89 34.94 -49.71
C ILE A 349 18.76 35.34 -50.66
N ASP A 350 19.13 35.55 -51.92
CA ASP A 350 18.18 35.95 -52.95
C ASP A 350 18.06 34.94 -54.07
N VAL A 351 19.18 34.53 -54.67
CA VAL A 351 19.15 33.55 -55.75
C VAL A 351 19.82 32.27 -55.26
N CYS A 352 19.57 31.19 -55.99
CA CYS A 352 19.97 29.85 -55.60
C CYS A 352 20.88 29.22 -56.66
N SER A 353 21.79 30.01 -57.22
CA SER A 353 22.67 29.47 -58.25
C SER A 353 24.11 29.97 -58.18
N LYS A 354 24.46 30.79 -57.18
CA LYS A 354 25.80 31.34 -56.89
C LYS A 354 26.43 32.12 -58.05
N THR A 355 25.65 32.48 -59.07
CA THR A 355 26.16 33.30 -60.18
C THR A 355 25.60 34.71 -60.17
N LYS A 356 24.28 34.87 -60.08
CA LYS A 356 23.58 36.16 -59.97
C LYS A 356 23.90 37.09 -61.14
N GLU A 357 23.45 36.69 -62.32
CA GLU A 357 23.66 37.51 -63.50
C GLU A 357 22.69 38.69 -63.49
N ILE A 358 23.23 39.88 -63.69
CA ILE A 358 22.37 41.06 -63.76
C ILE A 358 22.09 41.35 -65.22
N ASN A 359 23.12 41.74 -65.97
CA ASN A 359 23.13 41.65 -67.43
C ASN A 359 24.60 41.59 -67.86
N ASN A 360 25.11 40.36 -68.04
CA ASN A 360 26.42 40.11 -68.63
C ASN A 360 27.53 40.77 -67.80
N MET A 361 27.29 40.80 -66.49
CA MET A 361 28.18 41.31 -65.45
C MET A 361 28.07 40.28 -64.33
N THR A 362 28.95 39.27 -64.34
CA THR A 362 28.76 38.10 -63.48
C THR A 362 29.40 38.34 -62.11
N VAL A 363 28.80 39.27 -61.39
CA VAL A 363 29.17 39.49 -59.98
C VAL A 363 28.59 38.35 -59.15
N PRO A 364 29.41 37.65 -58.35
CA PRO A 364 28.90 36.54 -57.56
C PRO A 364 27.93 36.98 -56.47
N SER A 365 27.04 36.06 -56.09
CA SER A 365 25.87 36.38 -55.29
C SER A 365 26.20 36.51 -53.81
N LYS A 366 25.16 36.65 -52.98
CA LYS A 366 25.32 36.62 -51.54
C LYS A 366 25.74 35.24 -51.03
N LEU A 367 25.43 34.18 -51.78
CA LEU A 367 25.83 32.85 -51.38
C LEU A 367 27.33 32.65 -51.51
N TRP A 368 27.96 33.32 -52.48
CA TRP A 368 29.42 33.28 -52.59
C TRP A 368 30.07 34.02 -51.43
N GLY A 369 29.44 35.08 -50.93
CA GLY A 369 30.04 35.88 -49.86
C GLY A 369 30.05 35.21 -48.51
N PHE A 370 29.21 34.20 -48.29
CA PHE A 370 29.17 33.53 -47.00
C PHE A 370 30.24 32.46 -46.90
N PHE A 371 30.49 31.73 -47.98
CA PHE A 371 31.46 30.65 -47.94
C PHE A 371 32.87 31.12 -48.30
N CYS A 372 33.00 32.16 -49.11
CA CYS A 372 34.29 32.70 -49.47
C CYS A 372 34.54 33.93 -48.62
N ASN A 373 35.58 34.70 -48.93
CA ASN A 373 35.81 35.94 -48.22
C ASN A 373 34.84 37.03 -48.67
N SER A 374 34.90 37.42 -49.94
CA SER A 374 34.06 38.49 -50.44
C SER A 374 33.87 38.32 -51.94
N SER A 375 33.26 39.32 -52.55
CA SER A 375 32.90 39.29 -53.95
C SER A 375 34.10 39.58 -54.85
N GLN A 376 33.85 39.61 -56.16
CA GLN A 376 34.80 40.00 -57.21
C GLN A 376 36.05 39.11 -57.22
N PHE A 377 35.95 37.87 -56.75
CA PHE A 377 37.12 37.03 -56.54
C PHE A 377 36.89 35.62 -57.07
N PHE A 378 36.51 35.54 -58.34
CA PHE A 378 36.38 34.27 -59.06
C PHE A 378 37.67 33.47 -59.22
N ASN A 379 38.82 34.01 -58.77
CA ASN A 379 40.09 33.32 -58.83
C ASN A 379 40.10 32.03 -58.02
N ALA A 380 40.00 32.17 -56.69
CA ALA A 380 40.38 31.11 -55.77
C ALA A 380 39.73 31.36 -54.41
N THR A 381 40.29 30.74 -53.38
CA THR A 381 40.28 30.96 -51.91
C THR A 381 39.01 30.48 -51.19
N CYS A 382 38.03 29.93 -51.89
CA CYS A 382 36.84 29.44 -51.23
C CYS A 382 37.10 28.10 -50.57
N ASP A 383 36.09 27.58 -49.87
CA ASP A 383 36.23 26.42 -49.01
C ASP A 383 36.28 25.13 -49.82
N GLU A 384 36.50 24.02 -49.12
CA GLU A 384 36.67 22.73 -49.79
C GLU A 384 35.36 22.13 -50.24
N TYR A 385 34.30 22.23 -49.42
CA TYR A 385 33.00 21.69 -49.81
C TYR A 385 32.32 22.55 -50.86
N PHE A 386 32.72 23.82 -50.98
CA PHE A 386 32.03 24.73 -51.89
C PHE A 386 32.52 24.61 -53.32
N VAL A 387 33.79 24.23 -53.55
CA VAL A 387 34.30 24.19 -54.91
C VAL A 387 33.78 22.96 -55.66
N HIS A 388 33.58 21.85 -54.96
CA HIS A 388 32.82 20.74 -55.51
C HIS A 388 31.37 20.92 -55.05
N ASN A 389 30.52 19.92 -55.31
CA ASN A 389 29.17 19.81 -54.73
C ASN A 389 28.30 21.02 -55.12
N ASN A 390 27.88 21.02 -56.39
CA ASN A 390 27.14 22.12 -57.02
C ASN A 390 25.90 22.58 -56.24
N VAL A 391 25.47 23.82 -56.46
CA VAL A 391 24.28 24.35 -55.80
C VAL A 391 23.05 24.01 -56.63
N THR A 392 22.07 23.37 -56.01
CA THR A 392 20.85 23.00 -56.71
C THR A 392 19.62 23.50 -55.98
N SER A 393 18.43 23.10 -56.43
CA SER A 393 17.18 23.56 -55.84
C SER A 393 16.11 22.53 -56.07
N ILE A 394 15.58 21.96 -54.98
CA ILE A 394 14.58 20.91 -55.06
C ILE A 394 13.26 21.45 -54.53
N GLN A 395 12.21 20.64 -54.66
CA GLN A 395 10.87 21.03 -54.24
C GLN A 395 10.66 20.76 -52.77
N GLY A 396 10.07 21.73 -52.07
CA GLY A 396 9.78 21.56 -50.67
C GLY A 396 8.52 20.76 -50.42
N ILE A 397 7.50 20.97 -51.25
CA ILE A 397 6.27 20.21 -51.21
C ILE A 397 6.06 19.58 -52.58
N PRO A 398 6.47 18.33 -52.77
CA PRO A 398 6.17 17.65 -54.05
C PRO A 398 4.72 17.26 -54.17
N GLY A 399 4.03 17.03 -53.07
CA GLY A 399 2.62 16.72 -53.09
C GLY A 399 2.36 15.24 -52.86
N LEU A 400 1.06 14.92 -52.77
CA LEU A 400 0.62 13.55 -52.56
C LEU A 400 0.81 12.67 -53.78
N ALA A 401 1.07 13.26 -54.95
CA ALA A 401 1.18 12.47 -56.17
C ALA A 401 2.49 11.68 -56.20
N SER A 402 3.61 12.37 -56.12
CA SER A 402 4.91 11.72 -56.17
C SER A 402 5.19 11.01 -54.85
N GLY A 403 5.60 9.75 -54.94
CA GLY A 403 5.75 8.91 -53.76
C GLY A 403 6.95 9.25 -52.90
N ILE A 404 6.91 10.40 -52.23
CA ILE A 404 7.96 10.75 -51.28
C ILE A 404 7.78 10.04 -49.94
N ILE A 405 6.69 9.28 -49.77
CA ILE A 405 6.45 8.56 -48.52
C ILE A 405 7.46 7.44 -48.32
N THR A 406 8.10 6.95 -49.39
CA THR A 406 9.11 5.91 -49.26
C THR A 406 10.42 6.40 -48.67
N GLU A 407 10.62 7.71 -48.59
CA GLU A 407 11.82 8.27 -47.97
C GLU A 407 11.58 8.73 -46.54
N ASN A 408 10.32 8.81 -46.09
CA ASN A 408 9.99 9.31 -44.77
C ASN A 408 9.45 8.23 -43.85
N LEU A 409 9.68 6.96 -44.18
CA LEU A 409 9.20 5.87 -43.35
C LEU A 409 10.14 5.54 -42.20
N TRP A 410 11.34 6.10 -42.18
CA TRP A 410 12.37 5.62 -41.27
C TRP A 410 12.90 6.75 -40.40
N SER A 411 13.64 6.36 -39.37
CA SER A 411 14.04 7.25 -38.30
C SER A 411 15.21 8.15 -38.69
N ASN A 412 15.30 9.30 -38.02
CA ASN A 412 16.35 10.27 -38.26
C ASN A 412 16.83 10.89 -36.96
N TYR A 413 17.09 10.06 -35.95
CA TYR A 413 17.61 10.57 -34.69
C TYR A 413 19.07 10.96 -34.86
N LEU A 414 19.39 12.20 -34.52
CA LEU A 414 20.73 12.75 -34.67
C LEU A 414 21.08 13.55 -33.43
N PRO A 415 22.37 13.67 -33.10
CA PRO A 415 22.76 14.52 -31.97
C PRO A 415 22.60 16.00 -32.28
N LYS A 416 22.78 16.80 -31.24
CA LYS A 416 22.62 18.25 -31.37
C LYS A 416 23.84 18.85 -32.07
N GLY A 417 23.58 19.67 -33.08
CA GLY A 417 24.63 20.32 -33.83
C GLY A 417 25.01 19.68 -35.13
N GLU A 418 24.29 18.63 -35.56
CA GLU A 418 24.57 18.01 -36.84
C GLU A 418 23.87 18.78 -37.96
N ILE A 419 24.20 18.41 -39.20
CA ILE A 419 23.65 19.07 -40.38
C ILE A 419 22.50 18.24 -40.92
N ILE A 420 21.38 18.89 -41.21
CA ILE A 420 20.23 18.21 -41.80
C ILE A 420 20.53 17.98 -43.28
N GLU A 421 20.56 16.71 -43.68
CA GLU A 421 20.90 16.35 -45.05
C GLU A 421 19.96 15.25 -45.51
N LYS A 422 19.82 15.14 -46.83
CA LYS A 422 18.91 14.16 -47.37
C LYS A 422 19.65 13.08 -48.15
N PRO A 423 19.12 11.86 -48.21
CA PRO A 423 19.59 10.88 -49.19
C PRO A 423 19.02 11.20 -50.56
N SER A 424 19.43 10.40 -51.55
CA SER A 424 19.14 10.62 -52.97
C SER A 424 19.58 12.01 -53.42
N ALA A 425 20.78 12.40 -53.00
CA ALA A 425 21.42 13.63 -53.43
C ALA A 425 22.87 13.29 -53.77
N LYS A 426 23.66 14.32 -54.07
CA LYS A 426 25.03 14.12 -54.50
C LYS A 426 26.00 14.85 -53.57
N SER A 427 27.06 14.16 -53.19
CA SER A 427 28.06 14.75 -52.31
C SER A 427 29.43 14.15 -52.58
N SER A 428 30.42 15.00 -52.84
CA SER A 428 31.76 14.51 -53.09
C SER A 428 32.21 13.71 -51.89
N ASP A 429 32.83 14.40 -50.93
CA ASP A 429 33.30 13.77 -49.71
C ASP A 429 34.29 14.67 -48.98
N VAL A 430 35.05 15.45 -49.75
CA VAL A 430 36.03 16.36 -49.18
C VAL A 430 35.42 17.13 -48.02
N LEU A 431 35.76 16.73 -46.81
CA LEU A 431 35.25 17.39 -45.61
C LEU A 431 35.38 18.90 -45.76
N GLY A 432 34.62 19.65 -44.97
CA GLY A 432 34.66 21.09 -45.06
C GLY A 432 34.69 21.76 -43.69
N SER A 433 34.34 23.04 -43.63
CA SER A 433 34.27 23.77 -42.37
C SER A 433 32.83 24.19 -42.09
N LEU A 434 32.48 24.27 -40.82
CA LEU A 434 31.13 24.63 -40.42
C LEU A 434 30.92 26.13 -40.62
N ASN A 435 29.76 26.48 -41.17
CA ASN A 435 29.41 27.83 -41.52
C ASN A 435 28.14 28.23 -40.79
N HIS A 436 27.89 29.53 -40.71
CA HIS A 436 26.64 30.03 -40.14
C HIS A 436 25.59 30.22 -41.23
N GLU A 437 25.42 29.17 -42.04
CA GLU A 437 24.40 29.16 -43.09
C GLU A 437 23.67 27.85 -43.20
N TYR A 438 24.18 26.77 -42.62
CA TYR A 438 23.47 25.50 -42.63
C TYR A 438 22.33 25.53 -41.62
N VAL A 439 21.43 24.57 -41.74
CA VAL A 439 20.40 24.34 -40.74
C VAL A 439 20.88 23.25 -39.79
N LEU A 440 20.64 23.43 -38.51
CA LEU A 440 21.25 22.60 -37.48
C LEU A 440 20.17 21.86 -36.70
N VAL A 441 20.49 20.65 -36.26
CA VAL A 441 19.62 19.92 -35.36
C VAL A 441 19.67 20.59 -34.00
N ASP A 442 18.53 21.07 -33.52
CA ASP A 442 18.53 21.97 -32.37
C ASP A 442 18.74 21.24 -31.05
N ILE A 443 18.05 20.11 -30.84
CA ILE A 443 18.19 19.33 -29.63
C ILE A 443 18.38 17.87 -30.00
N THR A 444 19.11 17.14 -29.15
CA THR A 444 19.27 15.72 -29.36
C THR A 444 17.99 14.98 -28.99
N THR A 445 17.61 14.02 -29.81
CA THR A 445 16.31 13.39 -29.70
C THR A 445 16.43 11.88 -29.52
N SER A 446 15.34 11.29 -29.06
CA SER A 446 15.24 9.85 -28.85
C SER A 446 13.80 9.43 -29.11
N PHE A 447 13.46 8.19 -28.79
CA PHE A 447 12.06 7.80 -28.83
C PHE A 447 11.32 8.25 -27.59
N THR A 448 11.99 8.21 -26.43
CA THR A 448 11.36 8.57 -25.18
C THR A 448 11.19 10.07 -25.01
N LEU A 449 11.97 10.87 -25.73
CA LEU A 449 11.79 12.32 -25.64
C LEU A 449 10.55 12.77 -26.42
N LEU A 450 10.26 12.13 -27.54
CA LEU A 450 9.12 12.53 -28.36
C LEU A 450 7.79 12.12 -27.78
N VAL A 451 7.75 11.18 -26.84
CA VAL A 451 6.49 10.84 -26.19
C VAL A 451 6.08 11.95 -25.23
N GLY A 452 7.04 12.50 -24.49
CA GLY A 452 6.75 13.57 -23.56
C GLY A 452 6.43 14.90 -24.21
N ILE A 453 6.78 15.07 -25.49
CA ILE A 453 6.42 16.29 -26.21
C ILE A 453 5.05 16.16 -26.84
N PHE A 454 4.70 14.98 -27.35
CA PHE A 454 3.41 14.81 -28.00
C PHE A 454 2.27 14.65 -27.00
N PHE A 455 2.54 14.15 -25.79
CA PHE A 455 1.47 13.79 -24.86
C PHE A 455 0.54 14.93 -24.41
N PRO A 456 0.95 16.23 -24.31
CA PRO A 456 -0.06 17.28 -24.04
C PRO A 456 -1.12 17.50 -25.12
N SER A 457 -1.06 16.78 -26.24
CA SER A 457 -2.14 16.81 -27.22
C SER A 457 -3.40 16.15 -26.67
N VAL A 458 -3.27 14.90 -26.23
CA VAL A 458 -4.43 14.09 -25.88
C VAL A 458 -5.02 14.43 -24.52
N THR A 459 -4.40 15.30 -23.74
CA THR A 459 -4.95 15.67 -22.45
C THR A 459 -6.08 16.68 -22.63
N GLY A 460 -7.07 16.57 -21.76
CA GLY A 460 -8.21 17.47 -21.81
C GLY A 460 -9.53 16.75 -21.79
N ILE A 461 -9.51 15.46 -21.45
CA ILE A 461 -10.72 14.64 -21.48
C ILE A 461 -11.60 14.85 -20.27
N MET A 462 -11.13 15.57 -19.26
CA MET A 462 -11.96 15.94 -18.12
C MET A 462 -12.87 17.11 -18.41
N ALA A 463 -12.78 17.68 -19.61
CA ALA A 463 -13.66 18.75 -20.06
C ALA A 463 -14.98 18.24 -20.62
N GLY A 464 -15.22 16.93 -20.57
CA GLY A 464 -16.55 16.45 -20.88
C GLY A 464 -17.54 16.61 -19.76
N SER A 465 -17.06 16.68 -18.52
CA SER A 465 -17.91 16.70 -17.35
C SER A 465 -17.91 18.06 -16.64
N ASN A 466 -17.31 19.09 -17.23
CA ASN A 466 -17.29 20.38 -16.57
C ASN A 466 -18.55 21.20 -16.83
N ARG A 467 -19.51 20.66 -17.57
CA ARG A 467 -20.83 21.24 -17.73
C ARG A 467 -21.90 20.27 -17.23
N SER A 468 -21.62 19.59 -16.13
CA SER A 468 -22.53 18.58 -15.61
C SER A 468 -23.74 19.16 -14.90
N GLY A 469 -23.77 20.47 -14.68
CA GLY A 469 -24.91 21.10 -14.05
C GLY A 469 -26.00 21.54 -14.98
N ASP A 470 -25.83 21.37 -16.29
CA ASP A 470 -26.82 21.80 -17.26
C ASP A 470 -27.26 20.72 -18.22
N LEU A 471 -26.75 19.49 -18.10
CA LEU A 471 -27.19 18.42 -18.98
C LEU A 471 -28.54 17.91 -18.52
N LYS A 472 -29.41 17.59 -19.48
CA LYS A 472 -30.75 17.12 -19.12
C LYS A 472 -30.72 15.68 -18.65
N ASP A 473 -29.88 14.84 -19.26
CA ASP A 473 -29.68 13.46 -18.86
C ASP A 473 -28.17 13.26 -18.78
N ALA A 474 -27.59 13.58 -17.63
CA ALA A 474 -26.14 13.66 -17.50
C ALA A 474 -25.47 12.32 -17.27
N GLN A 475 -26.21 11.21 -17.34
CA GLN A 475 -25.59 9.90 -17.20
C GLN A 475 -25.51 9.12 -18.49
N LYS A 476 -26.30 9.47 -19.51
CA LYS A 476 -26.16 8.88 -20.83
C LYS A 476 -25.49 9.82 -21.82
N SER A 477 -25.26 11.07 -21.44
CA SER A 477 -24.64 12.05 -22.32
C SER A 477 -23.13 12.10 -22.13
N ILE A 478 -22.66 11.98 -20.89
CA ILE A 478 -21.23 12.08 -20.58
C ILE A 478 -20.42 10.89 -21.11
N PRO A 479 -20.84 9.61 -20.96
CA PRO A 479 -20.04 8.54 -21.60
C PRO A 479 -20.01 8.58 -23.11
N ILE A 480 -21.13 8.89 -23.77
CA ILE A 480 -21.14 8.87 -25.23
C ILE A 480 -20.58 10.15 -25.83
N GLY A 481 -20.43 11.21 -25.03
CA GLY A 481 -19.85 12.44 -25.53
C GLY A 481 -18.35 12.49 -25.37
N THR A 482 -17.84 11.85 -24.32
CA THR A 482 -16.40 11.83 -24.10
C THR A 482 -15.71 10.83 -25.02
N ILE A 483 -16.31 9.64 -25.18
CA ILE A 483 -15.69 8.59 -25.98
C ILE A 483 -15.69 8.96 -27.46
N LEU A 484 -16.78 9.58 -27.95
CA LEU A 484 -16.83 9.99 -29.35
C LEU A 484 -15.94 11.18 -29.64
N ALA A 485 -15.60 11.99 -28.64
CA ALA A 485 -14.63 13.06 -28.84
C ALA A 485 -13.19 12.55 -28.82
N ILE A 486 -12.94 11.38 -28.23
CA ILE A 486 -11.61 10.79 -28.31
C ILE A 486 -11.35 10.24 -29.70
N LEU A 487 -12.35 9.59 -30.30
CA LEU A 487 -12.20 9.03 -31.63
C LEU A 487 -12.08 10.12 -32.70
N THR A 488 -12.59 11.32 -32.43
CA THR A 488 -12.49 12.39 -33.41
C THR A 488 -11.08 12.97 -33.45
N THR A 489 -10.52 13.34 -32.29
CA THR A 489 -9.19 13.93 -32.27
C THR A 489 -8.09 12.92 -32.55
N SER A 490 -8.30 11.65 -32.19
CA SER A 490 -7.31 10.64 -32.52
C SER A 490 -7.36 10.26 -34.00
N PHE A 491 -8.44 10.60 -34.70
CA PHE A 491 -8.45 10.43 -36.16
C PHE A 491 -7.77 11.58 -36.86
N VAL A 492 -7.84 12.79 -36.30
CA VAL A 492 -7.14 13.94 -36.89
C VAL A 492 -5.64 13.80 -36.70
N TYR A 493 -5.21 13.26 -35.56
CA TYR A 493 -3.78 13.08 -35.33
C TYR A 493 -3.23 11.93 -36.14
N LEU A 494 -3.97 10.81 -36.25
CA LEU A 494 -3.44 9.64 -36.94
C LEU A 494 -3.44 9.81 -38.45
N SER A 495 -4.34 10.63 -38.98
CA SER A 495 -4.37 10.86 -40.42
C SER A 495 -3.39 11.94 -40.84
N ASN A 496 -3.08 12.89 -39.97
CA ASN A 496 -2.10 13.91 -40.31
C ASN A 496 -0.67 13.42 -40.21
N VAL A 497 -0.43 12.31 -39.52
CA VAL A 497 0.89 11.71 -39.52
C VAL A 497 1.20 11.11 -40.90
N VAL A 498 0.22 10.45 -41.51
CA VAL A 498 0.41 9.88 -42.83
C VAL A 498 0.40 10.97 -43.90
N LEU A 499 -0.44 11.99 -43.73
CA LEU A 499 -0.55 13.05 -44.73
C LEU A 499 0.52 14.13 -44.61
N PHE A 500 1.44 14.02 -43.66
CA PHE A 500 2.61 14.90 -43.64
C PHE A 500 3.85 14.21 -44.17
N GLY A 501 4.02 12.92 -43.87
CA GLY A 501 5.14 12.17 -44.41
C GLY A 501 5.00 11.81 -45.87
N ALA A 502 3.84 12.07 -46.48
CA ALA A 502 3.62 11.79 -47.88
C ALA A 502 3.38 13.04 -48.71
N CYS A 503 3.64 14.22 -48.16
CA CYS A 503 3.43 15.45 -48.92
C CYS A 503 4.61 16.40 -48.83
N ILE A 504 5.37 16.36 -47.74
CA ILE A 504 6.41 17.35 -47.47
C ILE A 504 7.77 16.67 -47.53
N GLU A 505 8.76 17.40 -48.01
CA GLU A 505 10.14 16.92 -48.10
C GLU A 505 10.70 16.66 -46.70
N GLY A 506 11.56 15.63 -46.61
CA GLY A 506 12.11 15.20 -45.34
C GLY A 506 13.02 16.21 -44.66
N VAL A 507 13.65 17.11 -45.42
CA VAL A 507 14.49 18.12 -44.79
C VAL A 507 13.70 19.35 -44.37
N VAL A 508 12.51 19.56 -44.92
CA VAL A 508 11.64 20.61 -44.43
C VAL A 508 10.96 20.16 -43.14
N LEU A 509 10.66 18.88 -43.02
CA LEU A 509 10.05 18.37 -41.80
C LEU A 509 11.03 18.33 -40.65
N ARG A 510 12.29 17.96 -40.91
CA ARG A 510 13.24 17.73 -39.83
C ARG A 510 13.92 18.99 -39.33
N ASP A 511 13.15 20.05 -39.06
CA ASP A 511 13.64 21.26 -38.41
C ASP A 511 12.44 22.07 -37.96
N LYS A 512 12.61 22.76 -36.84
CA LYS A 512 11.63 23.74 -36.42
C LYS A 512 12.01 25.11 -36.98
N PHE A 513 11.11 26.07 -36.80
CA PHE A 513 11.22 27.49 -37.15
C PHE A 513 11.28 27.76 -38.66
N GLY A 514 11.27 26.73 -39.50
CA GLY A 514 11.08 26.87 -40.94
C GLY A 514 12.15 27.67 -41.67
N ASP A 515 13.41 27.52 -41.29
CA ASP A 515 14.45 28.32 -41.90
C ASP A 515 14.84 27.84 -43.29
N ALA A 516 14.36 26.69 -43.73
CA ALA A 516 14.61 26.22 -45.09
C ALA A 516 13.54 26.66 -46.07
N VAL A 517 12.43 27.20 -45.59
CA VAL A 517 11.34 27.66 -46.44
C VAL A 517 11.04 29.14 -46.19
N LYS A 518 12.11 29.91 -45.91
CA LYS A 518 12.08 31.37 -45.78
C LYS A 518 11.28 31.84 -44.57
N GLY A 519 11.16 31.02 -43.54
CA GLY A 519 10.54 31.46 -42.30
C GLY A 519 9.04 31.33 -42.25
N ASN A 520 8.51 30.21 -42.72
CA ASN A 520 7.08 29.93 -42.63
C ASN A 520 6.84 28.74 -41.71
N LEU A 521 5.59 28.61 -41.26
CA LEU A 521 5.19 27.36 -40.61
C LEU A 521 5.20 26.23 -41.61
N VAL A 522 5.81 25.11 -41.22
CA VAL A 522 5.89 23.94 -42.09
C VAL A 522 4.49 23.37 -42.33
N VAL A 523 3.63 23.43 -41.31
CA VAL A 523 2.23 23.07 -41.51
C VAL A 523 1.49 24.16 -42.26
N GLY A 524 2.01 25.38 -42.26
CA GLY A 524 1.34 26.47 -42.96
C GLY A 524 1.52 26.42 -44.46
N THR A 525 2.66 25.90 -44.93
CA THR A 525 2.91 25.83 -46.37
C THR A 525 2.04 24.79 -47.07
N LEU A 526 1.50 23.84 -46.34
CA LEU A 526 0.65 22.82 -46.94
C LEU A 526 -0.77 23.30 -47.18
N SER A 527 -1.20 24.36 -46.48
CA SER A 527 -2.59 24.79 -46.52
C SER A 527 -2.93 25.44 -47.86
N TRP A 528 -4.23 25.41 -48.20
CA TRP A 528 -4.70 25.85 -49.50
C TRP A 528 -4.83 27.37 -49.70
N PRO A 529 -5.50 28.17 -48.81
CA PRO A 529 -5.64 29.60 -49.14
C PRO A 529 -4.33 30.36 -49.02
N SER A 530 -3.63 30.15 -47.92
CA SER A 530 -2.44 30.92 -47.58
C SER A 530 -1.74 30.21 -46.42
N PRO A 531 -0.45 30.46 -46.22
CA PRO A 531 0.16 30.10 -44.94
C PRO A 531 -0.35 30.94 -43.78
N TRP A 532 -0.98 32.08 -44.05
CA TRP A 532 -1.44 32.98 -43.00
C TRP A 532 -2.75 32.53 -42.35
N VAL A 533 -3.44 31.55 -42.91
CA VAL A 533 -4.67 31.08 -42.29
C VAL A 533 -4.37 30.19 -41.08
N ILE A 534 -3.15 29.68 -40.96
CA ILE A 534 -2.76 28.87 -39.81
C ILE A 534 -1.98 29.72 -38.82
N VAL A 535 -1.24 30.71 -39.34
CA VAL A 535 -0.42 31.54 -38.47
C VAL A 535 -1.29 32.45 -37.61
N ILE A 536 -2.27 33.12 -38.23
CA ILE A 536 -3.19 33.96 -37.45
C ILE A 536 -4.31 33.15 -36.84
N GLY A 537 -4.49 31.89 -37.25
CA GLY A 537 -5.54 31.06 -36.72
C GLY A 537 -5.14 30.33 -35.46
N SER A 538 -3.92 29.82 -35.42
CA SER A 538 -3.40 29.16 -34.24
C SER A 538 -2.80 30.13 -33.23
N PHE A 539 -2.96 31.44 -33.45
CA PHE A 539 -2.57 32.41 -32.44
C PHE A 539 -3.73 32.73 -31.51
N PHE A 540 -4.94 32.82 -32.03
CA PHE A 540 -6.11 33.00 -31.20
C PHE A 540 -6.61 31.69 -30.61
N SER A 541 -6.32 30.57 -31.26
CA SER A 541 -6.64 29.28 -30.69
C SER A 541 -5.72 28.92 -29.54
N THR A 542 -4.53 29.51 -29.49
CA THR A 542 -3.56 29.31 -28.42
C THR A 542 -3.81 30.24 -27.25
N CYS A 543 -4.10 31.52 -27.53
CA CYS A 543 -4.46 32.46 -26.48
C CYS A 543 -5.81 32.11 -25.88
N GLY A 544 -6.71 31.48 -26.65
CA GLY A 544 -7.98 31.05 -26.11
C GLY A 544 -7.86 29.83 -25.22
N ALA A 545 -6.92 28.93 -25.52
CA ALA A 545 -6.69 27.79 -24.66
C ALA A 545 -5.86 28.16 -23.44
N GLY A 546 -5.19 29.32 -23.45
CA GLY A 546 -4.48 29.77 -22.28
C GLY A 546 -5.36 30.50 -21.30
N LEU A 547 -6.37 31.23 -21.79
CA LEU A 547 -7.33 31.87 -20.91
C LEU A 547 -8.28 30.87 -20.28
N GLN A 548 -8.47 29.71 -20.90
CA GLN A 548 -9.31 28.67 -20.32
C GLN A 548 -8.62 28.01 -19.14
N SER A 549 -7.32 27.70 -19.29
CA SER A 549 -6.58 27.06 -18.22
C SER A 549 -6.26 28.02 -17.08
N LEU A 550 -6.24 29.32 -17.34
CA LEU A 550 -5.98 30.31 -16.30
C LEU A 550 -7.24 30.68 -15.54
N THR A 551 -8.40 30.19 -15.95
CA THR A 551 -9.63 30.41 -15.23
C THR A 551 -10.28 29.13 -14.72
N GLY A 552 -9.79 27.97 -15.13
CA GLY A 552 -10.32 26.71 -14.63
C GLY A 552 -9.46 26.15 -13.54
N ALA A 553 -8.22 26.63 -13.46
CA ALA A 553 -7.32 26.23 -12.39
C ALA A 553 -7.58 26.97 -11.06
N PRO A 554 -7.86 28.28 -11.01
CA PRO A 554 -8.29 28.85 -9.72
C PRO A 554 -9.69 28.43 -9.30
N ARG A 555 -10.54 28.00 -10.22
CA ARG A 555 -11.84 27.50 -9.83
C ARG A 555 -11.77 26.10 -9.23
N LEU A 556 -10.69 25.36 -9.49
CA LEU A 556 -10.52 24.05 -8.89
C LEU A 556 -9.91 24.15 -7.51
N LEU A 557 -8.91 25.00 -7.32
CA LEU A 557 -8.28 25.17 -6.01
C LEU A 557 -9.24 25.82 -5.03
N GLN A 558 -10.19 26.62 -5.52
CA GLN A 558 -11.23 27.15 -4.65
C GLN A 558 -12.21 26.07 -4.19
N ALA A 559 -12.33 24.98 -4.94
CA ALA A 559 -13.22 23.89 -4.53
C ALA A 559 -12.57 23.00 -3.48
N ILE A 560 -11.27 22.71 -3.63
CA ILE A 560 -10.56 21.93 -2.62
C ILE A 560 -10.30 22.76 -1.37
N ALA A 561 -10.35 24.09 -1.48
CA ALA A 561 -10.32 24.91 -0.27
C ALA A 561 -11.61 24.80 0.50
N LYS A 562 -12.73 24.58 -0.20
CA LYS A 562 -13.94 24.12 0.45
C LYS A 562 -13.82 22.63 0.79
N ASP A 563 -14.82 22.14 1.53
CA ASP A 563 -14.97 20.79 2.09
C ASP A 563 -13.98 20.49 3.22
N ASN A 564 -13.05 21.41 3.48
CA ASN A 564 -12.12 21.41 4.62
C ASN A 564 -11.30 20.12 4.72
N ILE A 565 -10.97 19.52 3.58
CA ILE A 565 -10.18 18.29 3.62
C ILE A 565 -8.71 18.56 3.83
N ILE A 566 -8.24 19.76 3.51
CA ILE A 566 -6.86 20.15 3.78
C ILE A 566 -6.88 21.45 4.57
N PRO A 567 -6.43 21.47 5.81
CA PRO A 567 -6.66 22.63 6.67
C PRO A 567 -5.76 23.83 6.35
N PHE A 568 -4.56 23.62 5.82
CA PHE A 568 -3.70 24.75 5.53
C PHE A 568 -3.92 25.33 4.14
N LEU A 569 -4.90 24.82 3.39
CA LEU A 569 -5.41 25.47 2.20
C LEU A 569 -6.73 26.18 2.47
N ARG A 570 -6.93 26.67 3.69
CA ARG A 570 -8.21 27.30 4.06
C ARG A 570 -8.32 28.71 3.52
N VAL A 571 -7.20 29.40 3.32
CA VAL A 571 -7.26 30.81 2.95
C VAL A 571 -7.60 31.01 1.48
N PHE A 572 -7.50 29.97 0.66
CA PHE A 572 -7.70 30.14 -0.78
C PHE A 572 -9.15 30.01 -1.21
N GLY A 573 -10.07 29.74 -0.28
CA GLY A 573 -11.47 29.96 -0.59
C GLY A 573 -11.89 31.31 -0.07
N HIS A 574 -11.81 32.34 -0.91
CA HIS A 574 -12.10 33.71 -0.50
C HIS A 574 -12.88 34.41 -1.61
N SER A 575 -13.99 33.80 -2.03
CA SER A 575 -14.82 34.29 -3.13
C SER A 575 -15.28 35.73 -2.91
N LYS A 576 -15.44 36.45 -4.02
CA LYS A 576 -16.03 37.79 -4.06
C LYS A 576 -17.54 37.69 -4.06
N ALA A 577 -18.20 38.79 -4.45
CA ALA A 577 -19.67 38.85 -4.45
C ALA A 577 -20.32 37.84 -5.39
N ASN A 578 -19.60 37.32 -6.39
CA ASN A 578 -20.14 36.23 -7.21
C ASN A 578 -18.98 35.35 -7.68
N GLY A 579 -18.69 34.31 -6.89
CA GLY A 579 -17.65 33.35 -7.28
C GLY A 579 -16.29 34.01 -7.29
N GLU A 580 -15.56 33.78 -8.40
CA GLU A 580 -14.36 34.50 -8.80
C GLU A 580 -13.26 34.54 -7.75
N PRO A 581 -12.50 33.45 -7.60
CA PRO A 581 -11.53 33.34 -6.51
C PRO A 581 -10.43 34.38 -6.62
N THR A 582 -10.07 34.97 -5.47
CA THR A 582 -9.07 36.03 -5.42
C THR A 582 -7.68 35.48 -5.14
N TRP A 583 -7.50 34.85 -3.98
CA TRP A 583 -6.18 34.39 -3.60
C TRP A 583 -5.80 33.11 -4.34
N ALA A 584 -6.76 32.40 -4.92
CA ALA A 584 -6.42 31.23 -5.72
C ALA A 584 -5.83 31.64 -7.06
N LEU A 585 -6.19 32.83 -7.55
CA LEU A 585 -5.62 33.32 -8.80
C LEU A 585 -4.18 33.75 -8.61
N LEU A 586 -3.80 34.14 -7.39
CA LEU A 586 -2.44 34.63 -7.16
C LEU A 586 -1.42 33.50 -7.05
N LEU A 587 -1.85 32.27 -6.79
CA LEU A 587 -0.93 31.14 -6.93
C LEU A 587 -0.78 30.72 -8.38
N THR A 588 -1.89 30.73 -9.13
CA THR A 588 -1.83 30.32 -10.53
C THR A 588 -1.04 31.32 -11.35
N ALA A 589 -1.04 32.58 -10.96
CA ALA A 589 -0.17 33.57 -11.57
C ALA A 589 1.26 33.51 -11.06
N ALA A 590 1.55 32.65 -10.09
CA ALA A 590 2.89 32.53 -9.53
C ALA A 590 3.55 31.18 -9.79
N ILE A 591 2.77 30.12 -10.01
CA ILE A 591 3.35 28.84 -10.40
C ILE A 591 3.50 28.75 -11.91
N ALA A 592 2.57 29.32 -12.67
CA ALA A 592 2.76 29.40 -14.12
C ALA A 592 3.85 30.40 -14.47
N GLU A 593 4.08 31.39 -13.62
CA GLU A 593 5.20 32.32 -13.79
C GLU A 593 6.54 31.62 -13.59
N LEU A 594 6.57 30.55 -12.81
CA LEU A 594 7.75 29.70 -12.72
C LEU A 594 7.94 28.84 -13.95
N GLY A 595 6.88 28.58 -14.70
CA GLY A 595 6.97 27.90 -15.97
C GLY A 595 7.25 28.80 -17.15
N ILE A 596 7.35 30.11 -16.92
CA ILE A 596 7.72 31.06 -17.96
C ILE A 596 9.21 31.35 -17.94
N LEU A 597 9.79 31.47 -16.74
CA LEU A 597 11.24 31.67 -16.61
C LEU A 597 12.00 30.46 -17.14
N ILE A 598 11.47 29.25 -16.94
CA ILE A 598 11.88 28.16 -17.80
C ILE A 598 11.26 28.43 -19.17
N ALA A 599 12.10 28.78 -20.14
CA ALA A 599 11.67 28.97 -21.52
C ALA A 599 11.58 27.62 -22.22
N SER A 600 11.58 27.63 -23.56
CA SER A 600 11.78 26.42 -24.37
C SER A 600 10.69 25.38 -24.19
N LEU A 601 9.55 25.60 -24.87
CA LEU A 601 8.36 24.77 -24.94
C LEU A 601 8.59 23.26 -24.97
N ASP A 602 9.68 22.81 -25.57
CA ASP A 602 10.08 21.41 -25.54
C ASP A 602 10.52 20.92 -24.16
N LEU A 603 10.71 21.82 -23.19
CA LEU A 603 11.05 21.43 -21.83
C LEU A 603 9.87 21.50 -20.86
N VAL A 604 8.94 22.44 -21.08
CA VAL A 604 7.79 22.56 -20.19
C VAL A 604 6.79 21.43 -20.47
N ALA A 605 6.76 20.95 -21.71
CA ALA A 605 5.81 19.89 -22.07
C ALA A 605 6.05 18.53 -21.40
N PRO A 606 7.28 18.04 -21.15
CA PRO A 606 7.39 16.82 -20.34
C PRO A 606 7.11 17.02 -18.86
N ILE A 607 7.05 18.25 -18.37
CA ILE A 607 6.75 18.47 -16.95
C ILE A 607 5.26 18.31 -16.69
N LEU A 608 4.42 18.93 -17.51
CA LEU A 608 2.98 18.85 -17.30
C LEU A 608 2.40 17.50 -17.71
N SER A 609 3.09 16.76 -18.59
CA SER A 609 2.62 15.42 -18.92
C SER A 609 2.91 14.43 -17.79
N MET A 610 3.78 14.78 -16.86
CA MET A 610 3.98 13.98 -15.66
C MET A 610 2.83 14.12 -14.67
N PHE A 611 2.20 15.30 -14.63
CA PHE A 611 1.10 15.52 -13.70
C PHE A 611 -0.21 14.96 -14.24
N PHE A 612 -0.44 15.08 -15.54
CA PHE A 612 -1.66 14.53 -16.11
C PHE A 612 -1.63 13.02 -16.16
N LEU A 613 -0.44 12.42 -16.30
CA LEU A 613 -0.34 10.98 -16.18
C LEU A 613 -0.45 10.53 -14.73
N MET A 614 -0.20 11.42 -13.78
CA MET A 614 -0.31 11.07 -12.37
C MET A 614 -1.77 11.05 -11.91
N CYS A 615 -2.61 11.91 -12.46
CA CYS A 615 -4.02 11.90 -12.10
C CYS A 615 -4.84 10.96 -12.95
N TYR A 616 -4.36 10.59 -14.14
CA TYR A 616 -5.01 9.53 -14.90
C TYR A 616 -4.73 8.16 -14.30
N LEU A 617 -3.63 8.02 -13.56
CA LEU A 617 -3.31 6.75 -12.93
C LEU A 617 -4.20 6.48 -11.74
N PHE A 618 -4.50 7.51 -10.95
CA PHE A 618 -5.28 7.32 -9.73
C PHE A 618 -6.75 7.11 -10.01
N VAL A 619 -7.26 7.67 -11.11
CA VAL A 619 -8.64 7.41 -11.50
C VAL A 619 -8.78 5.97 -12.00
N ASN A 620 -7.82 5.51 -12.80
CA ASN A 620 -7.85 4.15 -13.32
C ASN A 620 -7.62 3.12 -12.23
N LEU A 621 -6.84 3.46 -11.21
CA LEU A 621 -6.57 2.50 -10.14
C LEU A 621 -7.76 2.38 -9.19
N ALA A 622 -8.33 3.51 -8.77
CA ALA A 622 -9.41 3.48 -7.79
C ALA A 622 -10.71 2.95 -8.37
N CYS A 623 -10.89 3.00 -9.68
CA CYS A 623 -12.07 2.38 -10.27
C CYS A 623 -11.93 0.87 -10.29
N ALA A 624 -10.72 0.36 -10.51
CA ALA A 624 -10.50 -1.07 -10.52
C ALA A 624 -10.34 -1.63 -9.13
N LEU A 625 -9.86 -0.82 -8.18
CA LEU A 625 -9.68 -1.29 -6.82
C LEU A 625 -11.00 -1.40 -6.05
N GLN A 626 -12.02 -0.65 -6.46
CA GLN A 626 -13.28 -0.64 -5.73
C GLN A 626 -14.26 -1.69 -6.25
N THR A 627 -14.12 -2.13 -7.49
CA THR A 627 -14.99 -3.18 -8.02
C THR A 627 -14.39 -4.56 -7.85
N LEU A 628 -13.25 -4.67 -7.17
CA LEU A 628 -12.66 -5.96 -6.82
C LEU A 628 -12.88 -6.31 -5.36
N LEU A 629 -12.66 -5.36 -4.46
CA LEU A 629 -12.88 -5.56 -3.03
C LEU A 629 -14.33 -5.39 -2.61
N ARG A 630 -15.22 -5.07 -3.56
CA ARG A 630 -16.66 -4.86 -3.36
C ARG A 630 -16.91 -3.75 -2.33
N THR A 631 -16.51 -2.55 -2.72
CA THR A 631 -16.85 -1.34 -1.97
C THR A 631 -18.38 -1.18 -1.96
N PRO A 632 -18.98 -0.80 -0.81
CA PRO A 632 -20.45 -0.79 -0.66
C PRO A 632 -21.26 0.01 -1.68
N ASN A 633 -21.03 1.31 -1.81
CA ASN A 633 -21.80 2.12 -2.74
C ASN A 633 -21.01 2.32 -4.03
N TRP A 634 -20.85 1.22 -4.78
CA TRP A 634 -20.17 1.26 -6.06
C TRP A 634 -20.79 0.20 -6.96
N ARG A 635 -21.73 0.62 -7.81
CA ARG A 635 -22.34 -0.25 -8.80
C ARG A 635 -22.33 0.50 -10.14
N PRO A 636 -21.26 0.34 -10.93
CA PRO A 636 -21.18 1.07 -12.20
C PRO A 636 -22.10 0.49 -13.26
N ARG A 637 -23.35 0.95 -13.25
CA ARG A 637 -24.34 0.55 -14.23
C ARG A 637 -24.00 1.18 -15.58
N PHE A 638 -23.28 0.42 -16.41
CA PHE A 638 -22.78 0.89 -17.70
C PHE A 638 -22.32 -0.29 -18.54
N ARG A 639 -22.77 -0.36 -19.79
CA ARG A 639 -22.29 -1.40 -20.69
C ARG A 639 -20.85 -1.11 -21.10
N TYR A 640 -20.16 -2.18 -21.53
CA TYR A 640 -18.76 -2.14 -21.97
C TYR A 640 -17.83 -1.58 -20.90
N TYR A 641 -17.99 -2.04 -19.67
CA TYR A 641 -17.06 -1.71 -18.59
C TYR A 641 -16.69 -2.98 -17.86
N HIS A 642 -15.40 -3.17 -17.64
CA HIS A 642 -14.89 -4.30 -16.87
C HIS A 642 -13.81 -3.80 -15.93
N TRP A 643 -13.44 -4.63 -14.97
CA TRP A 643 -12.32 -4.28 -14.09
C TRP A 643 -10.98 -4.47 -14.78
N ALA A 644 -10.94 -5.23 -15.87
CA ALA A 644 -9.70 -5.44 -16.59
C ALA A 644 -9.34 -4.27 -17.50
N LEU A 645 -10.32 -3.50 -17.94
CA LEU A 645 -10.02 -2.35 -18.79
C LEU A 645 -9.42 -1.22 -17.99
N SER A 646 -9.84 -1.04 -16.74
CA SER A 646 -9.22 -0.03 -15.89
C SER A 646 -7.87 -0.46 -15.38
N PHE A 647 -7.58 -1.77 -15.42
CA PHE A 647 -6.27 -2.27 -15.05
C PHE A 647 -5.30 -2.30 -16.22
N MET A 648 -5.82 -2.57 -17.43
CA MET A 648 -4.97 -2.49 -18.62
C MET A 648 -4.60 -1.05 -18.92
N GLY A 649 -5.52 -0.12 -18.68
CA GLY A 649 -5.25 1.29 -18.81
C GLY A 649 -4.52 1.91 -17.64
N MET A 650 -4.20 1.12 -16.62
CA MET A 650 -3.36 1.58 -15.54
C MET A 650 -1.90 1.25 -15.76
N SER A 651 -1.62 0.14 -16.45
CA SER A 651 -0.24 -0.22 -16.76
C SER A 651 0.34 0.63 -17.88
N ILE A 652 -0.49 1.25 -18.71
CA ILE A 652 0.02 2.11 -19.76
C ILE A 652 0.41 3.48 -19.19
N CYS A 653 -0.36 4.01 -18.23
CA CYS A 653 0.04 5.25 -17.57
C CYS A 653 1.26 5.07 -16.69
N LEU A 654 1.54 3.85 -16.22
CA LEU A 654 2.78 3.60 -15.51
C LEU A 654 3.95 3.39 -16.45
N ALA A 655 3.69 2.87 -17.66
CA ALA A 655 4.77 2.67 -18.62
C ALA A 655 5.25 3.98 -19.19
N LEU A 656 4.34 4.90 -19.52
CA LEU A 656 4.73 6.20 -20.05
C LEU A 656 5.30 7.12 -18.98
N MET A 657 5.07 6.82 -17.70
CA MET A 657 5.61 7.64 -16.64
C MET A 657 7.06 7.28 -16.32
N PHE A 658 7.43 6.00 -16.45
CA PHE A 658 8.78 5.58 -16.10
C PHE A 658 9.78 5.86 -17.21
N ILE A 659 9.36 5.70 -18.48
CA ILE A 659 10.28 5.95 -19.59
C ILE A 659 10.52 7.43 -19.85
N SER A 660 9.82 8.32 -19.14
CA SER A 660 10.07 9.74 -19.30
C SER A 660 11.30 10.18 -18.51
N SER A 661 11.26 10.07 -17.18
CA SER A 661 12.39 10.56 -16.39
C SER A 661 12.91 9.58 -15.36
N TRP A 662 12.02 8.85 -14.67
CA TRP A 662 12.24 7.83 -13.65
C TRP A 662 12.73 8.37 -12.30
N TYR A 663 13.27 9.59 -12.28
CA TYR A 663 13.58 10.23 -11.01
C TYR A 663 12.63 11.38 -10.71
N TYR A 664 11.79 11.75 -11.66
CA TYR A 664 10.67 12.65 -11.41
C TYR A 664 9.35 11.90 -11.44
N ALA A 665 9.39 10.58 -11.50
CA ALA A 665 8.21 9.73 -11.36
C ALA A 665 8.12 9.05 -10.00
N ILE A 666 9.27 8.66 -9.43
CA ILE A 666 9.26 8.08 -8.10
C ILE A 666 8.98 9.15 -7.05
N VAL A 667 9.59 10.33 -7.20
CA VAL A 667 9.37 11.40 -6.23
C VAL A 667 8.02 12.08 -6.43
N ALA A 668 7.36 11.86 -7.58
CA ALA A 668 6.02 12.38 -7.78
C ALA A 668 4.95 11.35 -7.51
N MET A 669 5.33 10.16 -7.03
CA MET A 669 4.40 9.15 -6.59
C MET A 669 4.35 9.02 -5.08
N VAL A 670 5.28 9.64 -4.36
CA VAL A 670 5.29 9.56 -2.90
C VAL A 670 4.68 10.83 -2.32
N ILE A 671 4.88 11.98 -2.99
CA ILE A 671 4.20 13.19 -2.55
C ILE A 671 2.73 13.17 -2.99
N ALA A 672 2.39 12.34 -3.96
CA ALA A 672 0.99 12.00 -4.20
C ALA A 672 0.51 10.88 -3.30
N GLY A 673 1.40 10.29 -2.50
CA GLY A 673 1.03 9.32 -1.49
C GLY A 673 1.09 9.90 -0.10
N MET A 674 1.99 10.85 0.14
CA MET A 674 2.00 11.56 1.41
C MET A 674 0.85 12.53 1.54
N ILE A 675 0.29 12.99 0.41
CA ILE A 675 -0.93 13.80 0.47
C ILE A 675 -2.16 12.93 0.54
N TYR A 676 -2.02 11.62 0.28
CA TYR A 676 -3.13 10.70 0.47
C TYR A 676 -3.38 10.43 1.94
N LYS A 677 -2.32 10.08 2.68
CA LYS A 677 -2.47 9.73 4.09
C LYS A 677 -2.71 10.95 4.97
N TYR A 678 -2.40 12.15 4.49
CA TYR A 678 -2.68 13.34 5.27
C TYR A 678 -4.16 13.65 5.30
N ILE A 679 -4.88 13.33 4.23
CA ILE A 679 -6.32 13.58 4.20
C ILE A 679 -7.05 12.58 5.09
N GLU A 680 -6.58 11.33 5.11
CA GLU A 680 -7.21 10.31 5.95
C GLU A 680 -6.96 10.58 7.44
N TYR A 681 -5.79 11.12 7.79
CA TYR A 681 -5.53 11.49 9.17
C TYR A 681 -6.38 12.70 9.58
N GLN A 682 -6.45 13.71 8.73
CA GLN A 682 -7.25 14.88 9.05
C GLN A 682 -8.74 14.60 8.92
N GLY A 683 -9.12 13.64 8.07
CA GLY A 683 -10.52 13.27 7.96
C GLY A 683 -11.01 12.41 9.10
N ALA A 684 -10.10 11.77 9.83
CA ALA A 684 -10.48 10.98 10.98
C ALA A 684 -10.45 11.77 12.28
N GLU A 685 -9.69 12.87 12.33
CA GLU A 685 -9.66 13.69 13.52
C GLU A 685 -10.95 14.48 13.68
N LYS A 686 -11.52 14.94 12.56
CA LYS A 686 -12.78 15.65 12.63
C LYS A 686 -13.98 14.70 12.73
N GLU A 687 -13.76 13.40 12.63
CA GLU A 687 -14.82 12.40 12.75
C GLU A 687 -14.81 11.66 14.07
N TRP A 688 -13.64 11.29 14.58
CA TRP A 688 -13.52 10.52 15.81
C TRP A 688 -12.79 11.29 16.90
N GLY A 689 -12.72 12.62 16.80
CA GLY A 689 -12.14 13.43 17.84
C GLY A 689 -10.65 13.69 17.73
N ASP A 690 -9.84 12.69 18.03
CA ASP A 690 -8.40 12.79 17.89
C ASP A 690 -7.93 12.00 16.66
N GLY A 691 -6.61 11.81 16.57
CA GLY A 691 -5.91 11.47 15.36
C GLY A 691 -5.71 9.96 15.26
N ILE A 692 -4.56 9.46 15.75
CA ILE A 692 -4.10 8.08 15.57
C ILE A 692 -5.13 7.06 16.06
N ARG A 693 -5.86 7.37 17.13
CA ARG A 693 -6.93 6.47 17.57
C ARG A 693 -8.09 6.44 16.57
N GLY A 694 -8.36 7.56 15.90
CA GLY A 694 -9.43 7.61 14.92
C GLY A 694 -9.15 6.85 13.64
N LEU A 695 -7.88 6.59 13.33
CA LEU A 695 -7.54 5.81 12.14
C LEU A 695 -7.96 4.36 12.29
N SER A 696 -7.89 3.81 13.51
CA SER A 696 -8.32 2.44 13.72
C SER A 696 -9.84 2.35 13.85
N LEU A 697 -10.49 3.42 14.29
CA LEU A 697 -11.95 3.41 14.39
C LEU A 697 -12.60 3.46 13.03
N SER A 698 -12.01 4.20 12.09
CA SER A 698 -12.57 4.30 10.76
C SER A 698 -12.26 3.07 9.91
N ALA A 699 -11.18 2.35 10.21
CA ALA A 699 -10.87 1.13 9.48
C ALA A 699 -11.72 -0.04 9.95
N ALA A 700 -12.17 -0.01 11.21
CA ALA A 700 -13.05 -1.06 11.70
C ALA A 700 -14.49 -0.86 11.24
N ARG A 701 -14.92 0.39 11.10
CA ARG A 701 -16.28 0.66 10.64
C ARG A 701 -16.43 0.34 9.15
N PHE A 702 -15.40 0.64 8.35
CA PHE A 702 -15.47 0.39 6.92
C PHE A 702 -15.41 -1.10 6.62
N ALA A 703 -14.71 -1.87 7.45
CA ALA A 703 -14.68 -3.32 7.25
C ALA A 703 -15.98 -3.96 7.69
N LEU A 704 -16.65 -3.38 8.69
CA LEU A 704 -17.92 -3.94 9.16
C LEU A 704 -19.07 -3.63 8.21
N LEU A 705 -19.04 -2.45 7.56
CA LEU A 705 -20.09 -2.10 6.62
C LEU A 705 -19.98 -2.88 5.31
N ARG A 706 -18.79 -3.37 4.98
CA ARG A 706 -18.63 -4.21 3.79
C ARG A 706 -19.19 -5.61 4.00
N LEU A 707 -19.33 -6.04 5.25
CA LEU A 707 -19.80 -7.39 5.56
C LEU A 707 -21.30 -7.55 5.41
N GLU A 708 -22.00 -6.46 5.12
CA GLU A 708 -23.46 -6.50 4.97
C GLU A 708 -23.89 -6.32 3.53
N GLU A 709 -23.95 -7.42 2.80
CA GLU A 709 -24.35 -7.40 1.40
C GLU A 709 -24.01 -8.73 0.73
N GLY A 710 -22.91 -9.33 1.15
CA GLY A 710 -22.48 -10.61 0.61
C GLY A 710 -23.48 -11.71 0.89
N PRO A 711 -23.73 -12.58 -0.16
CA PRO A 711 -24.70 -13.64 0.15
C PRO A 711 -24.25 -14.47 1.35
N PRO A 712 -24.95 -14.27 2.53
CA PRO A 712 -24.47 -15.11 3.65
C PRO A 712 -24.71 -16.60 3.38
N HIS A 713 -24.72 -17.39 4.45
CA HIS A 713 -24.94 -18.83 4.34
C HIS A 713 -23.67 -19.52 3.83
N THR A 714 -22.51 -18.99 4.24
CA THR A 714 -21.24 -19.55 3.82
C THR A 714 -21.25 -21.07 3.80
N LYS A 715 -20.31 -21.65 3.08
CA LYS A 715 -20.20 -23.10 2.96
C LYS A 715 -18.87 -23.63 3.48
N ASN A 716 -18.25 -22.95 4.44
CA ASN A 716 -17.10 -23.47 5.17
C ASN A 716 -17.26 -22.97 6.60
N TRP A 717 -17.86 -23.78 7.45
CA TRP A 717 -18.10 -23.41 8.84
C TRP A 717 -16.83 -23.32 9.69
N ARG A 718 -16.89 -22.48 10.71
CA ARG A 718 -15.78 -22.28 11.63
C ARG A 718 -16.36 -21.77 12.94
N PRO A 719 -15.95 -22.43 14.10
CA PRO A 719 -16.55 -21.92 15.34
C PRO A 719 -16.04 -20.55 15.76
N GLN A 720 -16.95 -19.68 16.22
CA GLN A 720 -16.56 -18.35 16.66
C GLN A 720 -16.46 -18.28 18.18
N LEU A 721 -17.42 -18.87 18.86
CA LEU A 721 -17.41 -18.95 20.33
C LEU A 721 -17.94 -17.78 21.15
N LEU A 722 -18.72 -18.15 22.17
CA LEU A 722 -19.31 -17.25 23.14
C LEU A 722 -19.22 -18.05 24.42
N VAL A 723 -18.24 -17.71 25.25
CA VAL A 723 -17.97 -18.42 26.49
C VAL A 723 -18.75 -17.78 27.62
N LEU A 724 -19.66 -18.53 28.22
CA LEU A 724 -20.47 -18.04 29.33
C LEU A 724 -19.79 -18.43 30.64
N LEU A 725 -19.34 -17.44 31.39
CA LEU A 725 -18.66 -17.66 32.67
C LEU A 725 -19.62 -17.37 33.81
N LYS A 726 -19.74 -18.32 34.72
CA LYS A 726 -20.58 -18.15 35.90
C LYS A 726 -19.76 -17.49 37.01
N LEU A 727 -20.27 -16.40 37.55
CA LEU A 727 -19.67 -15.72 38.67
C LEU A 727 -20.44 -16.06 39.94
N ASP A 728 -19.71 -16.44 40.99
CA ASP A 728 -20.33 -16.72 42.28
C ASP A 728 -20.36 -15.45 43.12
N GLU A 729 -20.61 -15.60 44.42
CA GLU A 729 -20.34 -14.51 45.35
C GLU A 729 -18.84 -14.25 45.43
N ASP A 730 -18.50 -13.04 45.89
CA ASP A 730 -17.21 -12.35 45.87
C ASP A 730 -16.75 -11.99 44.46
N LEU A 731 -17.59 -12.23 43.43
CA LEU A 731 -17.37 -11.81 42.04
C LEU A 731 -16.08 -12.40 41.46
N HIS A 732 -15.93 -13.71 41.58
CA HIS A 732 -14.82 -14.45 40.99
C HIS A 732 -15.34 -15.41 39.95
N VAL A 733 -14.44 -15.86 39.09
CA VAL A 733 -14.79 -16.84 38.07
C VAL A 733 -14.84 -18.22 38.71
N LYS A 734 -15.96 -18.92 38.52
CA LYS A 734 -16.13 -20.23 39.15
C LYS A 734 -15.31 -21.30 38.44
N HIS A 735 -15.34 -21.31 37.11
CA HIS A 735 -14.63 -22.30 36.31
C HIS A 735 -13.63 -21.59 35.42
N PRO A 736 -12.42 -21.31 35.92
CA PRO A 736 -11.40 -20.66 35.07
C PRO A 736 -10.80 -21.58 34.03
N ARG A 737 -11.09 -22.88 34.05
CA ARG A 737 -10.60 -23.80 33.05
C ARG A 737 -11.36 -23.72 31.74
N LEU A 738 -12.50 -23.02 31.71
CA LEU A 738 -13.24 -22.85 30.47
C LEU A 738 -12.54 -21.91 29.52
N LEU A 739 -11.82 -20.92 30.05
CA LEU A 739 -11.03 -20.04 29.20
C LEU A 739 -9.80 -20.74 28.66
N THR A 740 -9.28 -21.73 29.37
CA THR A 740 -8.11 -22.47 28.89
C THR A 740 -8.49 -23.38 27.74
N PHE A 741 -9.63 -24.07 27.85
CA PHE A 741 -10.07 -24.93 26.77
C PHE A 741 -10.55 -24.12 25.57
N ALA A 742 -11.03 -22.90 25.80
CA ALA A 742 -11.39 -22.03 24.68
C ALA A 742 -10.16 -21.53 23.95
N SER A 743 -9.03 -21.41 24.64
CA SER A 743 -7.80 -21.00 23.99
C SER A 743 -7.16 -22.14 23.21
N GLN A 744 -7.30 -23.38 23.68
CA GLN A 744 -6.74 -24.52 22.96
C GLN A 744 -7.55 -24.87 21.73
N LEU A 745 -8.81 -24.45 21.67
CA LEU A 745 -9.62 -24.76 20.50
C LEU A 745 -9.40 -23.74 19.38
N LYS A 746 -9.21 -22.48 19.74
CA LYS A 746 -9.07 -21.42 18.74
C LYS A 746 -7.62 -21.12 18.41
N ALA A 747 -6.70 -21.36 19.34
CA ALA A 747 -5.25 -21.18 19.19
C ALA A 747 -4.88 -19.75 18.83
N GLY A 748 -5.64 -18.78 19.34
CA GLY A 748 -5.31 -17.38 19.17
C GLY A 748 -5.88 -16.72 17.94
N LYS A 749 -6.48 -17.45 17.03
CA LYS A 749 -7.05 -16.88 15.81
C LYS A 749 -8.57 -16.91 15.88
N GLY A 750 -9.20 -15.95 15.22
CA GLY A 750 -10.64 -15.83 15.21
C GLY A 750 -11.17 -14.89 16.28
N LEU A 751 -12.50 -14.84 16.36
CA LEU A 751 -13.21 -13.98 17.30
C LEU A 751 -13.68 -14.81 18.49
N THR A 752 -13.42 -14.33 19.70
CA THR A 752 -13.87 -15.00 20.90
C THR A 752 -14.42 -13.96 21.86
N ILE A 753 -15.68 -14.12 22.27
CA ILE A 753 -16.34 -13.20 23.18
C ILE A 753 -16.60 -13.93 24.49
N VAL A 754 -16.25 -13.29 25.59
CA VAL A 754 -16.48 -13.83 26.94
C VAL A 754 -17.60 -13.04 27.58
N GLY A 755 -18.64 -13.73 28.03
CA GLY A 755 -19.82 -13.10 28.58
C GLY A 755 -20.10 -13.52 30.00
N SER A 756 -20.52 -12.57 30.84
CA SER A 756 -20.82 -12.83 32.24
C SER A 756 -22.02 -12.00 32.66
N VAL A 757 -22.68 -12.44 33.72
CA VAL A 757 -23.88 -11.81 34.24
C VAL A 757 -23.72 -11.60 35.74
N ILE A 758 -23.89 -10.37 36.20
CA ILE A 758 -23.95 -10.05 37.63
C ILE A 758 -25.41 -9.86 38.00
N VAL A 759 -25.87 -10.61 38.99
CA VAL A 759 -27.26 -10.54 39.43
C VAL A 759 -27.40 -9.40 40.44
N GLY A 760 -28.19 -8.39 40.09
CA GLY A 760 -28.41 -7.27 40.98
C GLY A 760 -29.06 -6.12 40.26
N ASN A 761 -28.91 -4.93 40.84
CA ASN A 761 -29.44 -3.70 40.29
C ASN A 761 -28.30 -2.86 39.73
N PHE A 762 -28.48 -2.34 38.52
CA PHE A 762 -27.39 -1.60 37.88
C PHE A 762 -27.17 -0.23 38.52
N LEU A 763 -28.20 0.36 39.11
CA LEU A 763 -28.06 1.68 39.71
C LEU A 763 -27.26 1.64 41.01
N GLU A 764 -27.08 0.47 41.60
CA GLU A 764 -26.23 0.30 42.78
C GLU A 764 -24.94 -0.44 42.51
N ASN A 765 -24.96 -1.43 41.60
CA ASN A 765 -23.81 -2.28 41.36
C ASN A 765 -23.06 -1.92 40.08
N TYR A 766 -23.04 -0.64 39.71
CA TYR A 766 -22.28 -0.24 38.53
C TYR A 766 -20.79 -0.08 38.83
N GLY A 767 -20.43 0.19 40.09
CA GLY A 767 -19.03 0.20 40.46
C GLY A 767 -18.45 -1.19 40.57
N GLU A 768 -19.28 -2.19 40.88
CA GLU A 768 -18.82 -3.56 40.94
C GLU A 768 -18.75 -4.21 39.58
N ALA A 769 -19.43 -3.65 38.58
CA ALA A 769 -19.33 -4.18 37.22
C ALA A 769 -18.04 -3.77 36.55
N LEU A 770 -17.48 -2.62 36.92
CA LEU A 770 -16.21 -2.20 36.34
C LEU A 770 -15.05 -2.98 36.94
N ALA A 771 -15.13 -3.33 38.22
CA ALA A 771 -14.06 -4.08 38.86
C ALA A 771 -14.09 -5.54 38.48
N ALA A 772 -15.26 -6.10 38.21
CA ALA A 772 -15.35 -7.49 37.78
C ALA A 772 -14.87 -7.67 36.35
N GLU A 773 -14.92 -6.62 35.53
CA GLU A 773 -14.40 -6.73 34.17
C GLU A 773 -12.88 -6.72 34.14
N GLN A 774 -12.23 -6.15 35.16
CA GLN A 774 -10.78 -6.15 35.19
C GLN A 774 -10.22 -7.52 35.54
N THR A 775 -10.88 -8.23 36.46
CA THR A 775 -10.38 -9.56 36.85
C THR A 775 -10.64 -10.59 35.78
N ILE A 776 -11.68 -10.40 34.97
CA ILE A 776 -11.91 -11.30 33.84
C ILE A 776 -10.86 -11.05 32.75
N LYS A 777 -10.56 -9.79 32.47
CA LYS A 777 -9.58 -9.47 31.45
C LYS A 777 -8.15 -9.79 31.88
N HIS A 778 -7.88 -9.80 33.19
CA HIS A 778 -6.57 -10.23 33.66
C HIS A 778 -6.43 -11.74 33.57
N LEU A 779 -7.51 -12.47 33.86
CA LEU A 779 -7.51 -13.92 33.65
C LEU A 779 -7.50 -14.26 32.16
N MET A 780 -8.02 -13.37 31.33
CA MET A 780 -8.10 -13.60 29.90
C MET A 780 -6.73 -13.58 29.22
N GLU A 781 -5.77 -12.84 29.77
CA GLU A 781 -4.43 -12.81 29.20
C GLU A 781 -3.49 -13.84 29.82
N ALA A 782 -3.82 -14.37 30.99
CA ALA A 782 -3.02 -15.43 31.58
C ALA A 782 -3.29 -16.78 30.94
N GLU A 783 -4.43 -16.93 30.26
CA GLU A 783 -4.77 -18.14 29.55
C GLU A 783 -4.59 -18.01 28.04
N LYS A 784 -3.98 -16.90 27.59
CA LYS A 784 -3.66 -16.62 26.19
C LYS A 784 -4.91 -16.62 25.29
N VAL A 785 -5.89 -15.82 25.68
CA VAL A 785 -7.14 -15.67 24.94
C VAL A 785 -7.17 -14.27 24.34
N LYS A 786 -7.29 -14.18 23.03
CA LYS A 786 -7.40 -12.91 22.32
C LYS A 786 -8.85 -12.66 21.98
N GLY A 787 -9.48 -11.72 22.66
CA GLY A 787 -10.87 -11.45 22.39
C GLY A 787 -11.40 -10.26 23.16
N PHE A 788 -12.69 -10.30 23.43
CA PHE A 788 -13.40 -9.18 24.02
C PHE A 788 -14.21 -9.64 25.22
N CYS A 789 -14.37 -8.75 26.19
CA CYS A 789 -15.15 -8.99 27.39
C CYS A 789 -16.49 -8.28 27.28
N GLN A 790 -17.54 -8.91 27.83
CA GLN A 790 -18.90 -8.38 27.74
C GLN A 790 -19.64 -8.76 29.02
N LEU A 791 -19.71 -7.83 29.97
CA LEU A 791 -20.36 -8.08 31.25
C LEU A 791 -21.61 -7.21 31.35
N VAL A 792 -22.65 -7.76 31.97
CA VAL A 792 -23.94 -7.09 32.07
C VAL A 792 -24.50 -7.33 33.48
N VAL A 793 -25.31 -6.39 33.95
CA VAL A 793 -25.97 -6.48 35.25
C VAL A 793 -27.46 -6.62 35.01
N ALA A 794 -28.03 -7.77 35.38
CA ALA A 794 -29.44 -8.04 35.18
C ALA A 794 -30.10 -8.38 36.51
N ALA A 795 -31.43 -8.34 36.51
CA ALA A 795 -32.18 -8.65 37.72
C ALA A 795 -32.26 -10.15 37.96
N LYS A 796 -32.40 -10.93 36.89
CA LYS A 796 -32.43 -12.38 36.97
C LYS A 796 -31.28 -12.95 36.14
N LEU A 797 -30.85 -14.15 36.52
CA LEU A 797 -29.77 -14.80 35.80
C LEU A 797 -30.21 -15.34 34.45
N ARG A 798 -31.44 -15.85 34.38
CA ARG A 798 -31.94 -16.43 33.13
C ARG A 798 -32.22 -15.36 32.08
N GLU A 799 -32.57 -14.15 32.51
CA GLU A 799 -32.85 -13.09 31.56
C GLU A 799 -31.58 -12.46 31.01
N GLY A 800 -30.56 -12.30 31.85
CA GLY A 800 -29.31 -11.73 31.39
C GLY A 800 -28.51 -12.67 30.50
N ILE A 801 -28.66 -13.98 30.70
CA ILE A 801 -27.99 -14.95 29.84
C ILE A 801 -28.67 -14.98 28.48
N SER A 802 -30.01 -14.92 28.46
CA SER A 802 -30.77 -14.98 27.22
C SER A 802 -30.55 -13.75 26.35
N HIS A 803 -30.21 -12.60 26.96
CA HIS A 803 -29.94 -11.42 26.16
C HIS A 803 -28.52 -11.39 25.63
N LEU A 804 -27.58 -12.06 26.31
CA LEU A 804 -26.21 -12.13 25.81
C LEU A 804 -26.09 -13.03 24.59
N ILE A 805 -26.97 -14.02 24.47
CA ILE A 805 -26.89 -14.96 23.35
C ILE A 805 -27.39 -14.32 22.05
N GLN A 806 -28.35 -13.42 22.14
CA GLN A 806 -28.94 -12.83 20.94
C GLN A 806 -28.47 -11.41 20.65
N SER A 807 -27.63 -10.81 21.50
CA SER A 807 -27.24 -9.42 21.31
C SER A 807 -25.75 -9.21 21.59
N CYS A 808 -24.90 -10.09 21.07
CA CYS A 808 -23.45 -9.89 21.14
C CYS A 808 -22.89 -9.76 19.73
N GLY A 809 -21.93 -8.85 19.59
CA GLY A 809 -21.32 -8.56 18.30
C GLY A 809 -21.82 -7.24 17.74
N LEU A 810 -21.44 -6.96 16.50
CA LEU A 810 -21.85 -5.73 15.84
C LEU A 810 -22.25 -5.99 14.39
N GLY A 811 -22.86 -7.12 14.10
CA GLY A 811 -23.34 -7.41 12.77
C GLY A 811 -22.23 -8.00 11.92
N GLY A 812 -22.42 -9.20 11.41
CA GLY A 812 -21.33 -9.87 10.70
C GLY A 812 -20.25 -10.46 11.58
N MET A 813 -19.68 -9.65 12.47
CA MET A 813 -18.71 -10.12 13.45
C MET A 813 -19.42 -10.50 14.75
N LYS A 814 -20.35 -11.43 14.63
CA LYS A 814 -21.08 -11.98 15.76
C LYS A 814 -20.65 -13.42 16.00
N HIS A 815 -21.05 -13.95 17.16
CA HIS A 815 -20.65 -15.28 17.55
C HIS A 815 -21.43 -16.33 16.76
N ASN A 816 -20.97 -17.57 16.91
CA ASN A 816 -21.49 -18.70 16.14
C ASN A 816 -21.80 -19.91 16.99
N THR A 817 -21.24 -20.00 18.20
CA THR A 817 -21.29 -21.20 19.01
C THR A 817 -21.25 -20.75 20.47
N VAL A 818 -22.13 -21.30 21.30
CA VAL A 818 -22.14 -21.00 22.72
C VAL A 818 -21.43 -22.13 23.46
N VAL A 819 -20.53 -21.76 24.36
CA VAL A 819 -19.74 -22.70 25.14
C VAL A 819 -20.01 -22.42 26.61
N MET A 820 -20.51 -23.43 27.33
CA MET A 820 -20.78 -23.29 28.75
C MET A 820 -20.37 -24.58 29.45
N GLY A 821 -20.33 -24.51 30.78
CA GLY A 821 -19.97 -25.66 31.59
C GLY A 821 -21.19 -26.42 32.07
N TRP A 822 -20.93 -27.63 32.53
CA TRP A 822 -21.98 -28.50 33.04
C TRP A 822 -22.36 -28.09 34.46
N PRO A 823 -23.65 -28.10 34.80
CA PRO A 823 -24.07 -27.72 36.16
C PRO A 823 -23.78 -28.81 37.19
N ASN A 824 -22.56 -28.82 37.72
CA ASN A 824 -22.17 -29.83 38.70
C ASN A 824 -22.88 -29.58 40.03
N GLY A 825 -23.66 -30.56 40.46
CA GLY A 825 -24.43 -30.45 41.69
C GLY A 825 -25.91 -30.21 41.52
N TRP A 826 -26.47 -30.52 40.35
CA TRP A 826 -27.92 -30.35 40.16
C TRP A 826 -28.70 -31.45 40.86
N ARG A 827 -28.10 -32.61 41.04
CA ARG A 827 -28.79 -33.71 41.70
C ARG A 827 -28.80 -33.51 43.21
N GLN A 828 -28.35 -32.34 43.66
CA GLN A 828 -28.30 -32.04 45.08
C GLN A 828 -29.69 -32.19 45.70
N SER A 829 -30.42 -31.09 45.78
CA SER A 829 -31.77 -31.10 46.35
C SER A 829 -32.29 -29.69 46.60
N GLU A 830 -33.61 -29.55 46.60
CA GLU A 830 -34.27 -28.27 46.83
C GLU A 830 -33.57 -27.13 46.09
N ASP A 831 -33.81 -27.04 44.79
CA ASP A 831 -33.20 -25.99 43.99
C ASP A 831 -33.38 -26.23 42.49
N ALA A 832 -34.64 -26.19 42.04
CA ALA A 832 -34.93 -26.39 40.64
C ALA A 832 -34.28 -25.30 39.80
N ARG A 833 -33.71 -24.28 40.43
CA ARG A 833 -33.13 -23.15 39.73
C ARG A 833 -31.79 -23.50 39.08
N ALA A 834 -31.07 -24.48 39.63
CA ALA A 834 -29.73 -24.77 39.13
C ALA A 834 -29.77 -25.52 37.80
N TRP A 835 -30.77 -26.38 37.60
CA TRP A 835 -30.81 -27.20 36.40
C TRP A 835 -31.84 -26.76 35.38
N LYS A 836 -32.81 -25.92 35.77
CA LYS A 836 -33.71 -25.34 34.78
C LYS A 836 -33.13 -24.10 34.12
N THR A 837 -32.10 -23.51 34.71
CA THR A 837 -31.32 -22.49 34.02
C THR A 837 -30.50 -23.11 32.89
N PHE A 838 -30.10 -24.38 33.06
CA PHE A 838 -29.32 -25.05 32.03
C PHE A 838 -30.20 -25.41 30.83
N ILE A 839 -31.37 -26.00 31.07
CA ILE A 839 -32.26 -26.39 29.98
C ILE A 839 -32.83 -25.17 29.28
N GLY A 840 -33.01 -24.06 30.00
CA GLY A 840 -33.42 -22.82 29.37
C GLY A 840 -32.36 -22.25 28.46
N THR A 841 -31.08 -22.41 28.82
CA THR A 841 -30.00 -21.95 27.96
C THR A 841 -29.86 -22.80 26.71
N VAL A 842 -30.13 -24.10 26.81
CA VAL A 842 -30.08 -24.98 25.65
C VAL A 842 -31.24 -24.65 24.69
N ARG A 843 -32.40 -24.32 25.23
CA ARG A 843 -33.56 -24.01 24.39
C ARG A 843 -33.41 -22.66 23.70
N VAL A 844 -32.77 -21.69 24.35
CA VAL A 844 -32.54 -20.40 23.72
C VAL A 844 -31.49 -20.53 22.62
N THR A 845 -30.48 -21.36 22.84
CA THR A 845 -29.40 -21.55 21.87
C THR A 845 -29.90 -22.26 20.61
N THR A 846 -30.74 -23.27 20.77
CA THR A 846 -31.25 -23.98 19.60
C THR A 846 -32.37 -23.24 18.89
N ALA A 847 -32.91 -22.18 19.49
CA ALA A 847 -33.92 -21.37 18.83
C ALA A 847 -33.31 -20.25 18.01
N ALA A 848 -32.11 -19.79 18.39
CA ALA A 848 -31.37 -18.80 17.62
C ALA A 848 -30.49 -19.41 16.55
N HIS A 849 -30.59 -20.74 16.36
CA HIS A 849 -29.85 -21.51 15.36
C HIS A 849 -28.34 -21.36 15.51
N LEU A 850 -27.87 -21.63 16.73
CA LEU A 850 -26.45 -21.62 17.04
C LEU A 850 -26.01 -23.01 17.47
N ALA A 851 -24.71 -23.24 17.43
CA ALA A 851 -24.15 -24.49 17.89
C ALA A 851 -23.89 -24.43 19.39
N LEU A 852 -23.81 -25.60 20.01
CA LEU A 852 -23.67 -25.70 21.46
C LEU A 852 -22.54 -26.66 21.81
N LEU A 853 -21.64 -26.22 22.67
CA LEU A 853 -20.54 -27.04 23.16
C LEU A 853 -20.59 -27.04 24.68
N VAL A 854 -20.97 -28.15 25.27
CA VAL A 854 -21.07 -28.30 26.72
C VAL A 854 -19.92 -29.19 27.18
N ALA A 855 -19.16 -28.70 28.16
CA ALA A 855 -18.00 -29.42 28.68
C ALA A 855 -18.34 -29.96 30.06
N LYS A 856 -18.20 -31.27 30.23
CA LYS A 856 -18.45 -31.93 31.50
C LYS A 856 -17.13 -32.24 32.19
N ASN A 857 -17.10 -32.04 33.51
CA ASN A 857 -15.91 -32.14 34.36
C ASN A 857 -14.79 -31.23 33.84
N ILE A 858 -15.09 -29.92 33.85
CA ILE A 858 -14.15 -28.95 33.31
C ILE A 858 -12.95 -28.74 34.22
N SER A 859 -13.04 -29.13 35.51
CA SER A 859 -11.92 -28.98 36.41
C SER A 859 -10.84 -30.03 36.20
N PHE A 860 -11.11 -31.06 35.42
CA PHE A 860 -10.12 -32.08 35.09
C PHE A 860 -9.52 -31.90 33.71
N PHE A 861 -9.86 -30.81 33.03
CA PHE A 861 -9.31 -30.52 31.72
C PHE A 861 -7.86 -30.04 31.87
N PRO A 862 -7.00 -30.29 30.88
CA PRO A 862 -5.58 -29.95 31.04
C PRO A 862 -5.32 -28.46 30.92
N SER A 863 -4.25 -28.03 31.57
CA SER A 863 -3.78 -26.66 31.47
C SER A 863 -2.96 -26.49 30.19
N ASN A 864 -2.40 -25.30 30.01
CA ASN A 864 -1.64 -25.02 28.80
C ASN A 864 -0.20 -25.51 28.87
N VAL A 865 0.23 -26.06 29.99
CA VAL A 865 1.63 -26.41 30.18
C VAL A 865 1.81 -27.85 30.64
N GLU A 866 0.89 -28.74 30.28
CA GLU A 866 0.96 -30.10 30.78
C GLU A 866 1.21 -31.16 29.71
N GLN A 867 0.55 -31.06 28.54
CA GLN A 867 0.96 -31.79 27.32
C GLN A 867 0.97 -33.31 27.42
N PHE A 868 -0.20 -33.94 27.34
CA PHE A 868 -0.39 -35.39 27.21
C PHE A 868 0.63 -36.03 26.28
N SER A 869 1.33 -37.04 26.79
CA SER A 869 2.41 -37.68 26.03
C SER A 869 1.87 -38.63 24.98
N GLU A 870 0.79 -39.35 25.29
CA GLU A 870 0.15 -40.24 24.35
C GLU A 870 -1.29 -40.46 24.81
N GLY A 871 -2.15 -40.80 23.87
CA GLY A 871 -3.54 -41.04 24.19
C GLY A 871 -4.39 -41.06 22.94
N ASN A 872 -5.70 -41.10 23.16
CA ASN A 872 -6.68 -41.11 22.09
C ASN A 872 -7.55 -39.87 22.17
N ILE A 873 -8.38 -39.68 21.14
CA ILE A 873 -9.52 -38.77 21.16
C ILE A 873 -10.63 -39.54 20.46
N ASP A 874 -11.68 -39.87 21.19
CA ASP A 874 -12.74 -40.72 20.66
C ASP A 874 -13.95 -39.87 20.28
N VAL A 875 -14.43 -40.06 19.05
CA VAL A 875 -15.59 -39.36 18.52
C VAL A 875 -16.69 -40.38 18.31
N TRP A 876 -17.82 -40.18 18.99
CA TRP A 876 -18.95 -41.07 18.84
C TRP A 876 -20.02 -40.37 18.00
N TRP A 877 -19.93 -40.59 16.70
CA TRP A 877 -20.85 -40.01 15.73
C TRP A 877 -22.16 -40.78 15.69
N ILE A 878 -23.24 -40.14 16.16
CA ILE A 878 -24.54 -40.80 16.17
C ILE A 878 -25.58 -40.17 15.25
N VAL A 879 -25.69 -40.72 14.05
CA VAL A 879 -26.65 -40.26 13.04
C VAL A 879 -26.56 -38.80 12.59
N HIS A 880 -26.42 -37.87 13.54
CA HIS A 880 -26.37 -36.45 13.15
C HIS A 880 -25.08 -35.69 13.46
N ASP A 881 -25.05 -34.46 12.99
CA ASP A 881 -23.92 -33.53 13.19
C ASP A 881 -22.59 -34.19 12.87
N GLY A 882 -22.42 -34.55 11.61
CA GLY A 882 -21.22 -35.25 11.20
C GLY A 882 -20.04 -34.37 10.87
N GLY A 883 -20.30 -33.20 10.28
CA GLY A 883 -19.22 -32.32 9.89
C GLY A 883 -18.56 -31.64 11.09
N MET A 884 -19.35 -31.28 12.09
CA MET A 884 -18.81 -30.61 13.27
C MET A 884 -18.03 -31.57 14.15
N LEU A 885 -18.39 -32.85 14.16
CA LEU A 885 -17.70 -33.82 14.99
C LEU A 885 -16.36 -34.26 14.42
N MET A 886 -16.03 -33.87 13.18
CA MET A 886 -14.71 -34.15 12.63
C MET A 886 -13.82 -32.92 12.55
N LEU A 887 -14.40 -31.71 12.57
CA LEU A 887 -13.58 -30.51 12.53
C LEU A 887 -12.98 -30.21 13.90
N LEU A 888 -13.74 -30.43 14.97
CA LEU A 888 -13.30 -30.13 16.33
C LEU A 888 -12.11 -30.94 16.83
N PRO A 889 -11.97 -32.25 16.55
CA PRO A 889 -10.69 -32.90 16.88
C PRO A 889 -9.56 -32.50 15.97
N PHE A 890 -9.86 -32.07 14.73
CA PHE A 890 -8.80 -31.62 13.84
C PHE A 890 -8.23 -30.28 14.30
N LEU A 891 -9.08 -29.36 14.74
CA LEU A 891 -8.60 -28.07 15.22
C LEU A 891 -7.94 -28.19 16.58
N LEU A 892 -8.30 -29.20 17.36
CA LEU A 892 -7.72 -29.37 18.67
C LEU A 892 -6.35 -30.04 18.60
N LYS A 893 -6.14 -30.89 17.59
CA LYS A 893 -4.90 -31.64 17.48
C LYS A 893 -3.73 -30.75 17.05
N GLN A 894 -4.00 -29.60 16.43
CA GLN A 894 -2.93 -28.67 16.08
C GLN A 894 -2.68 -27.66 17.19
N HIS A 895 -2.50 -28.18 18.40
CA HIS A 895 -2.12 -27.40 19.58
C HIS A 895 -1.00 -28.15 20.27
N LYS A 896 -0.32 -27.47 21.20
CA LYS A 896 0.78 -28.07 21.93
C LYS A 896 0.31 -29.21 22.83
N VAL A 897 -0.88 -29.10 23.41
CA VAL A 897 -1.32 -30.07 24.41
C VAL A 897 -1.84 -31.34 23.74
N TRP A 898 -2.64 -31.22 22.68
CA TRP A 898 -3.29 -32.37 22.06
C TRP A 898 -2.55 -32.83 20.80
N ARG A 899 -1.24 -32.61 20.72
CA ARG A 899 -0.51 -32.92 19.50
C ARG A 899 -0.28 -34.42 19.33
N LYS A 900 0.11 -35.11 20.39
CA LYS A 900 0.51 -36.50 20.31
C LYS A 900 -0.65 -37.48 20.42
N CYS A 901 -1.88 -37.00 20.51
CA CYS A 901 -3.02 -37.90 20.54
C CYS A 901 -3.39 -38.34 19.13
N SER A 902 -4.21 -39.40 19.05
CA SER A 902 -4.66 -39.93 17.79
C SER A 902 -6.18 -40.06 17.81
N ILE A 903 -6.79 -39.84 16.65
CA ILE A 903 -8.24 -39.71 16.53
C ILE A 903 -8.84 -41.06 16.17
N ARG A 904 -9.82 -41.50 16.95
CA ARG A 904 -10.64 -42.66 16.64
C ARG A 904 -12.08 -42.22 16.46
N ILE A 905 -12.75 -42.77 15.45
CA ILE A 905 -14.09 -42.34 15.08
C ILE A 905 -15.01 -43.55 15.07
N PHE A 906 -16.09 -43.48 15.86
CA PHE A 906 -17.07 -44.55 15.93
C PHE A 906 -18.40 -44.01 15.40
N THR A 907 -18.92 -44.65 14.36
CA THR A 907 -20.21 -44.27 13.78
C THR A 907 -21.25 -45.30 14.14
N VAL A 908 -22.44 -44.84 14.50
CA VAL A 908 -23.54 -45.70 14.90
C VAL A 908 -24.46 -45.86 13.69
N ALA A 909 -24.56 -47.07 13.18
CA ALA A 909 -25.46 -47.39 12.09
C ALA A 909 -26.57 -48.30 12.58
N GLN A 910 -27.51 -48.60 11.71
CA GLN A 910 -28.63 -49.46 12.03
C GLN A 910 -28.53 -50.77 11.24
N LEU A 911 -29.40 -51.71 11.59
CA LEU A 911 -29.34 -53.04 10.99
C LEU A 911 -29.82 -53.05 9.54
N GLU A 912 -30.70 -52.12 9.18
CA GLU A 912 -31.20 -52.08 7.81
C GLU A 912 -30.18 -51.49 6.84
N ASP A 913 -29.24 -50.69 7.33
CA ASP A 913 -28.25 -50.05 6.47
C ASP A 913 -27.14 -51.04 6.13
N ASN A 914 -26.17 -50.57 5.34
CA ASN A 914 -25.04 -51.37 4.89
C ASN A 914 -23.81 -50.95 5.69
N SER A 915 -23.43 -51.79 6.66
CA SER A 915 -22.27 -51.46 7.48
C SER A 915 -20.96 -51.69 6.73
N ILE A 916 -20.97 -52.56 5.72
CA ILE A 916 -19.75 -52.84 4.97
C ILE A 916 -19.41 -51.67 4.05
N GLN A 917 -20.41 -51.14 3.36
CA GLN A 917 -20.17 -50.02 2.45
C GLN A 917 -19.89 -48.73 3.20
N MET A 918 -20.47 -48.56 4.40
CA MET A 918 -20.24 -47.35 5.17
C MET A 918 -18.83 -47.32 5.76
N LYS A 919 -18.27 -48.47 6.09
CA LYS A 919 -16.88 -48.54 6.53
C LYS A 919 -15.92 -48.25 5.39
N LYS A 920 -16.20 -48.80 4.20
CA LYS A 920 -15.35 -48.59 3.04
C LYS A 920 -15.45 -47.18 2.49
N ASP A 921 -16.54 -46.46 2.76
CA ASP A 921 -16.70 -45.11 2.23
C ASP A 921 -16.18 -44.04 3.17
N LEU A 922 -16.31 -44.23 4.48
CA LEU A 922 -15.76 -43.26 5.42
C LEU A 922 -14.23 -43.31 5.45
N ALA A 923 -13.64 -44.48 5.22
CA ALA A 923 -12.19 -44.57 5.10
C ALA A 923 -11.71 -43.92 3.81
N THR A 924 -12.51 -43.99 2.75
CA THR A 924 -12.17 -43.32 1.50
C THR A 924 -12.31 -41.81 1.63
N PHE A 925 -13.23 -41.35 2.47
CA PHE A 925 -13.45 -39.91 2.63
C PHE A 925 -12.30 -39.26 3.41
N LEU A 926 -11.80 -39.94 4.44
CA LEU A 926 -10.70 -39.38 5.22
C LEU A 926 -9.37 -39.43 4.48
N TYR A 927 -9.26 -40.26 3.44
CA TYR A 927 -8.03 -40.32 2.66
C TYR A 927 -7.86 -39.09 1.79
N HIS A 928 -8.95 -38.59 1.22
CA HIS A 928 -8.89 -37.44 0.33
C HIS A 928 -8.85 -36.10 1.06
N LEU A 929 -8.86 -36.11 2.39
CA LEU A 929 -8.84 -34.88 3.16
C LEU A 929 -7.65 -34.76 4.08
N ARG A 930 -6.81 -35.81 4.17
CA ARG A 930 -5.62 -35.88 5.03
C ARG A 930 -5.96 -35.65 6.50
N ILE A 931 -6.75 -36.58 7.04
CA ILE A 931 -7.24 -36.47 8.41
C ILE A 931 -6.46 -37.37 9.37
N GLU A 932 -6.09 -38.56 8.91
CA GLU A 932 -5.33 -39.57 9.67
C GLU A 932 -6.07 -39.97 10.95
N ALA A 933 -7.19 -40.65 10.73
CA ALA A 933 -7.98 -41.26 11.79
C ALA A 933 -8.27 -42.71 11.41
N GLU A 934 -9.06 -43.38 12.24
CA GLU A 934 -9.52 -44.73 11.94
C GLU A 934 -11.01 -44.83 12.26
N VAL A 935 -11.75 -45.49 11.38
CA VAL A 935 -13.21 -45.55 11.45
C VAL A 935 -13.62 -46.99 11.77
N GLU A 936 -14.57 -47.14 12.68
CA GLU A 936 -15.20 -48.42 12.98
C GLU A 936 -16.69 -48.19 13.16
N VAL A 937 -17.50 -49.04 12.56
CA VAL A 937 -18.95 -48.92 12.66
C VAL A 937 -19.45 -49.88 13.73
N VAL A 938 -20.52 -49.47 14.41
CA VAL A 938 -21.22 -50.30 15.38
C VAL A 938 -22.71 -50.19 15.10
N GLU A 939 -23.41 -51.32 15.09
CA GLU A 939 -24.83 -51.34 14.84
C GLU A 939 -25.59 -51.51 16.15
N MET A 940 -26.69 -50.78 16.27
CA MET A 940 -27.55 -50.82 17.44
C MET A 940 -28.99 -50.96 16.99
N HIS A 941 -29.84 -51.45 17.89
CA HIS A 941 -31.25 -51.55 17.58
C HIS A 941 -31.91 -50.18 17.66
N ASP A 942 -33.10 -50.08 17.08
CA ASP A 942 -33.81 -48.80 17.05
C ASP A 942 -34.41 -48.44 18.41
N SER A 943 -34.48 -49.39 19.33
CA SER A 943 -34.98 -49.14 20.67
C SER A 943 -33.90 -48.63 21.62
N ASP A 944 -32.71 -48.34 21.12
CA ASP A 944 -31.62 -47.83 21.94
C ASP A 944 -31.15 -46.45 21.53
N ILE A 945 -31.31 -46.06 20.27
CA ILE A 945 -30.94 -44.73 19.81
C ILE A 945 -32.20 -43.95 19.48
N SER A 946 -33.29 -44.27 20.18
CA SER A 946 -34.59 -43.69 19.87
C SER A 946 -34.66 -42.20 20.21
N ALA A 947 -33.81 -41.71 21.12
CA ALA A 947 -33.77 -40.28 21.39
C ALA A 947 -33.15 -39.50 20.25
N TYR A 948 -32.36 -40.16 19.40
CA TYR A 948 -31.71 -39.54 18.25
C TYR A 948 -32.49 -39.73 16.96
N THR A 949 -32.97 -40.95 16.71
CA THR A 949 -33.56 -41.30 15.42
C THR A 949 -35.03 -40.92 15.30
N TYR A 950 -35.60 -40.28 16.33
CA TYR A 950 -37.02 -39.99 16.32
C TYR A 950 -37.33 -38.82 15.39
N GLU A 951 -36.76 -37.65 15.67
CA GLU A 951 -37.01 -36.47 14.84
C GLU A 951 -35.89 -36.34 13.81
N ARG A 952 -35.89 -37.29 12.87
CA ARG A 952 -34.98 -37.24 11.74
C ARG A 952 -35.66 -36.59 10.55
N LEU A 954 -38.37 -35.21 9.87
CA LEU A 954 -39.05 -33.93 9.98
C LEU A 954 -38.02 -32.84 9.68
N MET A 955 -36.77 -33.08 10.11
CA MET A 955 -35.69 -32.11 10.00
C MET A 955 -34.62 -32.49 8.99
N MET A 956 -34.58 -33.74 8.54
CA MET A 956 -33.51 -34.20 7.65
C MET A 956 -33.65 -33.60 6.26
N GLU A 957 -34.88 -33.60 5.72
CA GLU A 957 -35.08 -32.98 4.42
C GLU A 957 -35.14 -31.46 4.54
N GLN A 958 -35.37 -30.95 5.75
CA GLN A 958 -35.26 -29.54 6.04
C GLN A 958 -33.80 -29.10 5.91
N ARG A 959 -32.87 -30.01 6.22
CA ARG A 959 -31.47 -29.79 5.89
C ARG A 959 -31.23 -29.92 4.40
N SER A 960 -32.01 -30.78 3.72
CA SER A 960 -31.87 -30.90 2.28
C SER A 960 -32.47 -29.70 1.55
N GLN A 961 -33.53 -29.13 2.12
CA GLN A 961 -34.17 -27.98 1.53
C GLN A 961 -33.30 -26.75 1.70
N MET A 962 -32.23 -26.91 2.46
CA MET A 962 -31.30 -25.81 2.71
C MET A 962 -29.91 -26.11 2.14
N LEU A 963 -29.66 -27.40 1.88
CA LEU A 963 -28.38 -27.83 1.33
C LEU A 963 -28.06 -27.11 0.04
N ARG A 964 -28.98 -27.20 -0.93
CA ARG A 964 -28.80 -26.55 -2.21
C ARG A 964 -28.45 -25.07 -2.06
N HIS A 965 -29.48 -24.24 -1.90
CA HIS A 965 -29.28 -22.81 -1.73
C HIS A 965 -28.27 -22.27 -2.73
N MET A 966 -26.99 -22.51 -2.46
CA MET A 966 -25.92 -22.05 -3.33
C MET A 966 -25.46 -23.15 -4.28
N ARG A 967 -24.40 -22.89 -5.02
CA ARG A 967 -23.85 -23.86 -5.96
C ARG A 967 -22.86 -24.78 -5.29
N LEU A 968 -22.85 -26.05 -5.71
CA LEU A 968 -21.94 -27.04 -5.14
C LEU A 968 -21.96 -28.33 -5.96
N SER A 969 -20.88 -28.56 -6.70
CA SER A 969 -20.77 -29.76 -7.53
C SER A 969 -20.65 -31.01 -6.66
N LYS A 970 -20.06 -32.06 -7.23
CA LYS A 970 -19.90 -33.32 -6.51
C LYS A 970 -18.49 -33.47 -5.93
N THR A 971 -17.55 -32.62 -6.33
CA THR A 971 -16.22 -32.66 -5.74
C THR A 971 -16.25 -31.99 -4.37
N GLU A 972 -17.31 -31.23 -4.06
CA GLU A 972 -17.53 -30.66 -2.74
C GLU A 972 -18.74 -31.26 -2.03
N ARG A 973 -19.58 -32.00 -2.75
CA ARG A 973 -20.69 -32.73 -2.13
C ARG A 973 -20.22 -34.09 -1.65
N ASP A 974 -18.97 -34.43 -1.94
CA ASP A 974 -18.35 -35.63 -1.38
C ASP A 974 -17.31 -35.28 -0.33
N ARG A 975 -17.26 -34.01 0.09
CA ARG A 975 -16.40 -33.58 1.18
C ARG A 975 -17.18 -33.29 2.46
N GLU A 976 -18.50 -33.15 2.38
CA GLU A 976 -19.30 -33.10 3.59
C GLU A 976 -19.50 -34.51 4.13
N ALA A 977 -19.16 -34.69 5.41
CA ALA A 977 -19.16 -36.02 6.01
C ALA A 977 -20.57 -36.56 6.21
N GLN A 978 -21.55 -35.69 6.43
CA GLN A 978 -22.93 -36.14 6.60
C GLN A 978 -23.52 -36.61 5.28
N LEU A 979 -23.07 -36.06 4.16
CA LEU A 979 -23.61 -36.46 2.87
C LEU A 979 -23.02 -37.78 2.39
N VAL A 980 -21.75 -38.03 2.66
CA VAL A 980 -21.15 -39.30 2.26
C VAL A 980 -21.58 -40.43 3.18
N LYS A 981 -22.01 -40.11 4.41
CA LYS A 981 -22.55 -41.13 5.31
C LYS A 981 -23.98 -41.49 4.96
N ASP A 982 -24.73 -40.58 4.35
CA ASP A 982 -26.15 -40.75 4.09
C ASP A 982 -26.47 -41.64 2.90
N ARG A 983 -25.48 -42.36 2.35
CA ARG A 983 -25.74 -43.36 1.32
C ARG A 983 -26.07 -44.68 2.03
N ASN A 984 -27.31 -44.77 2.47
CA ASN A 984 -27.78 -45.89 3.28
C ASN A 984 -29.25 -46.13 2.97
N SER A 985 -29.92 -46.87 3.85
CA SER A 985 -31.35 -47.21 3.77
C SER A 985 -31.74 -47.92 2.47
N VAL A 1007 -42.70 -49.13 21.43
CA VAL A 1007 -43.18 -48.97 20.07
C VAL A 1007 -43.55 -47.51 19.80
N HIS A 1008 -43.56 -46.69 20.85
CA HIS A 1008 -43.87 -45.27 20.72
C HIS A 1008 -42.68 -44.39 21.10
N MET A 1009 -42.08 -44.64 22.28
CA MET A 1009 -40.92 -43.93 22.82
C MET A 1009 -41.11 -42.42 22.99
N TRP A 1011 -40.70 -38.80 25.92
CA TRP A 1011 -39.84 -38.20 26.94
C TRP A 1011 -40.53 -38.13 28.30
N THR A 1012 -41.85 -38.24 28.30
CA THR A 1012 -42.65 -38.13 29.52
C THR A 1012 -43.17 -39.50 29.94
N LYS A 1013 -43.62 -39.58 31.18
CA LYS A 1013 -44.12 -40.83 31.74
C LYS A 1013 -45.65 -40.86 31.70
N VAL A 1043 -47.34 -49.87 25.84
CA VAL A 1043 -46.97 -49.44 24.50
C VAL A 1043 -46.31 -48.08 24.53
N ARG A 1044 -46.06 -47.57 25.74
CA ARG A 1044 -45.39 -46.30 25.94
C ARG A 1044 -44.18 -46.51 26.82
N ARG A 1045 -42.99 -46.29 26.27
CA ARG A 1045 -41.75 -46.49 26.98
C ARG A 1045 -40.96 -45.19 27.00
N MET A 1046 -40.04 -45.09 27.96
CA MET A 1046 -39.22 -43.91 28.14
C MET A 1046 -37.96 -44.01 27.27
N HIS A 1047 -37.35 -42.86 27.01
CA HIS A 1047 -36.08 -42.79 26.31
C HIS A 1047 -34.98 -43.20 27.27
N THR A 1048 -34.50 -44.43 27.16
CA THR A 1048 -33.46 -44.95 28.04
C THR A 1048 -32.09 -44.82 27.38
N ALA A 1049 -31.06 -44.89 28.21
CA ALA A 1049 -29.69 -44.79 27.71
C ALA A 1049 -28.75 -45.79 28.38
N VAL A 1050 -29.28 -46.83 29.03
CA VAL A 1050 -28.41 -47.79 29.70
C VAL A 1050 -27.79 -48.77 28.72
N LYS A 1051 -28.31 -48.88 27.50
CA LYS A 1051 -27.70 -49.72 26.48
C LYS A 1051 -26.75 -48.96 25.58
N LEU A 1052 -26.88 -47.65 25.50
CA LEU A 1052 -25.95 -46.84 24.70
C LEU A 1052 -24.69 -46.52 25.48
N ASN A 1053 -24.79 -46.37 26.80
CA ASN A 1053 -23.64 -45.97 27.59
C ASN A 1053 -22.66 -47.12 27.79
N GLU A 1054 -23.16 -48.34 27.92
CA GLU A 1054 -22.27 -49.47 28.16
C GLU A 1054 -21.51 -49.92 26.93
N VAL A 1055 -21.86 -49.41 25.74
CA VAL A 1055 -21.03 -49.64 24.56
C VAL A 1055 -20.10 -48.45 24.29
N ILE A 1056 -20.35 -47.30 24.91
CA ILE A 1056 -19.40 -46.20 24.85
C ILE A 1056 -18.29 -46.41 25.88
N VAL A 1057 -18.66 -46.79 27.11
CA VAL A 1057 -17.67 -46.98 28.17
C VAL A 1057 -16.89 -48.28 27.97
N ASN A 1058 -17.35 -49.17 27.10
CA ASN A 1058 -16.61 -50.38 26.81
C ASN A 1058 -15.40 -50.11 25.91
N LYS A 1059 -15.41 -49.01 25.17
CA LYS A 1059 -14.33 -48.69 24.24
C LYS A 1059 -13.70 -47.33 24.45
N SER A 1060 -14.34 -46.40 25.16
CA SER A 1060 -13.84 -45.04 25.26
C SER A 1060 -13.45 -44.66 26.69
N HIS A 1061 -13.31 -45.63 27.59
CA HIS A 1061 -12.64 -45.32 28.84
C HIS A 1061 -11.14 -45.24 28.59
N GLU A 1062 -10.45 -44.55 29.51
CA GLU A 1062 -9.04 -44.10 29.39
C GLU A 1062 -8.72 -43.58 27.98
N ALA A 1063 -9.54 -42.65 27.51
CA ALA A 1063 -9.40 -42.10 26.17
C ALA A 1063 -9.23 -40.60 26.12
N LYS A 1064 -9.12 -39.93 27.28
CA LYS A 1064 -8.61 -38.57 27.47
C LYS A 1064 -9.48 -37.45 26.91
N LEU A 1065 -10.46 -37.77 26.07
CA LEU A 1065 -11.49 -36.87 25.56
C LEU A 1065 -12.50 -37.71 24.81
N VAL A 1066 -13.79 -37.46 25.04
CA VAL A 1066 -14.86 -38.14 24.33
C VAL A 1066 -15.79 -37.07 23.77
N LEU A 1067 -15.94 -37.05 22.45
CA LEU A 1067 -16.88 -36.16 21.77
C LEU A 1067 -18.08 -36.98 21.32
N LEU A 1068 -19.27 -36.58 21.74
CA LEU A 1068 -20.48 -37.24 21.28
C LEU A 1068 -21.58 -36.20 21.20
N ASN A 1069 -22.44 -36.35 20.20
CA ASN A 1069 -23.55 -35.42 20.04
C ASN A 1069 -24.70 -35.75 20.96
N MET A 1070 -25.31 -34.71 21.53
CA MET A 1070 -26.40 -34.84 22.48
C MET A 1070 -27.74 -34.74 21.77
N PRO A 1071 -28.78 -35.42 22.26
CA PRO A 1071 -30.10 -35.28 21.64
C PRO A 1071 -30.73 -33.96 22.02
N GLY A 1072 -31.75 -33.60 21.26
CA GLY A 1072 -32.47 -32.37 21.50
C GLY A 1072 -33.36 -32.44 22.71
N PRO A 1073 -33.72 -31.29 23.27
CA PRO A 1073 -34.68 -31.25 24.38
C PRO A 1073 -36.07 -31.65 23.89
N PRO A 1074 -36.96 -32.06 24.79
CA PRO A 1074 -38.30 -32.44 24.36
C PRO A 1074 -39.09 -31.25 23.83
N ARG A 1075 -40.16 -31.58 23.08
CA ARG A 1075 -40.98 -30.55 22.44
C ARG A 1075 -41.74 -29.71 23.45
N ASN A 1076 -41.97 -30.25 24.63
CA ASN A 1076 -42.70 -29.54 25.68
C ASN A 1076 -41.99 -29.75 27.01
N PRO A 1077 -42.33 -28.99 28.04
CA PRO A 1077 -41.92 -29.36 29.41
C PRO A 1077 -42.70 -30.56 29.94
N GLU A 1078 -42.54 -30.81 31.25
CA GLU A 1078 -42.90 -32.05 31.96
C GLU A 1078 -42.05 -33.23 31.50
N GLY A 1079 -40.87 -32.94 30.95
CA GLY A 1079 -39.90 -33.95 30.58
C GLY A 1079 -38.50 -33.42 30.77
N ASP A 1080 -38.38 -32.27 31.43
CA ASP A 1080 -37.06 -31.63 31.57
C ASP A 1080 -36.18 -32.38 32.56
N GLU A 1081 -36.77 -32.93 33.62
CA GLU A 1081 -35.98 -33.71 34.56
C GLU A 1081 -35.64 -35.09 34.03
N ASN A 1082 -36.45 -35.63 33.10
CA ASN A 1082 -36.06 -36.86 32.42
C ASN A 1082 -34.98 -36.62 31.39
N TYR A 1083 -34.85 -35.38 30.90
CA TYR A 1083 -33.79 -35.05 29.96
C TYR A 1083 -32.45 -34.89 30.68
N MET A 1084 -32.47 -34.35 31.91
CA MET A 1084 -31.25 -34.23 32.67
C MET A 1084 -30.78 -35.59 33.18
N GLU A 1085 -31.70 -36.53 33.39
CA GLU A 1085 -31.32 -37.87 33.81
C GLU A 1085 -30.87 -38.72 32.63
N PHE A 1086 -31.30 -38.39 31.41
CA PHE A 1086 -30.76 -39.04 30.22
C PHE A 1086 -29.30 -38.69 30.02
N LEU A 1087 -28.95 -37.42 30.22
CA LEU A 1087 -27.59 -36.95 30.02
C LEU A 1087 -26.65 -37.35 31.14
N GLU A 1088 -27.17 -37.79 32.29
CA GLU A 1088 -26.31 -38.19 33.38
C GLU A 1088 -25.92 -39.66 33.26
N VAL A 1089 -26.84 -40.53 32.84
CA VAL A 1089 -26.50 -41.93 32.66
C VAL A 1089 -25.85 -42.20 31.32
N LEU A 1090 -25.82 -41.22 30.42
CA LEU A 1090 -25.15 -41.39 29.14
C LEU A 1090 -23.65 -41.19 29.27
N THR A 1091 -23.24 -40.19 30.05
CA THR A 1091 -21.82 -39.87 30.25
C THR A 1091 -21.31 -40.38 31.58
N GLU A 1092 -21.78 -41.54 32.02
CA GLU A 1092 -21.38 -42.11 33.30
C GLU A 1092 -20.13 -42.94 33.10
N GLY A 1093 -19.07 -42.60 33.83
CA GLY A 1093 -17.84 -43.37 33.79
C GLY A 1093 -16.80 -42.88 32.81
N LEU A 1094 -16.89 -41.64 32.34
CA LEU A 1094 -15.90 -41.06 31.46
C LEU A 1094 -15.27 -39.84 32.13
N GLU A 1095 -13.99 -39.63 31.88
CA GLU A 1095 -13.25 -38.58 32.58
C GLU A 1095 -13.59 -37.20 32.04
N ARG A 1096 -13.29 -36.96 30.76
CA ARG A 1096 -13.55 -35.70 30.10
C ARG A 1096 -14.50 -35.92 28.94
N VAL A 1097 -15.69 -35.32 29.02
CA VAL A 1097 -16.70 -35.42 27.98
C VAL A 1097 -16.98 -34.02 27.44
N LEU A 1098 -17.15 -33.92 26.12
CA LEU A 1098 -17.57 -32.68 25.47
C LEU A 1098 -18.81 -33.00 24.65
N LEU A 1099 -19.96 -32.45 25.05
CA LEU A 1099 -21.21 -32.67 24.33
C LEU A 1099 -21.36 -31.62 23.25
N VAL A 1100 -21.67 -32.07 22.04
CA VAL A 1100 -21.77 -31.20 20.86
C VAL A 1100 -23.22 -31.18 20.41
N ARG A 1101 -23.70 -30.00 20.00
CA ARG A 1101 -25.02 -29.88 19.42
C ARG A 1101 -24.94 -28.95 18.23
N GLY A 1102 -25.39 -29.43 17.07
CA GLY A 1102 -25.33 -28.63 15.87
C GLY A 1102 -26.49 -27.64 15.78
N GLY A 1103 -26.21 -26.49 15.19
CA GLY A 1103 -27.24 -25.49 15.00
C GLY A 1103 -28.23 -25.85 13.91
N GLY A 1104 -27.80 -26.65 12.94
CA GLY A 1104 -28.67 -27.03 11.84
C GLY A 1104 -28.09 -26.65 10.49
N SER A 1105 -27.34 -25.55 10.46
CA SER A 1105 -26.77 -25.02 9.22
C SER A 1105 -25.25 -24.95 9.37
N GLU A 1106 -24.58 -26.08 9.15
CA GLU A 1106 -23.13 -26.17 9.28
C GLU A 1106 -22.63 -27.14 8.21
N VAL A 1107 -22.12 -26.59 7.11
CA VAL A 1107 -21.54 -27.38 6.03
C VAL A 1107 -20.05 -27.07 5.97
N ILE A 1108 -19.22 -28.10 6.08
CA ILE A 1108 -17.77 -27.95 6.09
C ILE A 1108 -17.21 -28.72 4.91
N THR A 1109 -16.50 -28.02 4.02
CA THR A 1109 -15.92 -28.63 2.84
C THR A 1109 -14.40 -28.63 2.82
N ILE A 1110 -13.76 -27.73 3.56
CA ILE A 1110 -12.31 -27.64 3.60
C ILE A 1110 -11.86 -27.75 5.05
N TYR A 1111 -11.06 -28.78 5.34
CA TYR A 1111 -10.55 -28.98 6.70
C TYR A 1111 -9.17 -28.33 6.82
N SER A 1112 -9.20 -27.00 6.82
CA SER A 1112 -8.02 -26.11 6.90
C SER A 1112 -6.96 -26.42 5.83
N ASN B 113 39.54 -27.94 25.47
CA ASN B 113 39.59 -28.36 24.07
C ASN B 113 38.35 -29.14 23.70
N ARG B 114 37.42 -29.24 24.65
CA ARG B 114 36.19 -30.00 24.47
C ARG B 114 35.10 -29.23 23.74
N MET B 115 35.38 -28.01 23.31
CA MET B 115 34.42 -27.23 22.53
C MET B 115 34.71 -27.41 21.04
N ALA B 116 34.36 -28.60 20.55
CA ALA B 116 34.48 -28.94 19.15
C ALA B 116 33.12 -28.99 18.45
N ASN B 117 32.06 -28.60 19.14
CA ASN B 117 30.73 -28.52 18.54
C ASN B 117 30.47 -27.07 18.09
N TYR B 118 31.27 -26.63 17.14
CA TYR B 118 31.24 -25.23 16.72
C TYR B 118 30.01 -24.93 15.89
N THR B 119 29.76 -25.73 14.84
CA THR B 119 28.52 -25.87 14.05
C THR B 119 27.89 -24.52 13.65
N ASN B 120 28.59 -23.84 12.73
CA ASN B 120 28.10 -22.58 12.17
C ASN B 120 26.88 -22.73 11.24
N LEU B 121 26.33 -23.93 11.07
CA LEU B 121 25.21 -24.17 10.17
C LEU B 121 23.91 -23.64 10.78
N THR B 122 22.80 -23.85 10.05
CA THR B 122 21.50 -23.29 10.38
C THR B 122 20.71 -24.25 11.27
N GLN B 123 19.91 -23.67 12.16
CA GLN B 123 19.07 -24.47 13.05
C GLN B 123 17.96 -25.18 12.27
N GLY B 124 17.06 -24.41 11.67
CA GLY B 124 15.98 -24.97 10.87
C GLY B 124 14.95 -25.74 11.68
N ALA B 125 14.15 -26.52 10.95
CA ALA B 125 13.21 -27.43 11.57
C ALA B 125 13.94 -28.64 12.14
N LYS B 126 13.16 -29.48 12.87
CA LYS B 126 13.51 -30.65 13.68
C LYS B 126 14.21 -30.24 14.98
N GLU B 127 14.62 -28.97 15.08
CA GLU B 127 15.13 -28.41 16.32
C GLU B 127 14.21 -27.30 16.83
N HIS B 128 13.05 -27.14 16.19
CA HIS B 128 11.97 -26.28 16.68
C HIS B 128 10.88 -27.07 17.38
N GLU B 129 10.53 -28.25 16.85
CA GLU B 129 9.53 -29.09 17.50
C GLU B 129 10.07 -29.77 18.74
N GLU B 130 11.38 -29.96 18.85
CA GLU B 130 11.95 -30.54 20.06
C GLU B 130 11.93 -29.55 21.21
N ALA B 131 11.93 -28.25 20.91
CA ALA B 131 11.82 -27.23 21.95
C ALA B 131 10.38 -26.98 22.38
N GLU B 132 9.41 -27.63 21.74
CA GLU B 132 8.01 -27.51 22.12
C GLU B 132 7.47 -28.84 22.63
N ASN B 133 8.34 -29.68 23.19
CA ASN B 133 7.93 -30.97 23.72
C ASN B 133 8.29 -31.08 25.19
N GLN B 146 24.97 -25.61 26.28
CA GLN B 146 24.70 -24.24 25.90
C GLN B 146 25.89 -23.63 25.17
N MET B 147 25.76 -22.36 24.77
CA MET B 147 26.79 -21.66 24.04
C MET B 147 26.86 -20.22 24.54
N GLY B 148 27.91 -19.53 24.14
CA GLY B 148 28.09 -18.15 24.57
C GLY B 148 28.07 -17.15 23.44
N THR B 149 28.50 -15.93 23.71
CA THR B 149 28.49 -14.89 22.68
C THR B 149 29.62 -15.08 21.68
N PHE B 150 30.76 -15.59 22.12
CA PHE B 150 31.88 -15.75 21.19
C PHE B 150 31.67 -16.94 20.27
N MET B 151 31.36 -18.11 20.83
CA MET B 151 31.27 -19.32 20.04
C MET B 151 29.87 -19.57 19.49
N GLY B 152 28.89 -18.75 19.82
CA GLY B 152 27.54 -19.01 19.35
C GLY B 152 27.00 -18.04 18.31
N VAL B 153 27.28 -16.75 18.46
CA VAL B 153 26.74 -15.72 17.58
C VAL B 153 27.83 -14.95 16.84
N TYR B 154 28.95 -14.65 17.51
CA TYR B 154 29.99 -13.84 16.89
C TYR B 154 30.74 -14.62 15.80
N LEU B 155 31.26 -15.78 16.14
CA LEU B 155 32.03 -16.55 15.17
C LEU B 155 31.22 -17.16 14.03
N PRO B 156 29.98 -17.65 14.19
CA PRO B 156 29.23 -18.05 12.99
C PRO B 156 28.84 -16.89 12.09
N CYS B 157 28.66 -15.69 12.63
CA CYS B 157 28.40 -14.53 11.79
C CYS B 157 29.66 -14.03 11.10
N LEU B 158 30.84 -14.33 11.64
CA LEU B 158 32.09 -13.91 11.02
C LEU B 158 32.50 -14.83 9.88
N GLN B 159 32.14 -16.10 9.96
CA GLN B 159 32.56 -17.06 8.95
C GLN B 159 31.71 -16.98 7.69
N ASN B 160 30.47 -16.55 7.81
CA ASN B 160 29.55 -16.49 6.67
C ASN B 160 29.56 -15.15 5.97
N ILE B 161 30.30 -14.17 6.47
CA ILE B 161 30.42 -12.88 5.78
C ILE B 161 31.64 -12.86 4.88
N PHE B 162 32.78 -13.38 5.35
CA PHE B 162 33.98 -13.44 4.52
C PHE B 162 33.80 -14.47 3.41
N GLY B 163 34.11 -14.07 2.18
CA GLY B 163 33.84 -14.91 1.03
C GLY B 163 34.90 -14.83 -0.05
N VAL B 164 34.46 -14.64 -1.30
CA VAL B 164 35.37 -14.69 -2.44
C VAL B 164 35.69 -13.31 -3.01
N ILE B 165 34.90 -12.29 -2.69
CA ILE B 165 35.16 -10.96 -3.23
C ILE B 165 36.39 -10.35 -2.56
N LEU B 166 36.65 -10.71 -1.30
CA LEU B 166 37.83 -10.21 -0.60
C LEU B 166 39.12 -10.74 -1.22
N PHE B 167 39.09 -11.92 -1.82
CA PHE B 167 40.27 -12.51 -2.41
C PHE B 167 40.32 -12.39 -3.93
N LEU B 168 39.20 -12.62 -4.63
CA LEU B 168 39.25 -12.67 -6.08
C LEU B 168 38.99 -11.33 -6.75
N ARG B 169 38.25 -10.43 -6.12
CA ARG B 169 37.77 -9.25 -6.81
C ARG B 169 37.98 -7.94 -6.09
N LEU B 170 38.55 -7.92 -4.89
CA LEU B 170 38.71 -6.66 -4.19
C LEU B 170 39.85 -5.82 -4.76
N THR B 171 40.89 -6.47 -5.29
CA THR B 171 41.97 -5.73 -5.94
C THR B 171 41.50 -5.06 -7.23
N TRP B 172 40.56 -5.69 -7.93
CA TRP B 172 40.00 -5.10 -9.14
C TRP B 172 39.03 -3.97 -8.83
N VAL B 173 38.43 -3.97 -7.64
CA VAL B 173 37.54 -2.90 -7.22
C VAL B 173 38.35 -1.69 -6.74
N VAL B 174 39.58 -1.91 -6.26
CA VAL B 174 40.42 -0.78 -5.87
C VAL B 174 41.16 -0.22 -7.08
N GLY B 175 41.59 -1.08 -7.99
CA GLY B 175 42.34 -0.67 -9.16
C GLY B 175 41.54 0.18 -10.13
N THR B 176 40.42 -0.35 -10.59
CA THR B 176 39.37 0.49 -11.15
C THR B 176 38.85 1.41 -10.05
N ALA B 177 38.46 2.63 -10.42
CA ALA B 177 37.82 3.64 -9.57
C ALA B 177 38.70 4.22 -8.47
N GLY B 178 39.92 3.71 -8.30
CA GLY B 178 40.86 4.31 -7.37
C GLY B 178 40.50 4.11 -5.90
N VAL B 179 41.32 4.70 -5.05
CA VAL B 179 41.14 4.56 -3.61
C VAL B 179 39.95 5.38 -3.12
N LEU B 180 39.83 6.62 -3.61
CA LEU B 180 38.84 7.56 -3.10
C LEU B 180 37.40 7.18 -3.44
N GLN B 181 37.18 6.38 -4.49
CA GLN B 181 35.83 5.93 -4.80
C GLN B 181 35.56 4.50 -4.37
N ALA B 182 36.59 3.67 -4.22
CA ALA B 182 36.37 2.35 -3.63
C ALA B 182 36.21 2.43 -2.12
N PHE B 183 36.61 3.54 -1.50
CA PHE B 183 36.29 3.77 -0.10
C PHE B 183 34.82 4.09 0.09
N ALA B 184 34.20 4.74 -0.89
CA ALA B 184 32.79 5.07 -0.80
C ALA B 184 31.89 3.91 -1.18
N ILE B 185 32.41 2.90 -1.89
CA ILE B 185 31.61 1.74 -2.23
C ILE B 185 31.46 0.84 -1.00
N VAL B 186 32.54 0.67 -0.24
CA VAL B 186 32.50 -0.17 0.94
C VAL B 186 31.72 0.50 2.07
N LEU B 187 31.90 1.82 2.22
CA LEU B 187 31.25 2.54 3.32
C LEU B 187 29.74 2.64 3.12
N ILE B 188 29.28 2.69 1.87
CA ILE B 188 27.85 2.71 1.59
C ILE B 188 27.25 1.33 1.84
N CYS B 189 27.96 0.28 1.41
CA CYS B 189 27.42 -1.06 1.54
C CYS B 189 27.49 -1.57 2.97
N CYS B 190 28.47 -1.12 3.75
CA CYS B 190 28.57 -1.58 5.13
C CYS B 190 27.60 -0.87 6.05
N CYS B 191 27.30 0.41 5.79
CA CYS B 191 26.30 1.09 6.60
C CYS B 191 24.89 0.70 6.21
N CYS B 192 24.69 0.11 5.03
CA CYS B 192 23.39 -0.43 4.67
C CYS B 192 23.04 -1.65 5.50
N THR B 193 24.00 -2.54 5.71
CA THR B 193 23.77 -3.76 6.47
C THR B 193 24.03 -3.59 7.95
N MET B 194 24.56 -2.45 8.37
CA MET B 194 24.65 -2.15 9.80
C MET B 194 23.30 -1.71 10.35
N LEU B 195 22.59 -0.86 9.61
CA LEU B 195 21.28 -0.38 10.04
C LEU B 195 20.23 -1.48 9.99
N THR B 196 20.44 -2.52 9.18
CA THR B 196 19.56 -3.68 9.21
C THR B 196 19.84 -4.55 10.42
N ALA B 197 21.08 -4.56 10.91
CA ALA B 197 21.41 -5.33 12.10
C ALA B 197 20.91 -4.69 13.38
N ILE B 198 20.47 -3.43 13.35
CA ILE B 198 19.82 -2.85 14.50
C ILE B 198 18.34 -3.21 14.52
N SER B 199 17.70 -3.21 13.34
CA SER B 199 16.33 -3.69 13.24
C SER B 199 16.23 -5.18 13.49
N MET B 200 17.25 -5.95 13.08
CA MET B 200 17.27 -7.38 13.38
C MET B 200 17.53 -7.63 14.86
N SER B 201 18.21 -6.70 15.54
CA SER B 201 18.45 -6.84 16.96
C SER B 201 17.23 -6.45 17.78
N ALA B 202 16.42 -5.51 17.29
CA ALA B 202 15.19 -5.16 17.98
C ALA B 202 14.13 -6.24 17.87
N ILE B 203 14.25 -7.14 16.88
CA ILE B 203 13.34 -8.27 16.77
C ILE B 203 13.65 -9.30 17.85
N ALA B 204 14.94 -9.56 18.08
CA ALA B 204 15.33 -10.61 19.02
C ALA B 204 15.06 -10.24 20.47
N THR B 205 14.93 -8.96 20.80
CA THR B 205 14.65 -8.51 22.15
C THR B 205 13.22 -8.02 22.29
N ASN B 206 12.28 -8.65 21.59
CA ASN B 206 10.87 -8.32 21.72
C ASN B 206 10.07 -9.48 22.29
N GLY B 207 10.14 -10.65 21.67
CA GLY B 207 9.35 -11.78 22.12
C GLY B 207 10.04 -12.61 23.17
N VAL B 208 10.11 -13.91 22.95
CA VAL B 208 10.70 -14.83 23.93
C VAL B 208 11.73 -15.69 23.18
N VAL B 209 12.14 -15.19 22.02
CA VAL B 209 13.17 -15.72 21.09
C VAL B 209 13.04 -17.22 20.87
N PRO B 210 12.13 -17.64 19.98
CA PRO B 210 11.94 -19.07 19.70
C PRO B 210 13.17 -19.71 19.08
N ALA B 211 13.19 -21.03 19.10
CA ALA B 211 14.39 -21.79 18.78
C ALA B 211 14.20 -22.50 17.44
N GLY B 212 14.40 -21.78 16.36
CA GLY B 212 14.39 -22.40 15.05
C GLY B 212 15.34 -21.80 14.03
N GLY B 213 16.09 -20.79 14.42
CA GLY B 213 16.89 -20.03 13.50
C GLY B 213 16.31 -18.66 13.22
N SER B 214 16.62 -18.14 12.03
CA SER B 214 16.23 -16.78 11.68
C SER B 214 14.84 -16.69 11.08
N TYR B 215 14.33 -17.78 10.51
CA TYR B 215 12.99 -17.74 9.94
C TYR B 215 11.93 -17.74 11.03
N PHE B 216 12.13 -18.55 12.08
CA PHE B 216 11.16 -18.61 13.16
C PHE B 216 11.23 -17.40 14.07
N MET B 217 12.35 -16.69 14.08
CA MET B 217 12.45 -15.50 14.92
C MET B 217 11.78 -14.29 14.30
N ILE B 218 11.69 -14.26 12.96
CA ILE B 218 11.04 -13.16 12.26
C ILE B 218 9.55 -13.41 12.12
N SER B 219 9.16 -14.66 11.83
CA SER B 219 7.76 -15.00 11.59
C SER B 219 6.91 -14.98 12.85
N ARG B 220 7.49 -14.79 14.02
CA ARG B 220 6.72 -14.62 15.24
C ARG B 220 6.71 -13.18 15.74
N ALA B 221 7.77 -12.43 15.47
CA ALA B 221 7.80 -11.02 15.88
C ALA B 221 7.06 -10.14 14.90
N LEU B 222 7.28 -10.34 13.60
CA LEU B 222 6.55 -9.64 12.57
C LEU B 222 5.29 -10.36 12.14
N GLY B 223 4.92 -11.44 12.84
CA GLY B 223 3.77 -12.23 12.51
C GLY B 223 3.95 -13.00 11.23
N PRO B 224 2.88 -13.56 10.69
CA PRO B 224 2.94 -14.11 9.33
C PRO B 224 2.89 -12.99 8.31
N GLU B 225 2.97 -13.36 7.02
CA GLU B 225 2.92 -12.52 5.81
C GLU B 225 4.20 -11.71 5.63
N PHE B 226 5.06 -11.70 6.65
CA PHE B 226 6.44 -11.30 6.53
C PHE B 226 7.37 -12.46 6.85
N GLY B 227 6.82 -13.65 7.08
CA GLY B 227 7.61 -14.87 7.06
C GLY B 227 7.87 -15.23 5.62
N GLY B 228 6.79 -15.40 4.85
CA GLY B 228 6.91 -15.31 3.41
C GLY B 228 7.21 -13.89 2.99
N ALA B 229 7.84 -13.76 1.82
CA ALA B 229 8.39 -12.56 1.18
C ALA B 229 9.64 -12.03 1.89
N VAL B 230 10.00 -12.62 3.03
CA VAL B 230 11.32 -12.50 3.61
C VAL B 230 12.03 -13.85 3.58
N GLY B 231 11.32 -14.92 3.97
CA GLY B 231 11.90 -16.24 3.88
C GLY B 231 12.00 -16.76 2.46
N LEU B 232 11.17 -16.25 1.56
CA LEU B 232 11.28 -16.64 0.16
C LEU B 232 12.27 -15.79 -0.61
N CYS B 233 12.48 -14.54 -0.21
CA CYS B 233 13.57 -13.75 -0.76
C CYS B 233 14.92 -14.14 -0.17
N PHE B 234 14.92 -14.77 1.00
CA PHE B 234 16.16 -15.30 1.57
C PHE B 234 16.49 -16.67 0.98
N TYR B 235 15.49 -17.44 0.58
CA TYR B 235 15.75 -18.74 -0.02
C TYR B 235 16.32 -18.61 -1.42
N LEU B 236 15.82 -17.64 -2.20
CA LEU B 236 16.38 -17.40 -3.52
C LEU B 236 17.73 -16.73 -3.45
N GLY B 237 17.99 -15.98 -2.37
CA GLY B 237 19.27 -15.30 -2.24
C GLY B 237 20.42 -16.24 -1.94
N THR B 238 20.17 -17.26 -1.12
CA THR B 238 21.22 -18.23 -0.81
C THR B 238 21.30 -19.35 -1.82
N THR B 239 20.29 -19.54 -2.66
CA THR B 239 20.39 -20.52 -3.74
C THR B 239 21.29 -20.01 -4.85
N PHE B 240 21.19 -18.72 -5.17
CA PHE B 240 22.11 -18.12 -6.13
C PHE B 240 23.45 -17.79 -5.51
N ALA B 241 23.56 -17.78 -4.19
CA ALA B 241 24.86 -17.67 -3.55
C ALA B 241 25.62 -18.98 -3.64
N ALA B 242 24.91 -20.12 -3.69
CA ALA B 242 25.58 -21.40 -3.84
C ALA B 242 26.09 -21.60 -5.26
N ALA B 243 25.47 -20.95 -6.24
CA ALA B 243 25.99 -20.97 -7.60
C ALA B 243 27.13 -19.98 -7.80
N MET B 244 27.35 -19.08 -6.84
CA MET B 244 28.39 -18.09 -6.94
C MET B 244 29.70 -18.57 -6.36
N TYR B 245 29.64 -19.31 -5.24
CA TYR B 245 30.85 -19.90 -4.69
C TYR B 245 31.35 -21.05 -5.56
N ILE B 246 30.45 -21.80 -6.20
CA ILE B 246 30.89 -22.87 -7.07
C ILE B 246 31.54 -22.31 -8.33
N LEU B 247 30.98 -21.24 -8.87
CA LEU B 247 31.63 -20.54 -9.98
C LEU B 247 32.91 -19.85 -9.52
N GLY B 248 32.98 -19.43 -8.26
CA GLY B 248 34.21 -18.88 -7.74
C GLY B 248 35.28 -19.92 -7.53
N ALA B 249 34.89 -21.16 -7.21
CA ALA B 249 35.86 -22.20 -6.93
C ALA B 249 36.47 -22.79 -8.20
N ILE B 250 35.71 -22.83 -9.29
CA ILE B 250 36.25 -23.32 -10.56
C ILE B 250 37.25 -22.32 -11.13
N GLU B 251 37.06 -21.03 -10.86
CA GLU B 251 38.00 -20.01 -11.34
C GLU B 251 39.34 -20.12 -10.63
N ILE B 252 39.34 -20.48 -9.34
CA ILE B 252 40.59 -20.77 -8.63
C ILE B 252 41.16 -22.11 -9.02
N PHE B 253 40.38 -22.95 -9.72
CA PHE B 253 40.87 -24.24 -10.19
C PHE B 253 41.44 -24.15 -11.60
N LEU B 254 40.71 -23.51 -12.53
CA LEU B 254 41.15 -23.47 -13.91
C LEU B 254 42.29 -22.48 -14.11
N VAL B 255 42.28 -21.38 -13.37
CA VAL B 255 43.41 -20.49 -13.28
C VAL B 255 44.07 -20.79 -11.93
N TYR B 256 45.36 -20.43 -11.81
CA TYR B 256 46.16 -20.44 -10.58
C TYR B 256 46.46 -21.82 -9.98
N ILE B 257 45.88 -22.89 -10.50
CA ILE B 257 46.22 -24.22 -10.01
C ILE B 257 46.67 -25.09 -11.18
N VAL B 258 45.77 -25.33 -12.13
CA VAL B 258 46.07 -26.14 -13.30
C VAL B 258 45.50 -25.49 -14.56
N PRO B 259 46.23 -24.55 -15.18
CA PRO B 259 45.84 -24.02 -16.50
C PRO B 259 46.24 -24.94 -17.66
N ARG B 260 45.96 -26.23 -17.49
CA ARG B 260 46.27 -27.26 -18.48
C ARG B 260 45.12 -28.24 -18.69
N ALA B 261 44.16 -28.30 -17.78
CA ALA B 261 43.05 -29.24 -17.84
C ALA B 261 41.76 -28.57 -18.29
N ALA B 262 41.86 -27.61 -19.22
CA ALA B 262 40.67 -27.06 -19.84
C ALA B 262 40.13 -28.04 -20.88
N ILE B 263 38.88 -27.81 -21.28
CA ILE B 263 38.20 -28.67 -22.24
C ILE B 263 38.03 -27.97 -23.58
N PHE B 264 37.74 -26.68 -23.56
CA PHE B 264 37.39 -25.94 -24.77
C PHE B 264 38.47 -24.92 -25.10
N HIS B 265 39.73 -25.35 -25.03
CA HIS B 265 40.87 -24.47 -25.33
C HIS B 265 40.91 -24.24 -26.84
N SER B 266 40.14 -23.24 -27.28
CA SER B 266 40.11 -22.91 -28.69
C SER B 266 41.40 -22.18 -29.08
N ASP B 267 41.59 -22.04 -30.39
CA ASP B 267 42.77 -21.38 -30.92
C ASP B 267 42.75 -19.89 -30.57
N ASP B 268 43.96 -19.30 -30.53
CA ASP B 268 44.12 -17.91 -30.14
C ASP B 268 43.54 -17.01 -31.23
N ALA B 269 42.41 -16.38 -30.93
CA ALA B 269 41.71 -15.57 -31.91
C ALA B 269 41.02 -14.44 -31.16
N LEU B 270 40.08 -13.77 -31.84
CA LEU B 270 39.40 -12.61 -31.27
C LEU B 270 38.40 -13.00 -30.18
N LYS B 271 38.00 -14.27 -30.11
CA LYS B 271 37.16 -14.74 -29.01
C LYS B 271 37.93 -15.77 -28.19
N GLU B 272 38.09 -15.46 -26.89
CA GLU B 272 38.56 -16.44 -25.92
C GLU B 272 37.77 -16.43 -24.63
N SER B 273 37.06 -15.34 -24.31
CA SER B 273 36.19 -15.35 -23.14
C SER B 273 35.00 -16.27 -23.35
N ALA B 274 34.52 -16.40 -24.60
CA ALA B 274 33.49 -17.38 -24.90
C ALA B 274 34.02 -18.81 -24.82
N ALA B 275 35.32 -19.01 -25.01
CA ALA B 275 35.93 -20.31 -24.76
C ALA B 275 36.24 -20.53 -23.28
N MET B 276 36.20 -19.48 -22.47
CA MET B 276 36.35 -19.62 -21.04
C MET B 276 35.03 -19.90 -20.34
N LEU B 277 33.92 -19.37 -20.87
CA LEU B 277 32.62 -19.61 -20.25
C LEU B 277 32.11 -21.01 -20.50
N ASN B 278 32.65 -21.72 -21.50
CA ASN B 278 32.27 -23.12 -21.70
C ASN B 278 33.01 -24.06 -20.78
N ASN B 279 34.18 -23.68 -20.28
CA ASN B 279 34.86 -24.52 -19.31
C ASN B 279 34.26 -24.40 -17.93
N MET B 280 33.65 -23.25 -17.61
CA MET B 280 32.96 -23.10 -16.33
C MET B 280 31.63 -23.83 -16.29
N ARG B 281 31.04 -24.11 -17.45
CA ARG B 281 29.76 -24.81 -17.47
C ARG B 281 29.92 -26.31 -17.27
N VAL B 282 30.92 -26.91 -17.90
CA VAL B 282 31.04 -28.37 -17.84
C VAL B 282 31.75 -28.80 -16.55
N TYR B 283 32.62 -27.95 -15.99
CA TYR B 283 33.20 -28.23 -14.69
C TYR B 283 32.33 -27.75 -13.54
N GLY B 284 31.44 -26.80 -13.80
CA GLY B 284 30.57 -26.29 -12.76
C GLY B 284 29.44 -27.26 -12.41
N THR B 285 28.83 -27.85 -13.43
CA THR B 285 27.76 -28.81 -13.17
C THR B 285 28.31 -30.12 -12.62
N ALA B 286 29.53 -30.49 -12.98
CA ALA B 286 30.16 -31.66 -12.38
C ALA B 286 30.63 -31.40 -10.95
N PHE B 287 30.73 -30.13 -10.55
CA PHE B 287 31.07 -29.77 -9.19
C PHE B 287 29.83 -29.53 -8.33
N LEU B 288 28.70 -29.17 -8.94
CA LEU B 288 27.47 -29.03 -8.19
C LEU B 288 26.90 -30.40 -7.82
N VAL B 289 26.96 -31.35 -8.74
CA VAL B 289 26.41 -32.68 -8.51
C VAL B 289 27.23 -33.48 -7.51
N LEU B 290 28.45 -33.06 -7.20
CA LEU B 290 29.24 -33.73 -6.18
C LEU B 290 29.02 -33.14 -4.80
N MET B 291 28.69 -31.85 -4.70
CA MET B 291 28.42 -31.26 -3.41
C MET B 291 26.99 -31.53 -2.94
N VAL B 292 26.07 -31.74 -3.87
CA VAL B 292 24.72 -32.18 -3.50
C VAL B 292 24.76 -33.58 -2.93
N LEU B 293 25.61 -34.44 -3.49
CA LEU B 293 25.78 -35.79 -2.98
C LEU B 293 26.43 -35.83 -1.60
N VAL B 294 27.18 -34.78 -1.24
CA VAL B 294 27.79 -34.73 0.09
C VAL B 294 26.71 -34.42 1.14
N VAL B 295 25.85 -33.45 0.84
CA VAL B 295 24.84 -32.99 1.81
C VAL B 295 23.79 -34.08 2.02
N PHE B 296 23.45 -34.80 0.96
CA PHE B 296 22.46 -35.87 1.06
C PHE B 296 22.96 -37.08 1.83
N ILE B 297 24.28 -37.25 1.94
CA ILE B 297 24.88 -38.40 2.59
C ILE B 297 25.58 -38.01 3.88
N GLY B 298 26.50 -37.05 3.82
CA GLY B 298 27.39 -36.77 4.92
C GLY B 298 27.22 -35.42 5.58
N VAL B 299 25.97 -35.03 5.85
CA VAL B 299 25.70 -33.73 6.44
C VAL B 299 26.19 -33.64 7.89
N ARG B 300 26.42 -34.78 8.55
CA ARG B 300 27.04 -34.76 9.86
C ARG B 300 28.54 -34.51 9.77
N TYR B 301 29.13 -34.72 8.60
CA TYR B 301 30.56 -34.51 8.42
C TYR B 301 30.89 -33.12 7.87
N VAL B 302 29.91 -32.45 7.26
CA VAL B 302 30.11 -31.04 6.91
C VAL B 302 29.84 -30.16 8.13
N ASN B 303 29.20 -30.70 9.16
CA ASN B 303 28.95 -29.96 10.39
C ASN B 303 30.10 -30.03 11.36
N LYS B 304 30.84 -31.15 11.39
CA LYS B 304 31.98 -31.26 12.27
C LYS B 304 33.18 -30.48 11.76
N PHE B 305 33.29 -30.28 10.45
CA PHE B 305 34.42 -29.60 9.85
C PHE B 305 34.20 -28.11 9.71
N ALA B 306 33.30 -27.53 10.51
CA ALA B 306 33.04 -26.10 10.40
C ALA B 306 34.19 -25.27 10.97
N SER B 307 34.90 -25.81 11.96
CA SER B 307 36.06 -25.11 12.50
C SER B 307 37.27 -25.21 11.59
N LEU B 308 37.31 -26.19 10.69
CA LEU B 308 38.42 -26.29 9.76
C LEU B 308 38.30 -25.26 8.64
N PHE B 309 37.08 -24.95 8.21
CA PHE B 309 36.90 -23.91 7.20
C PHE B 309 37.13 -22.52 7.78
N LEU B 310 36.89 -22.35 9.08
CA LEU B 310 37.13 -21.06 9.72
C LEU B 310 38.62 -20.77 9.85
N ALA B 311 39.43 -21.82 10.03
CA ALA B 311 40.87 -21.61 10.14
C ALA B 311 41.51 -21.25 8.81
N CYS B 312 40.88 -21.59 7.68
CA CYS B 312 41.41 -21.22 6.38
C CYS B 312 41.15 -19.76 6.02
N VAL B 313 40.23 -19.10 6.70
CA VAL B 313 39.95 -17.69 6.42
C VAL B 313 40.77 -16.78 7.32
N ILE B 314 40.98 -17.18 8.58
CA ILE B 314 41.67 -16.32 9.53
C ILE B 314 43.17 -16.25 9.22
N VAL B 315 43.78 -17.38 8.86
CA VAL B 315 45.20 -17.34 8.51
C VAL B 315 45.45 -16.75 7.14
N SER B 316 44.43 -16.56 6.33
CA SER B 316 44.62 -15.91 5.04
C SER B 316 44.55 -14.40 5.16
N ILE B 317 43.72 -13.88 6.06
CA ILE B 317 43.67 -12.44 6.28
C ILE B 317 44.92 -11.98 7.02
N LEU B 318 45.46 -12.80 7.92
CA LEU B 318 46.69 -12.44 8.61
C LEU B 318 47.90 -12.56 7.70
N ALA B 319 47.83 -13.42 6.69
CA ALA B 319 48.92 -13.50 5.71
C ALA B 319 48.97 -12.28 4.80
N ILE B 320 47.87 -11.56 4.64
CA ILE B 320 47.87 -10.35 3.83
C ILE B 320 48.42 -9.18 4.64
N TYR B 321 48.02 -9.07 5.92
CA TYR B 321 48.54 -8.01 6.77
C TYR B 321 50.00 -8.21 7.12
N ALA B 322 50.50 -9.44 7.07
CA ALA B 322 51.91 -9.68 7.33
C ALA B 322 52.77 -9.12 6.21
N GLY B 323 52.40 -9.41 4.96
CA GLY B 323 53.19 -8.98 3.82
C GLY B 323 53.07 -7.50 3.51
N ALA B 324 51.99 -6.85 3.93
CA ALA B 324 51.84 -5.43 3.68
C ALA B 324 52.62 -4.58 4.67
N ILE B 325 53.19 -5.17 5.71
CA ILE B 325 54.06 -4.46 6.63
C ILE B 325 55.49 -4.85 6.30
N LYS B 326 55.67 -6.07 5.77
CA LYS B 326 56.97 -6.50 5.27
C LYS B 326 57.40 -5.67 4.07
N SER B 327 56.46 -5.25 3.24
CA SER B 327 56.78 -4.52 2.02
C SER B 327 57.31 -3.12 2.28
N SER B 328 57.17 -2.60 3.50
CA SER B 328 57.82 -1.34 3.85
C SER B 328 59.31 -1.50 4.06
N PHE B 329 59.79 -2.74 4.26
CA PHE B 329 61.20 -3.01 4.42
C PHE B 329 61.80 -3.83 3.29
N ALA B 330 61.02 -4.73 2.69
CA ALA B 330 61.54 -5.64 1.67
C ALA B 330 60.41 -6.04 0.73
N PRO B 331 60.33 -5.42 -0.45
CA PRO B 331 59.28 -5.80 -1.41
C PRO B 331 59.56 -7.17 -2.02
N PRO B 332 58.53 -7.88 -2.47
CA PRO B 332 58.72 -9.27 -2.92
C PRO B 332 59.27 -9.44 -4.32
N HIS B 333 59.48 -8.35 -5.07
CA HIS B 333 60.12 -8.34 -6.40
C HIS B 333 59.35 -9.22 -7.41
N PHE B 334 58.17 -8.73 -7.77
CA PHE B 334 57.43 -9.29 -8.90
C PHE B 334 57.53 -8.34 -10.08
N PRO B 335 58.25 -8.68 -11.14
CA PRO B 335 58.43 -7.75 -12.25
C PRO B 335 57.32 -7.84 -13.29
N VAL B 336 57.18 -6.76 -14.06
CA VAL B 336 56.20 -6.67 -15.12
C VAL B 336 56.82 -5.93 -16.31
N CYS B 337 56.57 -6.43 -17.51
CA CYS B 337 57.17 -5.90 -18.72
C CYS B 337 56.28 -4.82 -19.32
N MET B 338 56.89 -3.69 -19.67
CA MET B 338 56.19 -2.58 -20.31
C MET B 338 56.87 -2.21 -21.61
N LEU B 339 56.07 -1.98 -22.64
CA LEU B 339 56.58 -1.43 -23.90
C LEU B 339 56.64 0.09 -23.86
N GLY B 340 56.30 0.68 -22.73
CA GLY B 340 56.30 2.13 -22.58
C GLY B 340 54.90 2.63 -22.79
N ASN B 341 54.20 2.96 -21.68
CA ASN B 341 52.80 3.39 -21.68
C ASN B 341 51.91 2.32 -22.33
N ARG B 342 52.27 1.06 -22.09
CA ARG B 342 51.49 -0.12 -22.49
C ARG B 342 52.00 -1.30 -21.69
N THR B 343 51.07 -2.09 -21.16
CA THR B 343 51.40 -3.21 -20.28
C THR B 343 51.26 -4.51 -21.05
N LEU B 344 52.29 -5.35 -20.99
CA LEU B 344 52.35 -6.58 -21.76
C LEU B 344 52.04 -7.78 -20.88
N SER B 345 51.51 -8.83 -21.51
CA SER B 345 51.24 -10.07 -20.81
C SER B 345 52.55 -10.79 -20.52
N SER B 346 52.85 -11.00 -19.25
CA SER B 346 54.16 -11.50 -18.86
C SER B 346 54.33 -12.99 -19.12
N ARG B 347 53.26 -13.72 -19.38
CA ARG B 347 53.41 -15.12 -19.76
C ARG B 347 53.84 -15.21 -21.23
N HIS B 348 54.24 -16.41 -21.63
CA HIS B 348 54.76 -16.80 -22.94
C HIS B 348 56.06 -16.11 -23.32
N ILE B 349 56.66 -15.31 -22.44
CA ILE B 349 57.94 -14.68 -22.70
C ILE B 349 58.93 -15.11 -21.61
N ASP B 350 60.21 -14.90 -21.89
CA ASP B 350 61.28 -15.26 -20.96
C ASP B 350 62.07 -14.07 -20.48
N VAL B 351 62.58 -13.25 -21.39
CA VAL B 351 63.35 -12.07 -21.01
C VAL B 351 62.55 -10.82 -21.38
N CYS B 352 62.97 -9.70 -20.79
CA CYS B 352 62.24 -8.44 -20.89
C CYS B 352 63.12 -7.35 -21.49
N SER B 353 63.91 -7.69 -22.50
CA SER B 353 64.78 -6.70 -23.11
C SER B 353 64.89 -6.79 -24.63
N LYS B 354 64.17 -7.72 -25.28
CA LYS B 354 64.08 -7.93 -26.73
C LYS B 354 65.44 -8.20 -27.41
N THR B 355 66.49 -8.49 -26.65
CA THR B 355 67.79 -8.83 -27.23
C THR B 355 68.15 -10.30 -27.05
N LYS B 356 68.06 -10.83 -25.82
CA LYS B 356 68.28 -12.24 -25.48
C LYS B 356 69.66 -12.73 -25.90
N GLU B 357 70.67 -12.18 -25.24
CA GLU B 357 72.03 -12.59 -25.53
C GLU B 357 72.31 -13.95 -24.89
N ILE B 358 72.84 -14.87 -25.68
CA ILE B 358 73.19 -16.17 -25.15
C ILE B 358 74.67 -16.16 -24.80
N ASN B 359 75.53 -16.05 -25.81
CA ASN B 359 76.92 -15.60 -25.65
C ASN B 359 77.36 -15.04 -27.00
N ASN B 360 77.21 -13.71 -27.16
CA ASN B 360 77.77 -12.98 -28.30
C ASN B 360 77.18 -13.50 -29.62
N MET B 361 75.92 -13.93 -29.54
CA MET B 361 75.09 -14.42 -30.63
C MET B 361 73.73 -13.77 -30.38
N THR B 362 73.50 -12.59 -30.97
CA THR B 362 72.35 -11.77 -30.59
C THR B 362 71.12 -12.17 -31.41
N VAL B 363 70.66 -13.38 -31.14
CA VAL B 363 69.37 -13.83 -31.69
C VAL B 363 68.25 -13.13 -30.94
N PRO B 364 67.32 -12.47 -31.64
CA PRO B 364 66.23 -11.77 -30.94
C PRO B 364 65.27 -12.71 -30.24
N SER B 365 64.63 -12.19 -29.19
CA SER B 365 63.90 -13.00 -28.23
C SER B 365 62.53 -13.40 -28.74
N LYS B 366 61.73 -14.02 -27.86
CA LYS B 366 60.34 -14.31 -28.15
C LYS B 366 59.50 -13.05 -28.26
N LEU B 367 59.92 -11.96 -27.62
CA LEU B 367 59.20 -10.70 -27.71
C LEU B 367 59.31 -10.09 -29.10
N TRP B 368 60.45 -10.30 -29.77
CA TRP B 368 60.59 -9.85 -31.15
C TRP B 368 59.69 -10.65 -32.09
N GLY B 369 59.48 -11.93 -31.80
CA GLY B 369 58.69 -12.77 -32.68
C GLY B 369 57.21 -12.48 -32.67
N PHE B 370 56.70 -11.83 -31.63
CA PHE B 370 55.27 -11.54 -31.56
C PHE B 370 54.92 -10.28 -32.33
N PHE B 371 55.78 -9.27 -32.28
CA PHE B 371 55.48 -8.01 -32.95
C PHE B 371 56.00 -7.98 -34.38
N CYS B 372 57.07 -8.70 -34.68
CA CYS B 372 57.60 -8.77 -36.02
C CYS B 372 57.12 -10.06 -36.66
N ASN B 373 57.67 -10.42 -37.82
CA ASN B 373 57.32 -11.69 -38.42
C ASN B 373 58.02 -12.85 -37.72
N SER B 374 59.35 -12.88 -37.74
CA SER B 374 60.09 -13.98 -37.15
C SER B 374 61.48 -13.50 -36.77
N SER B 375 62.32 -14.44 -36.37
CA SER B 375 63.64 -14.15 -35.86
C SER B 375 64.63 -13.88 -37.00
N GLN B 376 65.88 -13.64 -36.63
CA GLN B 376 67.04 -13.48 -37.53
C GLN B 376 66.85 -12.32 -38.51
N PHE B 377 66.06 -11.31 -38.15
CA PHE B 377 65.67 -10.27 -39.09
C PHE B 377 65.79 -8.89 -38.46
N PHE B 378 66.98 -8.59 -37.94
CA PHE B 378 67.33 -7.27 -37.42
C PHE B 378 67.31 -6.14 -38.45
N ASN B 379 67.06 -6.44 -39.73
CA ASN B 379 66.98 -5.44 -40.78
C ASN B 379 65.85 -4.45 -40.55
N ALA B 380 64.61 -4.93 -40.63
CA ALA B 380 63.45 -4.07 -40.83
C ALA B 380 62.19 -4.83 -40.40
N THR B 381 61.04 -4.35 -40.90
CA THR B 381 59.68 -4.93 -41.09
C THR B 381 58.83 -5.01 -39.82
N CYS B 382 59.32 -4.58 -38.67
CA CYS B 382 58.51 -4.62 -37.47
C CYS B 382 57.51 -3.46 -37.46
N ASP B 383 56.67 -3.43 -36.42
CA ASP B 383 55.54 -2.53 -36.36
C ASP B 383 55.97 -1.11 -36.01
N GLU B 384 55.01 -0.19 -36.01
CA GLU B 384 55.31 1.22 -35.78
C GLU B 384 55.53 1.54 -34.32
N TYR B 385 54.73 0.95 -33.41
CA TYR B 385 54.92 1.20 -31.99
C TYR B 385 56.13 0.48 -31.44
N PHE B 386 56.61 -0.56 -32.13
CA PHE B 386 57.71 -1.36 -31.59
C PHE B 386 59.07 -0.76 -31.89
N VAL B 387 59.23 -0.02 -32.99
CA VAL B 387 60.54 0.50 -33.33
C VAL B 387 60.91 1.70 -32.45
N HIS B 388 59.94 2.50 -32.04
CA HIS B 388 60.14 3.46 -30.98
C HIS B 388 59.70 2.80 -29.68
N ASN B 389 59.65 3.56 -28.58
CA ASN B 389 59.02 3.15 -27.31
C ASN B 389 59.68 1.89 -26.73
N ASN B 390 60.89 2.09 -26.20
CA ASN B 390 61.78 1.03 -25.70
C ASN B 390 61.10 0.07 -24.71
N VAL B 391 61.63 -1.14 -24.58
CA VAL B 391 61.10 -2.12 -23.63
C VAL B 391 61.76 -1.93 -22.28
N THR B 392 60.96 -1.75 -21.24
CA THR B 392 61.49 -1.56 -19.90
C THR B 392 60.88 -2.54 -18.91
N SER B 393 61.17 -2.37 -17.62
CA SER B 393 60.68 -3.29 -16.60
C SER B 393 60.58 -2.56 -15.28
N ILE B 394 59.37 -2.44 -14.75
CA ILE B 394 59.12 -1.72 -13.51
C ILE B 394 58.71 -2.71 -12.43
N GLN B 395 58.58 -2.21 -11.20
CA GLN B 395 58.25 -3.03 -10.05
C GLN B 395 56.75 -3.21 -9.94
N GLY B 396 56.32 -4.44 -9.69
CA GLY B 396 54.91 -4.72 -9.52
C GLY B 396 54.42 -4.37 -8.13
N ILE B 397 55.23 -4.63 -7.12
CA ILE B 397 54.94 -4.27 -5.74
C ILE B 397 56.09 -3.40 -5.24
N PRO B 398 55.95 -2.08 -5.30
CA PRO B 398 56.99 -1.22 -4.71
C PRO B 398 56.95 -1.20 -3.20
N GLY B 399 55.80 -1.45 -2.60
CA GLY B 399 55.69 -1.54 -1.16
C GLY B 399 55.06 -0.29 -0.56
N LEU B 400 54.84 -0.37 0.76
CA LEU B 400 54.25 0.73 1.51
C LEU B 400 55.20 1.91 1.67
N ALA B 401 56.49 1.73 1.40
CA ALA B 401 57.46 2.80 1.62
C ALA B 401 57.32 3.90 0.56
N SER B 402 57.47 3.53 -0.71
CA SER B 402 57.39 4.50 -1.78
C SER B 402 55.94 4.91 -2.02
N GLY B 403 55.70 6.21 -2.09
CA GLY B 403 54.34 6.73 -2.14
C GLY B 403 53.65 6.53 -3.47
N ILE B 404 53.31 5.28 -3.80
CA ILE B 404 52.52 5.00 -4.99
C ILE B 404 51.03 5.27 -4.78
N ILE B 405 50.63 5.64 -3.56
CA ILE B 405 49.22 5.93 -3.28
C ILE B 405 48.76 7.20 -3.99
N THR B 406 49.69 8.09 -4.37
CA THR B 406 49.32 9.31 -5.09
C THR B 406 48.92 9.05 -6.54
N GLU B 407 49.21 7.87 -7.07
CA GLU B 407 48.80 7.52 -8.43
C GLU B 407 47.55 6.66 -8.46
N ASN B 408 47.09 6.14 -7.32
CA ASN B 408 45.94 5.25 -7.27
C ASN B 408 44.74 5.88 -6.57
N LEU B 409 44.73 7.20 -6.44
CA LEU B 409 43.62 7.88 -5.79
C LEU B 409 42.46 8.16 -6.73
N TRP B 410 42.62 7.96 -8.03
CA TRP B 410 41.66 8.44 -8.99
C TRP B 410 41.15 7.32 -9.89
N SER B 411 40.08 7.63 -10.60
CA SER B 411 39.30 6.63 -11.32
C SER B 411 39.96 6.22 -12.63
N ASN B 412 39.63 5.01 -13.08
CA ASN B 412 40.16 4.45 -14.31
C ASN B 412 39.09 3.67 -15.06
N TYR B 413 37.90 4.26 -15.20
CA TYR B 413 36.84 3.61 -15.97
C TYR B 413 37.16 3.69 -17.46
N LEU B 414 37.18 2.53 -18.11
CA LEU B 414 37.52 2.42 -19.52
C LEU B 414 36.55 1.46 -20.18
N PRO B 415 36.31 1.61 -21.49
CA PRO B 415 35.46 0.64 -22.20
C PRO B 415 36.15 -0.70 -22.38
N LYS B 416 35.38 -1.66 -22.87
CA LYS B 416 35.88 -3.01 -23.06
C LYS B 416 36.77 -3.07 -24.31
N GLY B 417 37.95 -3.64 -24.16
CA GLY B 417 38.88 -3.78 -25.26
C GLY B 417 39.98 -2.76 -25.32
N GLU B 418 40.08 -1.87 -24.34
CA GLU B 418 41.16 -0.90 -24.31
C GLU B 418 42.42 -1.52 -23.71
N ILE B 419 43.52 -0.78 -23.80
CA ILE B 419 44.81 -1.25 -23.32
C ILE B 419 45.07 -0.64 -21.95
N ILE B 420 45.49 -1.48 -21.00
CA ILE B 420 45.83 -1.01 -19.66
C ILE B 420 47.20 -0.34 -19.73
N GLU B 421 47.25 0.95 -19.41
CA GLU B 421 48.48 1.72 -19.50
C GLU B 421 48.60 2.60 -18.27
N LYS B 422 49.83 2.99 -17.97
CA LYS B 422 50.06 3.80 -16.79
C LYS B 422 50.54 5.20 -17.15
N PRO B 423 50.25 6.20 -16.33
CA PRO B 423 50.95 7.49 -16.43
C PRO B 423 52.34 7.38 -15.82
N SER B 424 53.08 8.49 -15.92
CA SER B 424 54.50 8.56 -15.54
C SER B 424 55.32 7.49 -16.27
N ALA B 425 55.06 7.35 -17.56
CA ALA B 425 55.83 6.49 -18.44
C ALA B 425 56.12 7.28 -19.72
N LYS B 426 56.71 6.61 -20.70
CA LYS B 426 57.12 7.27 -21.93
C LYS B 426 56.46 6.62 -23.14
N SER B 427 55.93 7.44 -24.03
CA SER B 427 55.29 6.95 -25.23
C SER B 427 55.43 7.95 -26.36
N SER B 428 55.94 7.49 -27.50
CA SER B 428 56.10 8.37 -28.65
C SER B 428 54.74 8.93 -29.00
N ASP B 429 54.03 8.22 -29.88
CA ASP B 429 52.69 8.62 -30.31
C ASP B 429 52.27 7.87 -31.55
N VAL B 430 53.25 7.54 -32.40
CA VAL B 430 52.98 6.81 -33.63
C VAL B 430 52.05 5.64 -33.36
N LEU B 431 50.79 5.81 -33.71
CA LEU B 431 49.79 4.75 -33.52
C LEU B 431 50.35 3.42 -34.00
N GLY B 432 49.77 2.32 -33.54
CA GLY B 432 50.24 1.02 -33.93
C GLY B 432 49.11 0.06 -34.27
N SER B 433 49.38 -1.23 -34.26
CA SER B 433 48.37 -2.25 -34.50
C SER B 433 48.16 -3.10 -33.26
N LEU B 434 46.94 -3.59 -33.07
CA LEU B 434 46.61 -4.39 -31.91
C LEU B 434 47.20 -5.79 -32.05
N ASN B 435 47.78 -6.28 -30.97
CA ASN B 435 48.47 -7.55 -30.94
C ASN B 435 47.84 -8.45 -29.88
N HIS B 436 48.09 -9.74 -29.98
CA HIS B 436 47.64 -10.69 -28.97
C HIS B 436 48.70 -10.87 -27.88
N GLU B 437 49.20 -9.74 -27.38
CA GLU B 437 50.16 -9.75 -26.28
C GLU B 437 49.90 -8.69 -25.24
N TYR B 438 49.06 -7.70 -25.52
CA TYR B 438 48.71 -6.71 -24.52
C TYR B 438 47.70 -7.30 -23.54
N VAL B 439 47.53 -6.61 -22.41
CA VAL B 439 46.47 -6.93 -21.47
C VAL B 439 45.28 -6.02 -21.76
N LEU B 440 44.08 -6.58 -21.71
CA LEU B 440 42.90 -5.89 -22.19
C LEU B 440 41.91 -5.70 -21.05
N VAL B 441 41.17 -4.59 -21.10
CA VAL B 441 40.07 -4.38 -20.17
C VAL B 441 38.95 -5.33 -20.54
N ASP B 442 38.57 -6.21 -19.60
CA ASP B 442 37.71 -7.33 -19.95
C ASP B 442 36.25 -6.92 -20.11
N ILE B 443 35.72 -6.11 -19.19
CA ILE B 443 34.35 -5.65 -19.25
C ILE B 443 34.32 -4.15 -19.03
N THR B 444 33.33 -3.49 -19.63
CA THR B 444 33.15 -2.07 -19.41
C THR B 444 32.55 -1.82 -18.03
N THR B 445 33.08 -0.82 -17.34
CA THR B 445 32.75 -0.61 -15.94
C THR B 445 32.18 0.78 -15.70
N SER B 446 31.53 0.92 -14.55
CA SER B 446 30.95 2.18 -14.11
C SER B 446 31.03 2.24 -12.60
N PHE B 447 30.38 3.22 -12.00
CA PHE B 447 30.27 3.22 -10.55
C PHE B 447 29.16 2.29 -10.08
N THR B 448 28.06 2.22 -10.83
CA THR B 448 26.93 1.40 -10.44
C THR B 448 27.17 -0.08 -10.67
N LEU B 449 28.10 -0.44 -11.55
CA LEU B 449 28.40 -1.85 -11.76
C LEU B 449 29.23 -2.42 -10.59
N LEU B 450 30.12 -1.61 -10.03
CA LEU B 450 30.99 -2.08 -8.95
C LEU B 450 30.27 -2.21 -7.62
N VAL B 451 29.11 -1.58 -7.45
CA VAL B 451 28.35 -1.77 -6.22
C VAL B 451 27.71 -3.15 -6.20
N GLY B 452 27.18 -3.60 -7.34
CA GLY B 452 26.56 -4.90 -7.43
C GLY B 452 27.54 -6.06 -7.39
N ILE B 453 28.83 -5.80 -7.64
CA ILE B 453 29.83 -6.84 -7.52
C ILE B 453 30.36 -6.94 -6.10
N PHE B 454 30.51 -5.80 -5.42
CA PHE B 454 31.05 -5.84 -4.06
C PHE B 454 30.01 -6.25 -3.03
N PHE B 455 28.72 -6.01 -3.29
CA PHE B 455 27.69 -6.20 -2.27
C PHE B 455 27.53 -7.63 -1.71
N PRO B 456 27.80 -8.74 -2.44
CA PRO B 456 27.79 -10.06 -1.75
C PRO B 456 28.85 -10.28 -0.68
N SER B 457 29.74 -9.31 -0.44
CA SER B 457 30.65 -9.39 0.70
C SER B 457 29.90 -9.24 2.01
N VAL B 458 29.14 -8.16 2.16
CA VAL B 458 28.55 -7.81 3.44
C VAL B 458 27.31 -8.62 3.79
N THR B 459 26.82 -9.46 2.88
CA THR B 459 25.66 -10.28 3.18
C THR B 459 26.06 -11.48 4.04
N GLY B 460 25.17 -11.86 4.93
CA GLY B 460 25.41 -12.99 5.81
C GLY B 460 25.15 -12.68 7.26
N ILE B 461 24.48 -11.57 7.52
CA ILE B 461 24.25 -11.12 8.89
C ILE B 461 23.11 -11.86 9.57
N MET B 462 22.35 -12.65 8.83
CA MET B 462 21.32 -13.50 9.41
C MET B 462 21.89 -14.76 10.03
N ALA B 463 23.19 -14.97 9.93
CA ALA B 463 23.88 -16.09 10.55
C ALA B 463 24.24 -15.83 12.00
N GLY B 464 23.83 -14.69 12.56
CA GLY B 464 23.95 -14.52 13.99
C GLY B 464 22.88 -15.21 14.79
N SER B 465 21.73 -15.46 14.17
CA SER B 465 20.58 -16.01 14.87
C SER B 465 20.26 -17.44 14.45
N ASN B 466 21.13 -18.09 13.68
CA ASN B 466 20.84 -19.46 13.27
C ASN B 466 21.27 -20.49 14.31
N ARG B 467 21.80 -20.06 15.44
CA ARG B 467 22.06 -20.92 16.58
C ARG B 467 21.29 -20.43 17.80
N SER B 468 20.05 -20.00 17.59
CA SER B 468 19.25 -19.43 18.66
C SER B 468 18.69 -20.48 19.60
N GLY B 469 18.82 -21.76 19.29
CA GLY B 469 18.35 -22.81 20.16
C GLY B 469 19.32 -23.28 21.19
N ASP B 470 20.54 -22.74 21.21
CA ASP B 470 21.56 -23.17 22.15
C ASP B 470 22.18 -22.04 22.95
N LEU B 471 21.75 -20.79 22.75
CA LEU B 471 22.29 -19.69 23.54
C LEU B 471 21.66 -19.70 24.92
N LYS B 472 22.48 -19.40 25.94
CA LYS B 472 21.95 -19.41 27.30
C LYS B 472 21.11 -18.18 27.59
N ASP B 473 21.51 -17.03 27.06
CA ASP B 473 20.76 -15.79 27.16
C ASP B 473 20.67 -15.21 25.76
N ALA B 474 19.68 -15.64 25.00
CA ALA B 474 19.62 -15.36 23.57
C ALA B 474 19.07 -13.99 23.23
N GLN B 475 18.81 -13.14 24.23
CA GLN B 475 18.34 -11.79 23.95
C GLN B 475 19.38 -10.71 24.20
N LYS B 476 20.42 -11.00 24.98
CA LYS B 476 21.53 -10.08 25.13
C LYS B 476 22.76 -10.53 24.35
N SER B 477 22.74 -11.73 23.78
CA SER B 477 23.87 -12.24 23.03
C SER B 477 23.76 -11.94 21.54
N ILE B 478 22.55 -12.00 20.99
CA ILE B 478 22.33 -11.79 19.56
C ILE B 478 22.54 -10.33 19.13
N PRO B 479 22.04 -9.30 19.84
CA PRO B 479 22.39 -7.93 19.41
C PRO B 479 23.87 -7.57 19.53
N ILE B 480 24.55 -8.00 20.59
CA ILE B 480 25.94 -7.62 20.77
C ILE B 480 26.89 -8.51 19.96
N GLY B 481 26.40 -9.65 19.47
CA GLY B 481 27.24 -10.51 18.66
C GLY B 481 27.15 -10.20 17.18
N THR B 482 25.99 -9.73 16.74
CA THR B 482 25.81 -9.38 15.34
C THR B 482 26.45 -8.03 15.03
N ILE B 483 26.27 -7.05 15.91
CA ILE B 483 26.78 -5.70 15.67
C ILE B 483 28.30 -5.68 15.73
N LEU B 484 28.90 -6.42 16.67
CA LEU B 484 30.36 -6.46 16.76
C LEU B 484 30.99 -7.26 15.64
N ALA B 485 30.25 -8.17 15.00
CA ALA B 485 30.77 -8.86 13.83
C ALA B 485 30.67 -8.01 12.57
N ILE B 486 29.80 -7.00 12.56
CA ILE B 486 29.75 -6.07 11.43
C ILE B 486 30.95 -5.13 11.47
N LEU B 487 31.32 -4.65 12.65
CA LEU B 487 32.46 -3.76 12.78
C LEU B 487 33.78 -4.47 12.51
N THR B 488 33.83 -5.79 12.67
CA THR B 488 35.06 -6.51 12.41
C THR B 488 35.31 -6.66 10.91
N THR B 489 34.31 -7.14 10.16
CA THR B 489 34.49 -7.34 8.73
C THR B 489 34.53 -6.03 7.96
N SER B 490 33.83 -5.01 8.44
CA SER B 490 33.91 -3.71 7.77
C SER B 490 35.23 -3.01 8.07
N PHE B 491 35.96 -3.43 9.09
CA PHE B 491 37.31 -2.91 9.30
C PHE B 491 38.33 -3.62 8.43
N VAL B 492 38.11 -4.91 8.13
CA VAL B 492 39.01 -5.64 7.24
C VAL B 492 38.84 -5.16 5.80
N TYR B 493 37.62 -4.82 5.41
CA TYR B 493 37.39 -4.33 4.06
C TYR B 493 37.89 -2.90 3.90
N LEU B 494 37.66 -2.04 4.90
CA LEU B 494 38.03 -0.64 4.76
C LEU B 494 39.52 -0.41 4.87
N SER B 495 40.23 -1.28 5.59
CA SER B 495 41.67 -1.15 5.71
C SER B 495 42.41 -1.79 4.54
N ASN B 496 41.84 -2.80 3.91
CA ASN B 496 42.48 -3.41 2.75
C ASN B 496 42.29 -2.58 1.49
N VAL B 497 41.34 -1.66 1.47
CA VAL B 497 41.22 -0.74 0.34
C VAL B 497 42.40 0.24 0.34
N VAL B 498 42.77 0.74 1.52
CA VAL B 498 43.90 1.65 1.61
C VAL B 498 45.22 0.91 1.46
N LEU B 499 45.30 -0.31 2.00
CA LEU B 499 46.55 -1.08 1.94
C LEU B 499 46.76 -1.82 0.63
N PHE B 500 45.85 -1.71 -0.33
CA PHE B 500 46.11 -2.21 -1.68
C PHE B 500 46.47 -1.10 -2.65
N GLY B 501 45.84 0.06 -2.52
CA GLY B 501 46.19 1.20 -3.35
C GLY B 501 47.50 1.86 -2.97
N ALA B 502 48.12 1.46 -1.86
CA ALA B 502 49.38 2.01 -1.42
C ALA B 502 50.51 0.99 -1.43
N CYS B 503 50.31 -0.17 -2.03
CA CYS B 503 51.36 -1.18 -2.05
C CYS B 503 51.57 -1.77 -3.43
N ILE B 504 50.54 -1.81 -4.27
CA ILE B 504 50.58 -2.51 -5.55
C ILE B 504 50.50 -1.50 -6.68
N GLU B 505 51.20 -1.79 -7.77
CA GLU B 505 51.20 -0.95 -8.97
C GLU B 505 49.80 -0.90 -9.59
N GLY B 506 49.47 0.26 -10.16
CA GLY B 506 48.15 0.49 -10.72
C GLY B 506 47.79 -0.37 -11.92
N VAL B 507 48.79 -0.85 -12.67
CA VAL B 507 48.49 -1.72 -13.80
C VAL B 507 48.39 -3.18 -13.40
N VAL B 508 48.94 -3.56 -12.24
CA VAL B 508 48.71 -4.90 -11.72
C VAL B 508 47.33 -4.99 -11.09
N LEU B 509 46.85 -3.90 -10.49
CA LEU B 509 45.53 -3.90 -9.90
C LEU B 509 44.44 -3.89 -10.96
N ARG B 510 44.64 -3.14 -12.05
CA ARG B 510 43.57 -2.94 -13.02
C ARG B 510 43.45 -4.05 -14.04
N ASP B 511 43.45 -5.31 -13.59
CA ASP B 511 43.16 -6.47 -14.43
C ASP B 511 42.91 -7.66 -13.53
N LYS B 512 42.01 -8.53 -13.99
CA LYS B 512 41.85 -9.82 -13.33
C LYS B 512 42.77 -10.84 -13.98
N PHE B 513 42.82 -12.02 -13.38
CA PHE B 513 43.55 -13.23 -13.80
C PHE B 513 45.07 -13.09 -13.77
N GLY B 514 45.61 -11.92 -13.40
CA GLY B 514 47.02 -11.74 -13.12
C GLY B 514 47.97 -12.01 -14.26
N ASP B 515 47.61 -11.63 -15.48
CA ASP B 515 48.46 -11.94 -16.62
C ASP B 515 49.68 -11.04 -16.73
N ALA B 516 49.77 -9.99 -15.94
CA ALA B 516 50.96 -9.15 -15.92
C ALA B 516 51.99 -9.60 -14.89
N VAL B 517 51.63 -10.52 -14.01
CA VAL B 517 52.54 -11.03 -12.98
C VAL B 517 52.69 -12.54 -13.10
N LYS B 518 52.66 -13.04 -14.34
CA LYS B 518 52.93 -14.45 -14.70
C LYS B 518 51.86 -15.40 -14.17
N GLY B 519 50.64 -14.93 -13.96
CA GLY B 519 49.55 -15.81 -13.61
C GLY B 519 49.42 -16.11 -12.13
N ASN B 520 49.54 -15.10 -11.29
CA ASN B 520 49.34 -15.24 -9.86
C ASN B 520 48.12 -14.43 -9.42
N LEU B 521 47.61 -14.76 -8.23
CA LEU B 521 46.63 -13.88 -7.61
C LEU B 521 47.30 -12.56 -7.22
N VAL B 522 46.63 -11.46 -7.57
CA VAL B 522 47.16 -10.13 -7.26
C VAL B 522 47.18 -9.91 -5.75
N VAL B 523 46.19 -10.46 -5.04
CA VAL B 523 46.24 -10.45 -3.59
C VAL B 523 47.23 -11.48 -3.06
N GLY B 524 47.58 -12.47 -3.88
CA GLY B 524 48.53 -13.48 -3.43
C GLY B 524 49.96 -13.01 -3.43
N THR B 525 50.31 -12.10 -4.35
CA THR B 525 51.68 -11.62 -4.43
C THR B 525 52.05 -10.71 -3.25
N LEU B 526 51.07 -10.15 -2.57
CA LEU B 526 51.34 -9.28 -1.43
C LEU B 526 51.66 -10.06 -0.16
N SER B 527 51.26 -11.33 -0.08
CA SER B 527 51.36 -12.09 1.15
C SER B 527 52.81 -12.45 1.46
N TRP B 528 53.09 -12.69 2.74
CA TRP B 528 54.44 -12.90 3.22
C TRP B 528 55.04 -14.30 2.99
N PRO B 529 54.38 -15.45 3.34
CA PRO B 529 55.07 -16.72 3.15
C PRO B 529 55.20 -17.11 1.69
N SER B 530 54.12 -17.01 0.95
CA SER B 530 54.03 -17.49 -0.42
C SER B 530 52.76 -16.92 -1.04
N PRO B 531 52.67 -16.86 -2.36
CA PRO B 531 51.36 -16.68 -2.99
C PRO B 531 50.45 -17.89 -2.84
N TRP B 532 51.00 -19.06 -2.49
CA TRP B 532 50.22 -20.28 -2.38
C TRP B 532 49.43 -20.38 -1.08
N VAL B 533 49.68 -19.51 -0.11
CA VAL B 533 48.91 -19.56 1.13
C VAL B 533 47.52 -18.96 0.93
N ILE B 534 47.31 -18.19 -0.12
CA ILE B 534 46.00 -17.61 -0.41
C ILE B 534 45.30 -18.44 -1.48
N VAL B 535 46.09 -19.03 -2.38
CA VAL B 535 45.51 -19.80 -3.48
C VAL B 535 44.90 -21.10 -2.96
N ILE B 536 45.64 -21.83 -2.11
CA ILE B 536 45.08 -23.05 -1.52
C ILE B 536 44.24 -22.75 -0.30
N GLY B 537 44.28 -21.53 0.22
CA GLY B 537 43.52 -21.18 1.40
C GLY B 537 42.12 -20.70 1.06
N SER B 538 41.99 -19.91 0.00
CA SER B 538 40.69 -19.45 -0.46
C SER B 538 40.00 -20.45 -1.38
N PHE B 539 40.55 -21.65 -1.53
CA PHE B 539 39.86 -22.70 -2.25
C PHE B 539 39.01 -23.55 -1.32
N PHE B 540 39.50 -23.82 -0.12
CA PHE B 540 38.70 -24.52 0.88
C PHE B 540 37.76 -23.58 1.62
N SER B 541 38.10 -22.29 1.69
CA SER B 541 37.19 -21.32 2.27
C SER B 541 36.02 -21.03 1.35
N THR B 542 36.17 -21.27 0.05
CA THR B 542 35.13 -21.09 -0.95
C THR B 542 34.24 -22.32 -1.06
N CYS B 543 34.85 -23.52 -1.07
CA CYS B 543 34.07 -24.75 -1.07
C CYS B 543 33.35 -24.94 0.25
N GLY B 544 33.90 -24.40 1.35
CA GLY B 544 33.22 -24.48 2.63
C GLY B 544 32.04 -23.53 2.73
N ALA B 545 32.12 -22.37 2.08
CA ALA B 545 30.99 -21.46 2.05
C ALA B 545 29.94 -21.89 1.04
N GLY B 546 30.29 -22.78 0.11
CA GLY B 546 29.31 -23.30 -0.81
C GLY B 546 28.53 -24.47 -0.26
N LEU B 547 29.16 -25.29 0.58
CA LEU B 547 28.46 -26.37 1.25
C LEU B 547 27.55 -25.85 2.36
N GLN B 548 27.83 -24.67 2.90
CA GLN B 548 26.96 -24.08 3.90
C GLN B 548 25.67 -23.57 3.28
N SER B 549 25.77 -22.90 2.12
CA SER B 549 24.60 -22.37 1.46
C SER B 549 23.77 -23.46 0.79
N LEU B 550 24.37 -24.60 0.47
CA LEU B 550 23.65 -25.71 -0.14
C LEU B 550 22.97 -26.59 0.90
N THR B 551 23.19 -26.34 2.19
CA THR B 551 22.51 -27.06 3.24
C THR B 551 21.66 -26.17 4.14
N GLY B 552 21.76 -24.85 4.00
CA GLY B 552 20.92 -23.95 4.78
C GLY B 552 19.75 -23.47 3.96
N ALA B 553 19.84 -23.60 2.65
CA ALA B 553 18.74 -23.26 1.77
C ALA B 553 17.65 -24.35 1.70
N PRO B 554 17.94 -25.66 1.63
CA PRO B 554 16.84 -26.62 1.76
C PRO B 554 16.27 -26.72 3.17
N ARG B 555 17.01 -26.32 4.20
CA ARG B 555 16.46 -26.30 5.54
C ARG B 555 15.51 -25.12 5.76
N LEU B 556 15.59 -24.09 4.93
CA LEU B 556 14.68 -22.97 5.03
C LEU B 556 13.39 -23.24 4.27
N LEU B 557 13.47 -23.81 3.07
CA LEU B 557 12.29 -24.12 2.29
C LEU B 557 11.48 -25.24 2.95
N GLN B 558 12.13 -26.11 3.72
CA GLN B 558 11.40 -27.10 4.49
C GLN B 558 10.64 -26.48 5.66
N ALA B 559 11.06 -25.31 6.12
CA ALA B 559 10.34 -24.64 7.21
C ALA B 559 9.11 -23.90 6.70
N ILE B 560 9.22 -23.25 5.53
CA ILE B 560 8.07 -22.58 4.94
C ILE B 560 7.09 -23.60 4.36
N ALA B 561 7.55 -24.81 4.08
CA ALA B 561 6.61 -25.88 3.71
C ALA B 561 5.80 -26.31 4.91
N LYS B 562 6.36 -26.22 6.11
CA LYS B 562 5.58 -26.30 7.33
C LYS B 562 4.86 -24.96 7.55
N ASP B 563 3.98 -24.96 8.55
CA ASP B 563 3.07 -23.89 8.98
C ASP B 563 1.94 -23.62 7.98
N ASN B 564 1.97 -24.30 6.83
CA ASN B 564 0.90 -24.33 5.82
C ASN B 564 0.49 -22.94 5.35
N ILE B 565 1.43 -22.00 5.30
CA ILE B 565 1.09 -20.66 4.84
C ILE B 565 1.01 -20.56 3.33
N ILE B 566 1.66 -21.48 2.61
CA ILE B 566 1.56 -21.53 1.15
C ILE B 566 1.15 -22.95 0.77
N PRO B 567 -0.03 -23.15 0.20
CA PRO B 567 -0.56 -24.52 0.03
C PRO B 567 0.10 -25.30 -1.09
N PHE B 568 0.60 -24.65 -2.14
CA PHE B 568 1.22 -25.39 -3.22
C PHE B 568 2.70 -25.64 -3.01
N LEU B 569 3.25 -25.25 -1.86
CA LEU B 569 4.56 -25.70 -1.41
C LEU B 569 4.44 -26.78 -0.34
N ARG B 570 3.39 -27.60 -0.40
CA ARG B 570 3.17 -28.61 0.63
C ARG B 570 4.06 -29.82 0.45
N VAL B 571 4.48 -30.11 -0.78
CA VAL B 571 5.21 -31.34 -1.05
C VAL B 571 6.67 -31.25 -0.61
N PHE B 572 7.18 -30.05 -0.36
CA PHE B 572 8.60 -29.91 -0.06
C PHE B 572 8.93 -30.06 1.42
N GLY B 573 7.94 -30.29 2.27
CA GLY B 573 8.25 -30.80 3.60
C GLY B 573 8.09 -32.30 3.60
N HIS B 574 9.18 -33.02 3.36
CA HIS B 574 9.15 -34.48 3.25
C HIS B 574 10.37 -35.06 3.94
N SER B 575 10.57 -34.69 5.20
CA SER B 575 11.73 -35.10 5.99
C SER B 575 11.90 -36.61 6.06
N LYS B 576 13.16 -37.05 6.14
CA LYS B 576 13.54 -38.43 6.38
C LYS B 576 13.45 -38.76 7.86
N ALA B 577 14.10 -39.85 8.26
CA ALA B 577 14.07 -40.31 9.66
C ALA B 577 14.68 -39.31 10.64
N ASN B 578 15.52 -38.38 10.18
CA ASN B 578 16.00 -37.31 11.05
C ASN B 578 16.26 -36.06 10.22
N GLY B 579 15.23 -35.21 10.11
CA GLY B 579 15.37 -33.95 9.39
C GLY B 579 15.62 -34.18 7.91
N GLU B 580 16.64 -33.49 7.39
CA GLU B 580 17.27 -33.74 6.09
C GLU B 580 16.30 -33.74 4.92
N PRO B 581 15.89 -32.56 4.45
CA PRO B 581 14.85 -32.48 3.42
C PRO B 581 15.27 -33.12 2.11
N THR B 582 14.34 -33.86 1.50
CA THR B 582 14.61 -34.59 0.27
C THR B 582 14.23 -33.77 -0.96
N TRP B 583 12.96 -33.43 -1.10
CA TRP B 583 12.52 -32.74 -2.29
C TRP B 583 12.90 -31.27 -2.27
N ALA B 584 13.23 -30.71 -1.10
CA ALA B 584 13.69 -29.33 -1.05
C ALA B 584 15.12 -29.22 -1.58
N LEU B 585 15.90 -30.30 -1.48
CA LEU B 585 17.25 -30.29 -2.02
C LEU B 585 17.23 -30.36 -3.54
N LEU B 586 16.18 -30.92 -4.13
CA LEU B 586 16.13 -31.06 -5.58
C LEU B 586 15.76 -29.77 -6.29
N LEU B 587 15.17 -28.81 -5.60
CA LEU B 587 15.02 -27.47 -6.18
C LEU B 587 16.31 -26.68 -6.07
N THR B 588 17.00 -26.79 -4.93
CA THR B 588 18.24 -26.05 -4.73
C THR B 588 19.33 -26.55 -5.66
N ALA B 589 19.29 -27.83 -6.01
CA ALA B 589 20.18 -28.36 -7.04
C ALA B 589 19.71 -28.05 -8.45
N ALA B 590 18.55 -27.41 -8.62
CA ALA B 590 18.04 -27.08 -9.93
C ALA B 590 17.94 -25.58 -10.20
N ILE B 591 17.84 -24.76 -9.16
CA ILE B 591 17.89 -23.31 -9.36
C ILE B 591 19.33 -22.80 -9.32
N ALA B 592 20.19 -23.40 -8.49
CA ALA B 592 21.60 -23.06 -8.55
C ALA B 592 22.25 -23.61 -9.81
N GLU B 593 21.70 -24.68 -10.37
CA GLU B 593 22.16 -25.19 -11.66
C GLU B 593 21.82 -24.24 -12.80
N LEU B 594 20.78 -23.43 -12.64
CA LEU B 594 20.51 -22.35 -13.57
C LEU B 594 21.47 -21.18 -13.41
N GLY B 595 22.09 -21.04 -12.24
CA GLY B 595 23.13 -20.06 -12.03
C GLY B 595 24.52 -20.53 -12.40
N ILE B 596 24.65 -21.78 -12.85
CA ILE B 596 25.92 -22.30 -13.33
C ILE B 596 26.03 -22.18 -14.84
N LEU B 597 24.93 -22.43 -15.56
CA LEU B 597 24.90 -22.26 -17.01
C LEU B 597 25.11 -20.80 -17.40
N ILE B 598 24.58 -19.87 -16.60
CA ILE B 598 25.13 -18.52 -16.62
C ILE B 598 26.49 -18.60 -15.96
N ALA B 599 27.56 -18.46 -16.74
CA ALA B 599 28.92 -18.41 -16.24
C ALA B 599 29.22 -16.99 -15.74
N SER B 600 30.51 -16.67 -15.61
CA SER B 600 30.97 -15.29 -15.41
C SER B 600 30.49 -14.66 -14.11
N LEU B 601 31.16 -15.00 -13.01
CA LEU B 601 30.96 -14.54 -11.64
C LEU B 601 30.59 -13.07 -11.49
N ASP B 602 31.09 -12.19 -12.36
CA ASP B 602 30.69 -10.79 -12.39
C ASP B 602 29.25 -10.57 -12.84
N LEU B 603 28.57 -11.59 -13.35
CA LEU B 603 27.16 -11.48 -13.72
C LEU B 603 26.21 -12.11 -12.71
N VAL B 604 26.64 -13.18 -12.03
CA VAL B 604 25.78 -13.81 -11.04
C VAL B 604 25.71 -12.97 -9.77
N ALA B 605 26.77 -12.22 -9.48
CA ALA B 605 26.79 -11.40 -8.27
C ALA B 605 25.79 -10.23 -8.22
N PRO B 606 25.47 -9.52 -9.31
CA PRO B 606 24.37 -8.55 -9.20
C PRO B 606 22.98 -9.18 -9.13
N ILE B 607 22.84 -10.47 -9.43
CA ILE B 607 21.53 -11.11 -9.35
C ILE B 607 21.17 -11.42 -7.90
N LEU B 608 22.10 -12.02 -7.16
CA LEU B 608 21.83 -12.39 -5.78
C LEU B 608 21.84 -11.19 -4.84
N SER B 609 22.51 -10.09 -5.22
CA SER B 609 22.45 -8.90 -4.40
C SER B 609 21.11 -8.17 -4.55
N MET B 610 20.33 -8.50 -5.58
CA MET B 610 18.97 -8.00 -5.69
C MET B 610 18.02 -8.70 -4.73
N PHE B 611 18.28 -9.97 -4.42
CA PHE B 611 17.41 -10.70 -3.51
C PHE B 611 17.72 -10.40 -2.06
N PHE B 612 19.01 -10.25 -1.73
CA PHE B 612 19.36 -9.92 -0.36
C PHE B 612 19.00 -8.49 0.00
N LEU B 613 19.02 -7.58 -0.98
CA LEU B 613 18.51 -6.24 -0.73
C LEU B 613 17.00 -6.22 -0.66
N MET B 614 16.33 -7.22 -1.23
CA MET B 614 14.88 -7.28 -1.18
C MET B 614 14.38 -7.76 0.18
N CYS B 615 15.11 -8.65 0.83
CA CYS B 615 14.71 -9.11 2.15
C CYS B 615 15.25 -8.24 3.27
N TYR B 616 16.31 -7.48 3.02
CA TYR B 616 16.73 -6.48 4.00
C TYR B 616 15.80 -5.28 4.00
N LEU B 617 15.09 -5.04 2.90
CA LEU B 617 14.15 -3.93 2.84
C LEU B 617 12.90 -4.22 3.64
N PHE B 618 12.40 -5.45 3.59
CA PHE B 618 11.15 -5.78 4.26
C PHE B 618 11.32 -5.92 5.76
N VAL B 619 12.51 -6.30 6.23
CA VAL B 619 12.77 -6.33 7.67
C VAL B 619 12.86 -4.91 8.21
N ASN B 620 13.54 -4.02 7.48
CA ASN B 620 13.67 -2.64 7.91
C ASN B 620 12.35 -1.89 7.83
N LEU B 621 11.48 -2.25 6.89
CA LEU B 621 10.20 -1.56 6.76
C LEU B 621 9.22 -2.00 7.83
N ALA B 622 9.10 -3.30 8.05
CA ALA B 622 8.11 -3.82 9.00
C ALA B 622 8.48 -3.53 10.44
N CYS B 623 9.75 -3.30 10.75
CA CYS B 623 10.11 -2.89 12.10
C CYS B 623 9.72 -1.44 12.34
N ALA B 624 9.85 -0.60 11.33
CA ALA B 624 9.47 0.81 11.48
C ALA B 624 7.99 1.02 11.31
N LEU B 625 7.31 0.16 10.55
CA LEU B 625 5.88 0.30 10.35
C LEU B 625 5.07 -0.15 11.57
N GLN B 626 5.62 -1.01 12.40
CA GLN B 626 4.89 -1.54 13.54
C GLN B 626 5.07 -0.71 14.80
N THR B 627 6.15 0.05 14.91
CA THR B 627 6.35 0.93 16.06
C THR B 627 5.83 2.33 15.81
N LEU B 628 5.19 2.57 14.67
CA LEU B 628 4.52 3.84 14.39
C LEU B 628 3.02 3.74 14.53
N LEU B 629 2.42 2.69 14.00
CA LEU B 629 0.98 2.47 14.10
C LEU B 629 0.57 1.80 15.41
N ARG B 630 1.54 1.51 16.29
CA ARG B 630 1.35 0.87 17.60
C ARG B 630 0.65 -0.48 17.46
N THR B 631 1.36 -1.40 16.81
CA THR B 631 0.95 -2.80 16.76
C THR B 631 0.94 -3.36 18.19
N PRO B 632 -0.09 -4.17 18.55
CA PRO B 632 -0.28 -4.61 19.95
C PRO B 632 0.89 -5.31 20.63
N ASN B 633 1.37 -6.43 20.10
CA ASN B 633 2.46 -7.16 20.73
C ASN B 633 3.78 -6.81 20.06
N TRP B 634 4.20 -5.55 20.26
CA TRP B 634 5.48 -5.08 19.73
C TRP B 634 6.03 -4.04 20.69
N ARG B 635 6.93 -4.47 21.57
CA ARG B 635 7.63 -3.58 22.48
C ARG B 635 9.12 -3.94 22.42
N PRO B 636 9.88 -3.30 21.52
CA PRO B 636 11.30 -3.64 21.40
C PRO B 636 12.13 -3.09 22.54
N ARG B 637 12.20 -3.85 23.62
CA ARG B 637 13.00 -3.50 24.78
C ARG B 637 14.48 -3.65 24.43
N PHE B 638 15.10 -2.55 24.01
CA PHE B 638 16.49 -2.53 23.55
C PHE B 638 17.00 -1.10 23.50
N ARG B 639 18.16 -0.84 24.08
CA ARG B 639 18.76 0.48 23.97
C ARG B 639 19.29 0.71 22.55
N TYR B 640 19.43 2.00 22.20
CA TYR B 640 19.92 2.44 20.89
C TYR B 640 19.07 1.91 19.74
N TYR B 641 17.76 1.98 19.89
CA TYR B 641 16.84 1.65 18.79
C TYR B 641 15.81 2.75 18.68
N HIS B 642 15.59 3.22 17.46
CA HIS B 642 14.57 4.22 17.17
C HIS B 642 13.83 3.80 15.91
N TRP B 643 12.70 4.44 15.66
CA TRP B 643 11.99 4.20 14.41
C TRP B 643 12.64 4.90 13.23
N ALA B 644 13.49 5.89 13.49
CA ALA B 644 14.17 6.61 12.43
C ALA B 644 15.37 5.85 11.89
N LEU B 645 15.97 4.97 12.69
CA LEU B 645 17.11 4.20 12.20
C LEU B 645 16.66 3.10 11.25
N SER B 646 15.49 2.51 11.48
CA SER B 646 14.97 1.52 10.54
C SER B 646 14.41 2.17 9.30
N PHE B 647 14.10 3.47 9.35
CA PHE B 647 13.65 4.19 8.17
C PHE B 647 14.81 4.78 7.38
N MET B 648 15.88 5.19 8.07
CA MET B 648 17.08 5.64 7.36
C MET B 648 17.77 4.48 6.67
N GLY B 649 17.76 3.31 7.30
CA GLY B 649 18.27 2.10 6.70
C GLY B 649 17.34 1.42 5.72
N MET B 650 16.15 1.99 5.50
CA MET B 650 15.26 1.52 4.46
C MET B 650 15.44 2.28 3.16
N SER B 651 15.81 3.56 3.25
CA SER B 651 16.06 4.34 2.04
C SER B 651 17.39 3.99 1.38
N ILE B 652 18.32 3.39 2.12
CA ILE B 652 19.58 2.99 1.52
C ILE B 652 19.42 1.68 0.74
N CYS B 653 18.61 0.75 1.25
CA CYS B 653 18.33 -0.47 0.49
C CYS B 653 17.47 -0.19 -0.74
N LEU B 654 16.71 0.90 -0.75
CA LEU B 654 16.00 1.29 -1.96
C LEU B 654 16.88 2.04 -2.93
N ALA B 655 17.90 2.75 -2.42
CA ALA B 655 18.80 3.47 -3.31
C ALA B 655 19.73 2.52 -4.05
N LEU B 656 20.25 1.51 -3.36
CA LEU B 656 21.13 0.54 -4.01
C LEU B 656 20.36 -0.43 -4.91
N MET B 657 19.05 -0.54 -4.74
CA MET B 657 18.26 -1.42 -5.57
C MET B 657 17.91 -0.78 -6.91
N PHE B 658 17.71 0.54 -6.93
CA PHE B 658 17.31 1.21 -8.17
C PHE B 658 18.48 1.50 -9.08
N ILE B 659 19.65 1.86 -8.50
CA ILE B 659 20.81 2.14 -9.33
C ILE B 659 21.47 0.90 -9.91
N SER B 660 21.00 -0.30 -9.53
CA SER B 660 21.54 -1.51 -10.11
C SER B 660 20.94 -1.78 -11.49
N SER B 661 19.63 -2.03 -11.56
CA SER B 661 19.05 -2.38 -12.85
C SER B 661 17.80 -1.58 -13.22
N TRP B 662 16.92 -1.31 -12.25
CA TRP B 662 15.66 -0.56 -12.31
C TRP B 662 14.53 -1.27 -13.06
N TYR B 663 14.86 -2.27 -13.89
CA TYR B 663 13.82 -3.10 -14.48
C TYR B 663 13.80 -4.49 -13.89
N TYR B 664 14.79 -4.83 -13.07
CA TYR B 664 14.75 -6.03 -12.25
C TYR B 664 14.54 -5.68 -10.78
N ALA B 665 14.24 -4.43 -10.48
CA ALA B 665 13.84 -3.99 -9.15
C ALA B 665 12.34 -3.72 -9.04
N ILE B 666 11.73 -3.20 -10.10
CA ILE B 666 10.29 -3.00 -10.09
C ILE B 666 9.56 -4.32 -10.19
N VAL B 667 10.04 -5.22 -11.06
CA VAL B 667 9.39 -6.51 -11.23
C VAL B 667 9.72 -7.46 -10.08
N ALA B 668 10.74 -7.16 -9.27
CA ALA B 668 11.03 -7.94 -8.09
C ALA B 668 10.45 -7.34 -6.82
N MET B 669 9.69 -6.25 -6.95
CA MET B 669 8.96 -5.67 -5.83
C MET B 669 7.46 -5.94 -5.92
N VAL B 670 6.97 -6.45 -7.04
CA VAL B 670 5.55 -6.74 -7.18
C VAL B 670 5.31 -8.23 -6.97
N ILE B 671 6.27 -9.07 -7.39
CA ILE B 671 6.16 -10.49 -7.08
C ILE B 671 6.52 -10.76 -5.62
N ALA B 672 7.22 -9.83 -4.97
CA ALA B 672 7.30 -9.84 -3.52
C ALA B 672 6.12 -9.15 -2.87
N GLY B 673 5.22 -8.57 -3.67
CA GLY B 673 3.98 -8.01 -3.17
C GLY B 673 2.81 -8.89 -3.52
N MET B 674 2.86 -9.59 -4.65
CA MET B 674 1.82 -10.56 -4.97
C MET B 674 1.93 -11.81 -4.11
N ILE B 675 3.11 -12.10 -3.58
CA ILE B 675 3.24 -13.20 -2.62
C ILE B 675 2.89 -12.74 -1.21
N TYR B 676 2.79 -11.43 -1.00
CA TYR B 676 2.32 -10.91 0.29
C TYR B 676 0.82 -11.10 0.43
N LYS B 677 0.06 -10.67 -0.57
CA LYS B 677 -1.40 -10.74 -0.49
C LYS B 677 -1.93 -12.15 -0.66
N TYR B 678 -1.13 -13.07 -1.20
CA TYR B 678 -1.57 -14.45 -1.32
C TYR B 678 -1.57 -15.14 0.03
N ILE B 679 -0.64 -14.77 0.92
CA ILE B 679 -0.60 -15.38 2.24
C ILE B 679 -1.76 -14.87 3.10
N GLU B 680 -2.09 -13.59 2.96
CA GLU B 680 -3.20 -13.02 3.73
C GLU B 680 -4.55 -13.58 3.27
N TYR B 681 -4.69 -13.85 1.98
CA TYR B 681 -5.92 -14.48 1.48
C TYR B 681 -6.02 -15.93 1.96
N GLN B 682 -4.93 -16.67 1.86
CA GLN B 682 -4.95 -18.06 2.31
C GLN B 682 -4.95 -18.17 3.82
N GLY B 683 -4.41 -17.17 4.51
CA GLY B 683 -4.45 -17.17 5.96
C GLY B 683 -5.80 -16.78 6.53
N ALA B 684 -6.64 -16.13 5.74
CA ALA B 684 -7.97 -15.79 6.19
C ALA B 684 -9.00 -16.84 5.82
N GLU B 685 -8.73 -17.66 4.81
CA GLU B 685 -9.66 -18.72 4.45
C GLU B 685 -9.64 -19.84 5.48
N LYS B 686 -8.47 -20.14 6.03
CA LYS B 686 -8.38 -21.16 7.06
C LYS B 686 -8.78 -20.63 8.44
N GLU B 687 -9.02 -19.34 8.57
CA GLU B 687 -9.44 -18.72 9.82
C GLU B 687 -10.91 -18.36 9.86
N TRP B 688 -11.46 -17.82 8.78
CA TRP B 688 -12.85 -17.39 8.72
C TRP B 688 -13.67 -18.18 7.71
N GLY B 689 -13.21 -19.37 7.32
CA GLY B 689 -13.97 -20.23 6.45
C GLY B 689 -13.75 -20.04 4.97
N ASP B 690 -14.28 -18.97 4.40
CA ASP B 690 -14.06 -18.64 3.00
C ASP B 690 -13.08 -17.47 2.88
N GLY B 691 -13.00 -16.92 1.67
CA GLY B 691 -11.90 -16.10 1.21
C GLY B 691 -12.20 -14.63 1.40
N ILE B 692 -12.76 -13.98 0.37
CA ILE B 692 -12.95 -12.52 0.29
C ILE B 692 -13.73 -11.97 1.49
N ARG B 693 -14.70 -12.72 2.00
CA ARG B 693 -15.40 -12.29 3.21
C ARG B 693 -14.49 -12.32 4.44
N GLY B 694 -13.55 -13.27 4.49
CA GLY B 694 -12.63 -13.35 5.61
C GLY B 694 -11.60 -12.25 5.66
N LEU B 695 -11.33 -11.59 4.54
CA LEU B 695 -10.38 -10.48 4.53
C LEU B 695 -10.93 -9.28 5.29
N SER B 696 -12.24 -9.05 5.22
CA SER B 696 -12.84 -7.95 5.97
C SER B 696 -13.04 -8.30 7.43
N LEU B 697 -13.19 -9.59 7.75
CA LEU B 697 -13.34 -10.00 9.14
C LEU B 697 -12.04 -9.87 9.90
N SER B 698 -10.92 -10.18 9.24
CA SER B 698 -9.63 -10.08 9.90
C SER B 698 -9.13 -8.64 10.00
N ALA B 699 -9.58 -7.75 9.10
CA ALA B 699 -9.20 -6.36 9.19
C ALA B 699 -9.99 -5.61 10.25
N ALA B 700 -11.21 -6.07 10.54
CA ALA B 700 -12.00 -5.45 11.60
C ALA B 700 -11.55 -5.92 12.98
N ARG B 701 -11.09 -7.16 13.10
CA ARG B 701 -10.62 -7.66 14.39
C ARG B 701 -9.28 -7.04 14.76
N PHE B 702 -8.40 -6.84 13.78
CA PHE B 702 -7.09 -6.27 14.07
C PHE B 702 -7.19 -4.79 14.41
N ALA B 703 -8.17 -4.08 13.85
CA ALA B 703 -8.38 -2.68 14.20
C ALA B 703 -9.02 -2.55 15.57
N LEU B 704 -9.85 -3.52 15.97
CA LEU B 704 -10.49 -3.46 17.27
C LEU B 704 -9.53 -3.82 18.40
N LEU B 705 -8.59 -4.75 18.15
CA LEU B 705 -7.63 -5.11 19.17
C LEU B 705 -6.58 -4.03 19.39
N ARG B 706 -6.35 -3.17 18.40
CA ARG B 706 -5.43 -2.06 18.58
C ARG B 706 -6.03 -0.96 19.46
N LEU B 707 -7.35 -0.91 19.57
CA LEU B 707 -8.02 0.15 20.33
C LEU B 707 -7.97 -0.06 21.84
N GLU B 708 -7.43 -1.21 22.26
CA GLU B 708 -7.34 -1.52 23.69
C GLU B 708 -5.92 -1.44 24.21
N GLU B 709 -5.52 -0.25 24.61
CA GLU B 709 -4.18 -0.03 25.14
C GLU B 709 -3.88 1.47 25.22
N GLY B 710 -4.41 2.22 24.26
CA GLY B 710 -4.22 3.65 24.23
C GLY B 710 -4.82 4.34 25.44
N PRO B 711 -4.05 5.35 26.00
CA PRO B 711 -4.67 5.99 27.18
C PRO B 711 -6.03 6.59 26.83
N PRO B 712 -7.14 5.92 27.33
CA PRO B 712 -8.43 6.54 26.96
C PRO B 712 -8.58 7.93 27.59
N HIS B 713 -9.82 8.40 27.69
CA HIS B 713 -10.11 9.71 28.27
C HIS B 713 -9.76 10.81 27.27
N THR B 714 -9.97 10.54 25.98
CA THR B 714 -9.68 11.50 24.94
C THR B 714 -10.06 12.92 25.34
N LYS B 715 -9.50 13.89 24.65
CA LYS B 715 -9.77 15.30 24.92
C LYS B 715 -10.36 16.02 23.72
N ASN B 716 -11.08 15.32 22.85
CA ASN B 716 -11.89 15.93 21.80
C ASN B 716 -13.13 15.05 21.68
N TRP B 717 -14.19 15.44 22.37
CA TRP B 717 -15.44 14.68 22.36
C TRP B 717 -16.19 14.73 21.03
N ARG B 718 -16.95 13.67 20.77
CA ARG B 718 -17.74 13.55 19.55
C ARG B 718 -18.89 12.59 19.85
N PRO B 719 -20.16 13.03 19.49
CA PRO B 719 -21.24 12.08 19.82
C PRO B 719 -21.26 10.84 18.94
N GLN B 720 -21.49 9.67 19.54
CA GLN B 720 -21.54 8.42 18.80
C GLN B 720 -22.99 8.00 18.52
N LEU B 721 -23.83 8.13 19.53
CA LEU B 721 -25.27 7.84 19.38
C LEU B 721 -25.76 6.40 19.51
N LEU B 722 -26.87 6.28 20.24
CA LEU B 722 -27.58 5.03 20.49
C LEU B 722 -29.03 5.48 20.47
N VAL B 723 -29.70 5.23 19.36
CA VAL B 723 -31.07 5.65 19.14
C VAL B 723 -32.02 4.56 19.61
N LEU B 724 -32.83 4.86 20.61
CA LEU B 724 -33.79 3.91 21.15
C LEU B 724 -35.13 4.13 20.46
N LEU B 725 -35.57 3.15 19.69
CA LEU B 725 -36.84 3.21 18.97
C LEU B 725 -37.90 2.39 19.69
N LYS B 726 -39.03 3.02 19.96
CA LYS B 726 -40.15 2.34 20.60
C LYS B 726 -41.02 1.67 19.53
N LEU B 727 -41.25 0.38 19.69
CA LEU B 727 -42.13 -0.37 18.82
C LEU B 727 -43.47 -0.58 19.52
N ASP B 728 -44.56 -0.30 18.80
CA ASP B 728 -45.90 -0.52 19.33
C ASP B 728 -46.36 -1.92 18.95
N GLU B 729 -47.66 -2.18 19.10
CA GLU B 729 -48.25 -3.35 18.46
C GLU B 729 -48.21 -3.20 16.95
N ASP B 730 -48.32 -4.36 16.27
CA ASP B 730 -48.07 -4.64 14.86
C ASP B 730 -46.60 -4.51 14.48
N LEU B 731 -45.70 -4.25 15.45
CA LEU B 731 -44.24 -4.23 15.28
C LEU B 731 -43.79 -3.19 14.24
N HIS B 732 -44.26 -1.97 14.42
CA HIS B 732 -43.86 -0.83 13.60
C HIS B 732 -43.13 0.19 14.45
N VAL B 733 -42.39 1.06 13.79
CA VAL B 733 -41.68 2.13 14.47
C VAL B 733 -42.67 3.24 14.79
N LYS B 734 -42.72 3.64 16.07
CA LYS B 734 -43.68 4.65 16.50
C LYS B 734 -43.26 6.05 16.05
N HIS B 735 -41.99 6.39 16.22
CA HIS B 735 -41.46 7.70 15.87
C HIS B 735 -40.38 7.53 14.82
N PRO B 736 -40.74 7.47 13.53
CA PRO B 736 -39.71 7.35 12.48
C PRO B 736 -38.93 8.63 12.24
N ARG B 737 -39.32 9.75 12.84
CA ARG B 737 -38.58 11.00 12.71
C ARG B 737 -37.33 11.04 13.56
N LEU B 738 -37.15 10.09 14.49
CA LEU B 738 -35.94 10.05 15.29
C LEU B 738 -34.74 9.60 14.47
N LEU B 739 -34.97 8.74 13.47
CA LEU B 739 -33.88 8.34 12.58
C LEU B 739 -33.50 9.46 11.63
N THR B 740 -34.44 10.35 11.30
CA THR B 740 -34.14 11.46 10.42
C THR B 740 -33.29 12.51 11.13
N PHE B 741 -33.62 12.81 12.38
CA PHE B 741 -32.82 13.76 13.14
C PHE B 741 -31.47 13.18 13.53
N ALA B 742 -31.38 11.86 13.66
CA ALA B 742 -30.08 11.23 13.90
C ALA B 742 -29.20 11.28 12.67
N SER B 743 -29.80 11.30 11.48
CA SER B 743 -29.01 11.41 10.26
C SER B 743 -28.55 12.84 10.01
N GLN B 744 -29.34 13.84 10.40
CA GLN B 744 -28.94 15.23 10.23
C GLN B 744 -27.87 15.64 11.22
N LEU B 745 -27.74 14.93 12.34
CA LEU B 745 -26.73 15.29 13.32
C LEU B 745 -25.37 14.69 12.97
N LYS B 746 -25.37 13.47 12.43
CA LYS B 746 -24.12 12.78 12.14
C LYS B 746 -23.67 12.97 10.70
N ALA B 747 -24.60 13.21 9.78
CA ALA B 747 -24.36 13.48 8.35
C ALA B 747 -23.61 12.33 7.67
N GLY B 748 -23.87 11.10 8.11
CA GLY B 748 -23.32 9.92 7.46
C GLY B 748 -21.97 9.46 7.97
N LYS B 749 -21.31 10.22 8.83
CA LYS B 749 -20.02 9.85 9.36
C LYS B 749 -20.13 9.44 10.82
N GLY B 750 -19.26 8.54 11.26
CA GLY B 750 -19.27 8.05 12.62
C GLY B 750 -20.06 6.76 12.78
N LEU B 751 -20.18 6.34 14.03
CA LEU B 751 -20.88 5.12 14.40
C LEU B 751 -22.26 5.46 14.94
N THR B 752 -23.28 4.77 14.44
CA THR B 752 -24.64 4.97 14.92
C THR B 752 -25.30 3.62 15.09
N ILE B 753 -25.78 3.33 16.30
CA ILE B 753 -26.43 2.07 16.61
C ILE B 753 -27.89 2.35 16.91
N VAL B 754 -28.77 1.57 16.30
CA VAL B 754 -30.22 1.67 16.50
C VAL B 754 -30.66 0.47 17.32
N GLY B 755 -31.32 0.72 18.45
CA GLY B 755 -31.72 -0.33 19.37
C GLY B 755 -33.21 -0.36 19.60
N SER B 756 -33.77 -1.56 19.67
CA SER B 756 -35.20 -1.76 19.88
C SER B 756 -35.42 -2.96 20.78
N VAL B 757 -36.59 -2.99 21.42
CA VAL B 757 -36.96 -4.03 22.36
C VAL B 757 -38.34 -4.56 21.99
N ILE B 758 -38.45 -5.87 21.80
CA ILE B 758 -39.74 -6.55 21.63
C ILE B 758 -40.11 -7.20 22.95
N VAL B 759 -41.28 -6.87 23.48
CA VAL B 759 -41.73 -7.42 24.75
C VAL B 759 -42.39 -8.77 24.50
N GLY B 760 -41.82 -9.84 25.04
CA GLY B 760 -42.38 -11.16 24.87
C GLY B 760 -41.40 -12.23 25.29
N ASN B 761 -41.63 -13.44 24.79
CA ASN B 761 -40.79 -14.58 25.05
C ASN B 761 -39.99 -14.92 23.79
N PHE B 762 -38.69 -15.15 23.96
CA PHE B 762 -37.83 -15.38 22.80
C PHE B 762 -38.07 -16.76 22.18
N LEU B 763 -38.51 -17.73 22.96
CA LEU B 763 -38.73 -19.07 22.43
C LEU B 763 -39.97 -19.15 21.54
N GLU B 764 -40.85 -18.15 21.59
CA GLU B 764 -41.99 -18.07 20.70
C GLU B 764 -41.89 -16.96 19.67
N ASN B 765 -41.28 -15.82 20.03
CA ASN B 765 -41.24 -14.65 19.16
C ASN B 765 -39.89 -14.47 18.48
N TYR B 766 -39.18 -15.56 18.19
CA TYR B 766 -37.92 -15.44 17.48
C TYR B 766 -38.11 -15.26 15.97
N GLY B 767 -39.24 -15.72 15.42
CA GLY B 767 -39.54 -15.45 14.04
C GLY B 767 -40.00 -14.03 13.81
N GLU B 768 -40.59 -13.40 14.82
CA GLU B 768 -41.01 -12.02 14.72
C GLU B 768 -39.87 -11.05 14.96
N ALA B 769 -38.79 -11.51 15.58
CA ALA B 769 -37.62 -10.65 15.76
C ALA B 769 -36.81 -10.51 14.48
N LEU B 770 -36.84 -11.53 13.61
CA LEU B 770 -36.13 -11.43 12.35
C LEU B 770 -36.87 -10.53 11.36
N ALA B 771 -38.20 -10.56 11.39
CA ALA B 771 -38.98 -9.73 10.48
C ALA B 771 -39.01 -8.28 10.92
N ALA B 772 -38.94 -8.01 12.22
CA ALA B 772 -38.91 -6.64 12.70
C ALA B 772 -37.56 -5.98 12.44
N GLU B 773 -36.49 -6.76 12.30
CA GLU B 773 -35.20 -6.18 11.98
C GLU B 773 -35.10 -5.78 10.51
N GLN B 774 -35.91 -6.39 9.64
CA GLN B 774 -35.90 -6.01 8.24
C GLN B 774 -36.59 -4.66 8.01
N THR B 775 -37.69 -4.41 8.72
CA THR B 775 -38.40 -3.14 8.53
C THR B 775 -37.65 -1.98 9.15
N ILE B 776 -36.86 -2.23 10.19
CA ILE B 776 -36.03 -1.18 10.75
C ILE B 776 -34.87 -0.85 9.79
N LYS B 777 -34.26 -1.88 9.21
CA LYS B 777 -33.15 -1.65 8.30
C LYS B 777 -33.60 -1.08 6.96
N HIS B 778 -34.86 -1.33 6.57
CA HIS B 778 -35.38 -0.69 5.37
C HIS B 778 -35.69 0.77 5.62
N LEU B 779 -36.21 1.09 6.81
CA LEU B 779 -36.39 2.49 7.20
C LEU B 779 -35.05 3.18 7.43
N MET B 780 -34.03 2.42 7.79
CA MET B 780 -32.71 2.97 8.07
C MET B 780 -32.01 3.49 6.82
N GLU B 781 -32.31 2.93 5.66
CA GLU B 781 -31.71 3.41 4.42
C GLU B 781 -32.55 4.46 3.71
N ALA B 782 -33.83 4.56 4.03
CA ALA B 782 -34.66 5.62 3.47
C ALA B 782 -34.41 6.96 4.14
N GLU B 783 -33.83 6.96 5.34
CA GLU B 783 -33.49 8.18 6.04
C GLU B 783 -31.99 8.48 6.00
N LYS B 784 -31.25 7.72 5.18
CA LYS B 784 -29.81 7.91 4.94
C LYS B 784 -28.99 7.79 6.24
N VAL B 785 -29.18 6.69 6.95
CA VAL B 785 -28.47 6.40 8.19
C VAL B 785 -27.52 5.23 7.92
N LYS B 786 -26.23 5.46 8.16
CA LYS B 786 -25.21 4.42 8.02
C LYS B 786 -24.87 3.88 9.40
N GLY B 787 -25.29 2.66 9.69
CA GLY B 787 -25.01 2.11 10.99
C GLY B 787 -25.45 0.67 11.12
N PHE B 788 -25.76 0.28 12.34
CA PHE B 788 -26.06 -1.10 12.69
C PHE B 788 -27.36 -1.19 13.45
N CYS B 789 -28.05 -2.30 13.28
CA CYS B 789 -29.30 -2.58 13.97
C CYS B 789 -29.05 -3.58 15.10
N GLN B 790 -29.79 -3.42 16.20
CA GLN B 790 -29.61 -4.25 17.38
C GLN B 790 -30.97 -4.41 18.06
N LEU B 791 -31.63 -5.53 17.79
CA LEU B 791 -32.95 -5.81 18.35
C LEU B 791 -32.86 -6.97 19.32
N VAL B 792 -33.64 -6.89 20.40
CA VAL B 792 -33.60 -7.89 21.46
C VAL B 792 -35.04 -8.17 21.92
N VAL B 793 -35.27 -9.38 22.41
CA VAL B 793 -36.56 -9.80 22.93
C VAL B 793 -36.42 -10.02 24.43
N ALA B 794 -37.11 -9.19 25.22
CA ALA B 794 -37.04 -9.26 26.67
C ALA B 794 -38.43 -9.46 27.25
N ALA B 795 -38.47 -9.86 28.51
CA ALA B 795 -39.74 -10.08 29.19
C ALA B 795 -40.38 -8.76 29.63
N LYS B 796 -39.56 -7.81 30.07
CA LYS B 796 -40.03 -6.49 30.44
C LYS B 796 -39.35 -5.44 29.57
N LEU B 797 -40.02 -4.30 29.42
CA LEU B 797 -39.47 -3.23 28.61
C LEU B 797 -38.33 -2.51 29.32
N ARG B 798 -38.44 -2.35 30.64
CA ARG B 798 -37.41 -1.63 31.39
C ARG B 798 -36.13 -2.44 31.50
N GLU B 799 -36.22 -3.77 31.49
CA GLU B 799 -35.03 -4.59 31.60
C GLU B 799 -34.29 -4.69 30.27
N GLY B 800 -35.02 -4.77 29.16
CA GLY B 800 -34.38 -4.85 27.86
C GLY B 800 -33.75 -3.55 27.42
N ILE B 801 -34.30 -2.42 27.88
CA ILE B 801 -33.71 -1.12 27.56
C ILE B 801 -32.43 -0.93 28.37
N SER B 802 -32.45 -1.35 29.64
CA SER B 802 -31.29 -1.18 30.52
C SER B 802 -30.11 -2.05 30.09
N HIS B 803 -30.38 -3.17 29.41
CA HIS B 803 -29.29 -4.00 28.94
C HIS B 803 -28.72 -3.51 27.62
N LEU B 804 -29.52 -2.80 26.81
CA LEU B 804 -29.01 -2.25 25.57
C LEU B 804 -28.07 -1.07 25.80
N ILE B 805 -28.26 -0.36 26.91
CA ILE B 805 -27.43 0.81 27.18
C ILE B 805 -26.02 0.41 27.64
N GLN B 806 -25.90 -0.71 28.33
CA GLN B 806 -24.60 -1.11 28.87
C GLN B 806 -23.92 -2.23 28.10
N SER B 807 -24.56 -2.78 27.06
CA SER B 807 -23.98 -3.92 26.35
C SER B 807 -24.14 -3.78 24.84
N CYS B 808 -23.85 -2.61 24.29
CA CYS B 808 -23.82 -2.41 22.84
C CYS B 808 -22.41 -2.04 22.41
N GLY B 809 -21.99 -2.58 21.27
CA GLY B 809 -20.65 -2.37 20.75
C GLY B 809 -19.78 -3.60 20.96
N LEU B 810 -18.50 -3.44 20.65
CA LEU B 810 -17.54 -4.53 20.81
C LEU B 810 -16.23 -4.03 21.41
N GLY B 811 -16.28 -3.06 22.31
CA GLY B 811 -15.09 -2.60 22.98
C GLY B 811 -14.39 -1.54 22.16
N GLY B 812 -14.23 -0.35 22.69
CA GLY B 812 -13.70 0.75 21.89
C GLY B 812 -14.66 1.37 20.90
N MET B 813 -15.28 0.55 20.05
CA MET B 813 -16.32 1.00 19.14
C MET B 813 -17.70 0.84 19.78
N LYS B 814 -17.86 1.49 20.92
CA LYS B 814 -19.13 1.51 21.64
C LYS B 814 -19.73 2.91 21.56
N HIS B 815 -20.99 3.00 21.96
CA HIS B 815 -21.72 4.25 21.87
C HIS B 815 -21.27 5.21 22.96
N ASN B 816 -21.73 6.45 22.82
CA ASN B 816 -21.31 7.55 23.68
C ASN B 816 -22.47 8.38 24.19
N THR B 817 -23.63 8.32 23.55
CA THR B 817 -24.74 9.22 23.81
C THR B 817 -26.02 8.45 23.51
N VAL B 818 -27.00 8.51 24.41
CA VAL B 818 -28.29 7.87 24.20
C VAL B 818 -29.28 8.92 23.72
N VAL B 819 -30.01 8.60 22.66
CA VAL B 819 -30.99 9.49 22.06
C VAL B 819 -32.34 8.79 22.09
N MET B 820 -33.32 9.41 22.75
CA MET B 820 -34.66 8.86 22.83
C MET B 820 -35.67 9.98 22.69
N GLY B 821 -36.93 9.60 22.48
CA GLY B 821 -38.00 10.57 22.35
C GLY B 821 -38.71 10.82 23.66
N TRP B 822 -39.47 11.90 23.67
CA TRP B 822 -40.23 12.30 24.84
C TRP B 822 -41.50 11.46 24.95
N PRO B 823 -41.88 11.04 26.16
CA PRO B 823 -43.10 10.24 26.33
C PRO B 823 -44.38 11.06 26.21
N ASN B 824 -44.85 11.27 24.99
CA ASN B 824 -46.04 12.07 24.77
C ASN B 824 -47.28 11.32 25.24
N GLY B 825 -47.99 11.91 26.20
CA GLY B 825 -49.17 11.29 26.78
C GLY B 825 -49.00 10.71 28.16
N TRP B 826 -47.97 11.13 28.90
CA TRP B 826 -47.79 10.64 30.27
C TRP B 826 -48.79 11.27 31.23
N ARG B 827 -49.25 12.47 30.92
CA ARG B 827 -50.21 13.14 31.80
C ARG B 827 -51.61 12.58 31.59
N GLN B 828 -51.70 11.50 30.82
CA GLN B 828 -52.99 10.87 30.55
C GLN B 828 -53.67 10.48 31.86
N SER B 829 -53.48 9.24 32.28
CA SER B 829 -54.08 8.75 33.52
C SER B 829 -53.96 7.23 33.64
N GLU B 830 -53.97 6.75 34.88
CA GLU B 830 -53.87 5.33 35.17
C GLU B 830 -52.83 4.64 34.28
N ASP B 831 -51.55 4.81 34.62
CA ASP B 831 -50.48 4.20 33.86
C ASP B 831 -49.11 4.75 34.26
N ALA B 832 -48.72 4.49 35.51
CA ALA B 832 -47.42 4.94 35.98
C ALA B 832 -46.30 4.32 35.17
N ARG B 833 -46.62 3.37 34.30
CA ARG B 833 -45.61 2.64 33.53
C ARG B 833 -45.04 3.50 32.40
N ALA B 834 -45.80 4.47 31.89
CA ALA B 834 -45.35 5.22 30.73
C ALA B 834 -44.28 6.24 31.09
N TRP B 835 -44.36 6.82 32.29
CA TRP B 835 -43.42 7.88 32.66
C TRP B 835 -42.35 7.44 33.65
N LYS B 836 -42.54 6.30 34.33
CA LYS B 836 -41.46 5.77 35.16
C LYS B 836 -40.47 4.93 34.36
N THR B 837 -40.85 4.52 33.15
CA THR B 837 -39.88 3.95 32.22
C THR B 837 -38.93 5.03 31.71
N PHE B 838 -39.42 6.27 31.62
CA PHE B 838 -38.59 7.37 31.15
C PHE B 838 -37.55 7.77 32.20
N ILE B 839 -37.99 7.94 33.46
CA ILE B 839 -37.07 8.34 34.53
C ILE B 839 -36.09 7.22 34.83
N GLY B 840 -36.50 5.97 34.66
CA GLY B 840 -35.57 4.86 34.81
C GLY B 840 -34.50 4.84 33.74
N THR B 841 -34.84 5.25 32.52
CA THR B 841 -33.86 5.32 31.44
C THR B 841 -32.88 6.47 31.66
N VAL B 842 -33.34 7.58 32.23
CA VAL B 842 -32.45 8.70 32.53
C VAL B 842 -31.48 8.32 33.66
N ARG B 843 -31.95 7.56 34.64
CA ARG B 843 -31.10 7.18 35.76
C ARG B 843 -30.07 6.13 35.36
N VAL B 844 -30.41 5.24 34.43
CA VAL B 844 -29.45 4.26 33.95
C VAL B 844 -28.38 4.94 33.08
N THR B 845 -28.79 5.93 32.29
CA THR B 845 -27.86 6.64 31.41
C THR B 845 -26.86 7.48 32.20
N THR B 846 -27.32 8.16 33.24
CA THR B 846 -26.40 8.97 34.04
C THR B 846 -25.56 8.16 35.00
N ALA B 847 -25.87 6.88 35.19
CA ALA B 847 -25.05 6.01 36.03
C ALA B 847 -23.93 5.34 35.24
N ALA B 848 -24.13 5.14 33.94
CA ALA B 848 -23.10 4.61 33.06
C ALA B 848 -22.21 5.69 32.47
N HIS B 849 -22.40 6.95 32.92
CA HIS B 849 -21.60 8.11 32.51
C HIS B 849 -21.66 8.34 31.01
N LEU B 850 -22.88 8.41 30.49
CA LEU B 850 -23.14 8.70 29.09
C LEU B 850 -23.91 10.01 28.97
N ALA B 851 -23.89 10.59 27.78
CA ALA B 851 -24.65 11.78 27.50
C ALA B 851 -26.07 11.42 27.09
N LEU B 852 -26.98 12.38 27.23
CA LEU B 852 -28.39 12.15 26.98
C LEU B 852 -28.95 13.26 26.09
N LEU B 853 -29.63 12.87 25.03
CA LEU B 853 -30.28 13.81 24.12
C LEU B 853 -31.75 13.41 24.01
N VAL B 854 -32.63 14.20 24.59
CA VAL B 854 -34.07 13.94 24.57
C VAL B 854 -34.71 14.96 23.64
N ALA B 855 -35.49 14.47 22.68
CA ALA B 855 -36.15 15.32 21.69
C ALA B 855 -37.63 15.38 22.01
N LYS B 856 -38.14 16.60 22.19
CA LYS B 856 -39.55 16.83 22.46
C LYS B 856 -40.26 17.30 21.19
N ASN B 857 -41.47 16.79 20.99
CA ASN B 857 -42.28 16.99 19.77
C ASN B 857 -41.49 16.57 18.52
N ILE B 858 -41.16 15.27 18.48
CA ILE B 858 -40.34 14.76 17.38
C ILE B 858 -41.13 14.66 16.08
N SER B 859 -42.47 14.67 16.14
CA SER B 859 -43.26 14.61 14.92
C SER B 859 -43.31 15.93 14.17
N PHE B 860 -42.83 17.02 14.77
CA PHE B 860 -42.76 18.31 14.11
C PHE B 860 -41.36 18.65 13.63
N PHE B 861 -40.43 17.72 13.76
CA PHE B 861 -39.07 17.93 13.29
C PHE B 861 -39.04 17.83 11.76
N PRO B 862 -38.12 18.54 11.10
CA PRO B 862 -38.13 18.57 9.63
C PRO B 862 -37.60 17.28 9.02
N SER B 863 -38.08 17.01 7.81
CA SER B 863 -37.60 15.89 7.02
C SER B 863 -36.30 16.27 6.33
N ASN B 864 -35.78 15.36 5.51
CA ASN B 864 -34.51 15.61 4.84
C ASN B 864 -34.66 16.43 3.56
N VAL B 865 -35.88 16.78 3.17
CA VAL B 865 -36.10 17.43 1.89
C VAL B 865 -36.93 18.70 2.03
N GLU B 866 -36.85 19.37 3.18
CA GLU B 866 -37.70 20.54 3.40
C GLU B 866 -36.95 21.85 3.53
N GLN B 867 -35.81 21.88 4.27
CA GLN B 867 -34.82 22.97 4.18
C GLN B 867 -35.33 24.37 4.54
N PHE B 868 -35.46 24.66 5.84
CA PHE B 868 -35.73 25.98 6.40
C PHE B 868 -34.98 27.09 5.68
N SER B 869 -35.72 28.09 5.20
CA SER B 869 -35.12 29.16 4.40
C SER B 869 -34.38 30.17 5.27
N GLU B 870 -34.92 30.46 6.45
CA GLU B 870 -34.27 31.35 7.40
C GLU B 870 -34.82 31.06 8.78
N GLY B 871 -34.03 31.38 9.79
CA GLY B 871 -34.45 31.15 11.16
C GLY B 871 -33.29 31.25 12.11
N ASN B 872 -33.56 30.88 13.36
CA ASN B 872 -32.57 30.89 14.42
C ASN B 872 -32.34 29.48 14.94
N ILE B 873 -31.33 29.35 15.80
CA ILE B 873 -31.14 28.19 16.66
C ILE B 873 -30.70 28.78 18.00
N ASP B 874 -31.53 28.62 19.02
CA ASP B 874 -31.29 29.25 20.31
C ASP B 874 -30.73 28.24 21.30
N VAL B 875 -29.62 28.59 21.93
CA VAL B 875 -28.97 27.76 22.92
C VAL B 875 -29.07 28.47 24.27
N TRP B 876 -29.71 27.80 25.23
CA TRP B 876 -29.84 28.36 26.56
C TRP B 876 -28.89 27.64 27.50
N TRP B 877 -27.69 28.19 27.60
CA TRP B 877 -26.63 27.65 28.45
C TRP B 877 -26.85 28.02 29.91
N ILE B 878 -27.16 27.02 30.74
CA ILE B 878 -27.40 27.28 32.15
C ILE B 878 -26.38 26.64 33.09
N VAL B 879 -25.37 27.42 33.46
CA VAL B 879 -24.32 26.99 34.37
C VAL B 879 -23.48 25.77 33.97
N HIS B 880 -24.14 24.69 33.51
CA HIS B 880 -23.38 23.49 33.14
C HIS B 880 -23.44 23.06 31.68
N ASP B 881 -22.65 22.04 31.38
CA ASP B 881 -22.56 21.43 30.05
C ASP B 881 -22.38 22.48 28.96
N GLY B 882 -21.26 23.18 29.02
CA GLY B 882 -21.00 24.26 28.08
C GLY B 882 -20.41 23.84 26.76
N GLY B 883 -19.53 22.83 26.78
CA GLY B 883 -18.89 22.39 25.56
C GLY B 883 -19.83 21.65 24.63
N MET B 884 -20.73 20.84 25.20
CA MET B 884 -21.66 20.07 24.38
C MET B 884 -22.74 20.95 23.78
N LEU B 885 -23.11 22.04 24.45
CA LEU B 885 -24.14 22.93 23.95
C LEU B 885 -23.67 23.84 22.82
N MET B 886 -22.36 23.88 22.54
CA MET B 886 -21.86 24.62 21.40
C MET B 886 -21.43 23.74 20.24
N LEU B 887 -21.14 22.46 20.49
CA LEU B 887 -20.74 21.57 19.41
C LEU B 887 -21.96 21.11 18.61
N LEU B 888 -23.08 20.85 19.28
CA LEU B 888 -24.29 20.34 18.65
C LEU B 888 -24.95 21.29 17.65
N PRO B 889 -25.03 22.62 17.87
CA PRO B 889 -25.48 23.48 16.77
C PRO B 889 -24.45 23.65 15.67
N PHE B 890 -23.16 23.47 15.98
CA PHE B 890 -22.14 23.56 14.95
C PHE B 890 -22.20 22.36 14.01
N LEU B 891 -22.41 21.16 14.55
CA LEU B 891 -22.51 19.97 13.71
C LEU B 891 -23.83 19.91 12.97
N LEU B 892 -24.86 20.56 13.49
CA LEU B 892 -26.15 20.55 12.83
C LEU B 892 -26.22 21.56 11.70
N LYS B 893 -25.47 22.66 11.81
CA LYS B 893 -25.51 23.72 10.81
C LYS B 893 -24.82 23.31 9.51
N GLN B 894 -23.92 22.33 9.55
CA GLN B 894 -23.30 21.84 8.32
C GLN B 894 -24.09 20.69 7.71
N HIS B 895 -25.38 20.92 7.54
CA HIS B 895 -26.29 20.00 6.86
C HIS B 895 -27.13 20.83 5.89
N LYS B 896 -27.82 20.14 4.98
CA LYS B 896 -28.64 20.82 3.99
C LYS B 896 -29.83 21.52 4.63
N VAL B 897 -30.40 20.95 5.69
CA VAL B 897 -31.64 21.49 6.25
C VAL B 897 -31.35 22.70 7.14
N TRP B 898 -30.33 22.63 7.99
CA TRP B 898 -30.06 23.69 8.97
C TRP B 898 -28.95 24.62 8.51
N ARG B 899 -28.77 24.80 7.20
CA ARG B 899 -27.66 25.58 6.70
C ARG B 899 -27.89 27.08 6.87
N LYS B 900 -29.08 27.56 6.56
CA LYS B 900 -29.36 28.99 6.53
C LYS B 900 -29.78 29.56 7.88
N CYS B 901 -29.77 28.76 8.94
CA CYS B 901 -30.09 29.28 10.25
C CYS B 901 -28.86 29.94 10.87
N SER B 902 -29.10 30.72 11.93
CA SER B 902 -28.03 31.42 12.64
C SER B 902 -28.14 31.12 14.12
N ILE B 903 -26.99 31.04 14.78
CA ILE B 903 -26.89 30.56 16.16
C ILE B 903 -26.92 31.75 17.11
N ARG B 904 -27.83 31.69 18.07
CA ARG B 904 -27.87 32.63 19.19
C ARG B 904 -27.63 31.88 20.48
N ILE B 905 -26.83 32.46 21.37
CA ILE B 905 -26.40 31.80 22.60
C ILE B 905 -26.75 32.68 23.78
N PHE B 906 -27.53 32.13 24.72
CA PHE B 906 -27.92 32.83 25.93
C PHE B 906 -27.31 32.10 27.12
N THR B 907 -26.51 32.82 27.90
CA THR B 907 -25.88 32.27 29.10
C THR B 907 -26.55 32.86 30.33
N VAL B 908 -26.80 32.02 31.31
CA VAL B 908 -27.46 32.42 32.55
C VAL B 908 -26.37 32.62 33.60
N ALA B 909 -26.21 33.85 34.05
CA ALA B 909 -25.27 34.18 35.12
C ALA B 909 -26.04 34.60 36.36
N GLN B 910 -25.31 34.84 37.43
CA GLN B 910 -25.89 35.27 38.70
C GLN B 910 -25.48 36.71 39.00
N LEU B 911 -26.09 37.26 40.05
CA LEU B 911 -25.88 38.66 40.38
C LEU B 911 -24.50 38.90 40.99
N GLU B 912 -23.93 37.90 41.65
CA GLU B 912 -22.62 38.07 42.26
C GLU B 912 -21.50 38.03 41.23
N ASP B 913 -21.72 37.42 40.07
CA ASP B 913 -20.68 37.31 39.06
C ASP B 913 -20.58 38.61 38.26
N ASN B 914 -19.66 38.63 37.30
CA ASN B 914 -19.41 39.80 36.47
C ASN B 914 -20.02 39.53 35.09
N SER B 915 -21.17 40.18 34.83
CA SER B 915 -21.83 39.98 33.54
C SER B 915 -21.12 40.73 32.42
N ILE B 916 -20.39 41.79 32.76
CA ILE B 916 -19.69 42.57 31.73
C ILE B 916 -18.48 41.81 31.20
N GLN B 917 -17.71 41.21 32.11
CA GLN B 917 -16.53 40.47 31.69
C GLN B 917 -16.90 39.15 31.02
N MET B 918 -18.02 38.54 31.41
CA MET B 918 -18.43 37.28 30.80
C MET B 918 -18.93 37.49 29.38
N LYS B 919 -19.54 38.63 29.10
CA LYS B 919 -19.95 38.95 27.73
C LYS B 919 -18.73 39.22 26.85
N LYS B 920 -17.74 39.95 27.38
CA LYS B 920 -16.55 40.28 26.63
C LYS B 920 -15.64 39.08 26.43
N ASP B 921 -15.74 38.05 27.27
CA ASP B 921 -14.88 36.89 27.14
C ASP B 921 -15.47 35.80 26.28
N LEU B 922 -16.79 35.62 26.31
CA LEU B 922 -17.42 34.63 25.44
C LEU B 922 -17.40 35.07 23.98
N ALA B 923 -17.47 36.38 23.73
CA ALA B 923 -17.33 36.88 22.37
C ALA B 923 -15.90 36.73 21.87
N THR B 924 -14.92 36.85 22.78
CA THR B 924 -13.53 36.63 22.41
C THR B 924 -13.26 35.16 22.15
N PHE B 925 -13.97 34.27 22.84
CA PHE B 925 -13.75 32.83 22.67
C PHE B 925 -14.28 32.34 21.32
N LEU B 926 -15.44 32.84 20.90
CA LEU B 926 -16.00 32.43 19.62
C LEU B 926 -15.26 33.01 18.43
N TYR B 927 -14.47 34.08 18.65
CA TYR B 927 -13.70 34.67 17.55
C TYR B 927 -12.53 33.78 17.17
N HIS B 928 -11.87 33.16 18.15
CA HIS B 928 -10.71 32.34 17.90
C HIS B 928 -11.05 30.92 17.45
N LEU B 929 -12.33 30.59 17.33
CA LEU B 929 -12.74 29.26 16.92
C LEU B 929 -13.56 29.24 15.65
N ARG B 930 -13.90 30.42 15.09
CA ARG B 930 -14.70 30.59 13.87
C ARG B 930 -16.06 29.91 13.99
N ILE B 931 -16.86 30.43 14.92
CA ILE B 931 -18.17 29.86 15.23
C ILE B 931 -19.30 30.66 14.60
N GLU B 932 -19.18 31.98 14.59
CA GLU B 932 -20.15 32.93 14.03
C GLU B 932 -21.52 32.78 14.72
N ALA B 933 -21.52 33.17 15.99
CA ALA B 933 -22.73 33.26 16.79
C ALA B 933 -22.77 34.63 17.47
N GLU B 934 -23.77 34.83 18.31
CA GLU B 934 -23.87 36.04 19.13
C GLU B 934 -24.25 35.65 20.54
N VAL B 935 -23.61 36.29 21.52
CA VAL B 935 -23.75 35.93 22.93
C VAL B 935 -24.46 37.08 23.66
N GLU B 936 -25.41 36.73 24.51
CA GLU B 936 -26.06 37.67 25.41
C GLU B 936 -26.22 37.01 26.76
N VAL B 937 -25.90 37.74 27.82
CA VAL B 937 -26.02 37.21 29.17
C VAL B 937 -27.32 37.71 29.78
N VAL B 938 -27.90 36.86 30.63
CA VAL B 938 -29.08 37.20 31.42
C VAL B 938 -28.83 36.76 32.85
N GLU B 939 -29.16 37.64 33.81
CA GLU B 939 -28.97 37.33 35.21
C GLU B 939 -30.30 36.96 35.85
N MET B 940 -30.26 35.95 36.71
CA MET B 940 -31.43 35.47 37.43
C MET B 940 -31.08 35.31 38.89
N HIS B 941 -32.10 35.32 39.74
CA HIS B 941 -31.88 35.11 41.16
C HIS B 941 -31.62 33.64 41.44
N ASP B 942 -31.07 33.37 42.62
CA ASP B 942 -30.72 32.00 42.99
C ASP B 942 -31.95 31.16 43.33
N SER B 943 -33.10 31.79 43.54
CA SER B 943 -34.34 31.09 43.82
C SER B 943 -35.07 30.67 42.55
N ASP B 944 -34.47 30.84 41.38
CA ASP B 944 -35.09 30.46 40.13
C ASP B 944 -34.30 29.40 39.36
N ILE B 945 -32.99 29.32 39.55
CA ILE B 945 -32.18 28.29 38.91
C ILE B 945 -31.70 27.32 39.97
N SER B 946 -32.49 27.14 41.02
CA SER B 946 -32.09 26.33 42.16
C SER B 946 -32.02 24.84 41.82
N ALA B 947 -32.72 24.39 40.78
CA ALA B 947 -32.60 22.99 40.36
C ALA B 947 -31.27 22.73 39.68
N TYR B 948 -30.60 23.77 39.18
CA TYR B 948 -29.31 23.65 38.52
C TYR B 948 -28.15 23.95 39.45
N THR B 949 -28.25 25.00 40.24
CA THR B 949 -27.13 25.49 41.03
C THR B 949 -26.96 24.78 42.36
N TYR B 950 -27.80 23.78 42.65
CA TYR B 950 -27.75 23.13 43.95
C TYR B 950 -26.56 22.19 44.04
N GLU B 951 -26.49 21.19 43.17
CA GLU B 951 -25.38 20.23 43.20
C GLU B 951 -24.31 20.67 42.20
N ARG B 952 -23.67 21.78 42.54
CA ARG B 952 -22.53 22.26 41.77
C ARG B 952 -21.24 21.78 42.38
N LEU B 954 -20.30 19.94 44.72
CA LEU B 954 -20.09 18.53 45.04
C LEU B 954 -19.47 17.86 43.81
N MET B 955 -19.91 18.32 42.62
CA MET B 955 -19.51 17.74 41.35
C MET B 955 -18.60 18.64 40.52
N MET B 956 -18.50 19.92 40.85
CA MET B 956 -17.73 20.86 40.02
C MET B 956 -16.24 20.61 40.15
N GLU B 957 -15.75 20.41 41.39
CA GLU B 957 -14.34 20.11 41.57
C GLU B 957 -14.05 18.65 41.23
N GLN B 958 -15.09 17.81 41.20
CA GLN B 958 -14.99 16.45 40.70
C GLN B 958 -14.70 16.47 39.20
N ARG B 959 -15.20 17.50 38.51
CA ARG B 959 -14.78 17.74 37.13
C ARG B 959 -13.36 18.30 37.09
N SER B 960 -12.98 19.06 38.13
CA SER B 960 -11.61 19.58 38.18
C SER B 960 -10.61 18.48 38.53
N GLN B 961 -11.05 17.53 39.35
CA GLN B 961 -10.19 16.43 39.74
C GLN B 961 -9.99 15.48 38.57
N MET B 962 -10.73 15.72 37.49
CA MET B 962 -10.64 14.89 36.30
C MET B 962 -10.13 15.69 35.10
N LEU B 963 -10.21 17.02 35.22
CA LEU B 963 -9.76 17.90 34.15
C LEU B 963 -8.31 17.64 33.80
N ARG B 964 -7.43 17.72 34.80
CA ARG B 964 -6.02 17.48 34.60
C ARG B 964 -5.76 16.17 33.88
N HIS B 965 -5.72 15.08 34.65
CA HIS B 965 -5.49 13.76 34.08
C HIS B 965 -4.34 13.78 33.07
N MET B 966 -4.63 14.27 31.87
CA MET B 966 -3.63 14.35 30.82
C MET B 966 -3.00 15.74 30.75
N ARG B 967 -2.17 15.97 29.74
CA ARG B 967 -1.50 17.24 29.56
C ARG B 967 -2.37 18.21 28.77
N LEU B 968 -2.31 19.50 29.12
CA LEU B 968 -3.09 20.52 28.43
C LEU B 968 -2.65 21.92 28.86
N SER B 969 -1.96 22.61 27.96
CA SER B 969 -1.49 23.96 28.23
C SER B 969 -2.65 24.95 28.35
N LYS B 970 -2.37 26.22 28.10
CA LYS B 970 -3.39 27.26 28.18
C LYS B 970 -3.95 27.63 26.81
N THR B 971 -3.30 27.19 25.73
CA THR B 971 -3.84 27.43 24.39
C THR B 971 -4.97 26.46 24.11
N GLU B 972 -5.10 25.40 24.91
CA GLU B 972 -6.22 24.48 24.84
C GLU B 972 -7.11 24.53 26.08
N ARG B 973 -6.65 25.17 27.15
CA ARG B 973 -7.48 25.39 28.33
C ARG B 973 -8.29 26.66 28.18
N ASP B 974 -8.06 27.39 27.09
CA ASP B 974 -8.90 28.53 26.73
C ASP B 974 -9.78 28.23 25.54
N ARG B 975 -9.84 26.96 25.13
CA ARG B 975 -10.75 26.51 24.07
C ARG B 975 -11.92 25.71 24.62
N GLU B 976 -11.86 25.25 25.86
CA GLU B 976 -13.03 24.69 26.50
C GLU B 976 -13.95 25.80 26.98
N ALA B 977 -15.21 25.74 26.56
CA ALA B 977 -16.15 26.83 26.84
C ALA B 977 -16.53 26.90 28.31
N GLN B 978 -16.55 25.77 29.01
CA GLN B 978 -16.88 25.78 30.43
C GLN B 978 -15.75 26.39 31.26
N LEU B 979 -14.51 26.28 30.80
CA LEU B 979 -13.39 26.82 31.56
C LEU B 979 -13.27 28.33 31.38
N VAL B 980 -13.55 28.84 30.18
CA VAL B 980 -13.50 30.28 29.96
C VAL B 980 -14.70 30.99 30.57
N LYS B 981 -15.81 30.27 30.78
CA LYS B 981 -16.96 30.84 31.46
C LYS B 981 -16.77 30.88 32.96
N ASP B 982 -15.97 29.98 33.51
CA ASP B 982 -15.81 29.82 34.95
C ASP B 982 -14.92 30.87 35.60
N ARG B 983 -14.55 31.94 34.89
CA ARG B 983 -13.84 33.06 35.50
C ARG B 983 -14.89 34.01 36.07
N ASN B 984 -15.38 33.66 37.25
CA ASN B 984 -16.47 34.37 37.89
C ASN B 984 -16.29 34.27 39.40
N SER B 985 -17.36 34.56 40.14
CA SER B 985 -17.43 34.50 41.61
C SER B 985 -16.38 35.39 42.30
N VAL B 1007 -35.33 28.82 51.16
CA VAL B 1007 -33.99 28.87 51.73
C VAL B 1007 -33.35 27.48 51.75
N HIS B 1008 -34.15 26.46 51.44
CA HIS B 1008 -33.65 25.09 51.40
C HIS B 1008 -33.74 24.49 50.00
N MET B 1009 -34.92 24.59 49.36
CA MET B 1009 -35.21 24.11 48.00
C MET B 1009 -34.97 22.61 47.79
N TRP B 1011 -36.80 18.62 46.18
CA TRP B 1011 -37.59 18.03 45.10
C TRP B 1011 -38.90 17.45 45.60
N THR B 1012 -38.98 17.19 46.90
CA THR B 1012 -40.15 16.57 47.51
C THR B 1012 -40.94 17.60 48.31
N LYS B 1013 -42.18 17.24 48.63
CA LYS B 1013 -43.07 18.13 49.37
C LYS B 1013 -43.09 17.75 50.85
N VAL B 1043 -39.93 27.14 55.35
CA VAL B 1043 -38.51 27.18 55.04
C VAL B 1043 -38.15 26.08 54.05
N ARG B 1044 -39.17 25.38 53.55
CA ARG B 1044 -39.00 24.32 52.58
C ARG B 1044 -39.87 24.63 51.37
N ARG B 1045 -39.23 24.88 50.23
CA ARG B 1045 -39.93 25.22 49.00
C ARG B 1045 -39.57 24.22 47.92
N MET B 1046 -40.44 24.13 46.91
CA MET B 1046 -40.26 23.22 45.80
C MET B 1046 -39.41 23.87 44.71
N HIS B 1047 -38.83 23.02 43.86
CA HIS B 1047 -38.09 23.48 42.69
C HIS B 1047 -39.09 23.91 41.64
N THR B 1048 -39.29 25.21 41.50
CA THR B 1048 -40.24 25.75 40.54
C THR B 1048 -39.53 26.17 39.26
N ALA B 1049 -40.31 26.31 38.19
CA ALA B 1049 -39.76 26.70 36.90
C ALA B 1049 -40.64 27.73 36.18
N VAL B 1050 -41.56 28.38 36.88
CA VAL B 1050 -42.43 29.34 36.21
C VAL B 1050 -41.73 30.67 35.96
N LYS B 1051 -40.61 30.93 36.62
CA LYS B 1051 -39.84 32.14 36.35
C LYS B 1051 -38.73 31.91 35.34
N LEU B 1052 -38.30 30.68 35.14
CA LEU B 1052 -37.29 30.37 34.13
C LEU B 1052 -37.90 30.22 32.75
N ASN B 1053 -39.13 29.72 32.68
CA ASN B 1053 -39.75 29.46 31.38
C ASN B 1053 -40.22 30.75 30.71
N GLU B 1054 -40.69 31.72 31.48
CA GLU B 1054 -41.20 32.95 30.88
C GLU B 1054 -40.10 33.88 30.39
N VAL B 1055 -38.83 33.61 30.72
CA VAL B 1055 -37.73 34.34 30.11
C VAL B 1055 -37.13 33.55 28.94
N ILE B 1056 -37.42 32.26 28.83
CA ILE B 1056 -37.03 31.51 27.65
C ILE B 1056 -38.04 31.74 26.53
N VAL B 1057 -39.34 31.69 26.85
CA VAL B 1057 -40.37 31.86 25.83
C VAL B 1057 -40.51 33.33 25.42
N ASN B 1058 -39.93 34.26 26.19
CA ASN B 1058 -39.94 35.66 25.80
C ASN B 1058 -38.96 35.96 24.67
N LYS B 1059 -37.96 35.11 24.48
CA LYS B 1059 -36.94 35.34 23.45
C LYS B 1059 -36.75 34.19 22.49
N SER B 1060 -37.21 32.98 22.79
CA SER B 1060 -36.93 31.83 21.96
C SER B 1060 -38.18 31.22 21.34
N HIS B 1061 -39.30 31.93 21.36
CA HIS B 1061 -40.39 31.51 20.51
C HIS B 1061 -40.09 31.90 19.06
N GLU B 1062 -40.76 31.22 18.14
CA GLU B 1062 -40.47 31.20 16.68
C GLU B 1062 -38.97 31.17 16.39
N ALA B 1063 -38.29 30.19 16.99
CA ALA B 1063 -36.85 30.05 16.86
C ALA B 1063 -36.40 28.71 16.32
N LYS B 1064 -37.33 27.83 15.93
CA LYS B 1064 -37.12 26.66 15.08
C LYS B 1064 -36.31 25.52 15.69
N LEU B 1065 -35.63 25.77 16.81
CA LEU B 1065 -34.93 24.78 17.63
C LEU B 1065 -34.47 25.48 18.89
N VAL B 1066 -34.66 24.84 20.03
CA VAL B 1066 -34.20 25.36 21.31
C VAL B 1066 -33.40 24.26 22.00
N LEU B 1067 -32.13 24.53 22.28
CA LEU B 1067 -31.28 23.62 23.03
C LEU B 1067 -31.10 24.18 24.44
N LEU B 1068 -31.44 23.37 25.43
CA LEU B 1068 -31.22 23.78 26.82
C LEU B 1068 -30.89 22.53 27.62
N ASN B 1069 -30.01 22.70 28.60
CA ASN B 1069 -29.64 21.57 29.44
C ASN B 1069 -30.65 21.34 30.54
N MET B 1070 -30.94 20.06 30.80
CA MET B 1070 -31.93 19.65 31.79
C MET B 1070 -31.27 19.38 33.13
N PRO B 1071 -31.96 19.61 34.24
CA PRO B 1071 -31.38 19.28 35.54
C PRO B 1071 -31.40 17.79 35.78
N GLY B 1072 -30.61 17.36 36.75
CA GLY B 1072 -30.53 15.96 37.11
C GLY B 1072 -31.75 15.49 37.86
N PRO B 1073 -31.99 14.18 37.86
CA PRO B 1073 -33.08 13.61 38.66
C PRO B 1073 -32.76 13.73 40.14
N PRO B 1074 -33.77 13.64 41.01
CA PRO B 1074 -33.50 13.74 42.45
C PRO B 1074 -32.70 12.56 42.96
N ARG B 1075 -32.11 12.76 44.15
CA ARG B 1075 -31.23 11.74 44.74
C ARG B 1075 -32.01 10.51 45.16
N ASN B 1076 -33.30 10.65 45.40
CA ASN B 1076 -34.14 9.54 45.81
C ASN B 1076 -35.46 9.59 45.04
N PRO B 1077 -36.26 8.52 45.07
CA PRO B 1077 -37.65 8.64 44.63
C PRO B 1077 -38.52 9.41 45.62
N GLU B 1078 -39.84 9.36 45.39
CA GLU B 1078 -40.88 10.23 45.98
C GLU B 1078 -40.72 11.68 45.50
N GLY B 1079 -40.07 11.87 44.36
CA GLY B 1079 -39.95 13.16 43.71
C GLY B 1079 -39.94 13.00 42.21
N ASP B 1080 -40.27 11.80 41.73
CA ASP B 1080 -40.18 11.52 40.29
C ASP B 1080 -41.31 12.20 39.53
N GLU B 1081 -42.49 12.29 40.12
CA GLU B 1081 -43.58 12.99 39.46
C GLU B 1081 -43.43 14.51 39.54
N ASN B 1082 -42.71 15.02 40.54
CA ASN B 1082 -42.38 16.44 40.55
C ASN B 1082 -41.28 16.76 39.56
N TYR B 1083 -40.47 15.77 39.18
CA TYR B 1083 -39.44 15.98 38.17
C TYR B 1083 -40.05 16.01 36.77
N MET B 1084 -41.08 15.20 36.52
CA MET B 1084 -41.74 15.23 35.23
C MET B 1084 -42.58 16.49 35.07
N GLU B 1085 -43.07 17.06 36.17
CA GLU B 1085 -43.82 18.31 36.09
C GLU B 1085 -42.90 19.52 35.99
N PHE B 1086 -41.65 19.40 36.45
CA PHE B 1086 -40.66 20.45 36.23
C PHE B 1086 -40.32 20.56 34.75
N LEU B 1087 -40.16 19.42 34.07
CA LEU B 1087 -39.79 19.41 32.67
C LEU B 1087 -40.95 19.75 31.75
N GLU B 1088 -42.19 19.73 32.25
CA GLU B 1088 -43.32 20.06 31.40
C GLU B 1088 -43.59 21.56 31.40
N VAL B 1089 -43.45 22.23 32.55
CA VAL B 1089 -43.64 23.67 32.60
C VAL B 1089 -42.41 24.43 32.18
N LEU B 1090 -41.27 23.75 31.99
CA LEU B 1090 -40.06 24.41 31.52
C LEU B 1090 -40.08 24.59 30.02
N THR B 1091 -40.55 23.58 29.29
CA THR B 1091 -40.61 23.61 27.83
C THR B 1091 -42.01 23.89 27.33
N GLU B 1092 -42.76 24.73 28.02
CA GLU B 1092 -44.13 25.05 27.64
C GLU B 1092 -44.12 26.21 26.67
N GLY B 1093 -44.70 26.00 25.49
CA GLY B 1093 -44.82 27.05 24.51
C GLY B 1093 -43.71 27.13 23.48
N LEU B 1094 -42.93 26.07 23.30
CA LEU B 1094 -41.89 26.01 22.30
C LEU B 1094 -42.18 24.88 21.32
N GLU B 1095 -41.84 25.10 20.06
CA GLU B 1095 -42.20 24.15 19.01
C GLU B 1095 -41.32 22.91 19.05
N ARG B 1096 -40.02 23.09 18.83
CA ARG B 1096 -39.06 22.00 18.84
C ARG B 1096 -38.04 22.25 19.93
N VAL B 1097 -37.98 21.34 20.92
CA VAL B 1097 -37.04 21.43 22.02
C VAL B 1097 -36.16 20.18 22.00
N LEU B 1098 -34.87 20.37 22.27
CA LEU B 1098 -33.93 19.27 22.44
C LEU B 1098 -33.26 19.44 23.80
N LEU B 1099 -33.54 18.52 24.72
CA LEU B 1099 -32.95 18.56 26.05
C LEU B 1099 -31.63 17.82 26.05
N VAL B 1100 -30.60 18.46 26.58
CA VAL B 1100 -29.24 17.92 26.59
C VAL B 1100 -28.84 17.63 28.03
N ARG B 1101 -28.15 16.51 28.23
CA ARG B 1101 -27.60 16.17 29.53
C ARG B 1101 -26.20 15.63 29.35
N GLY B 1102 -25.23 16.25 30.03
CA GLY B 1102 -23.86 15.82 29.90
C GLY B 1102 -23.55 14.62 30.77
N GLY B 1103 -22.67 13.76 30.26
CA GLY B 1103 -22.24 12.60 31.04
C GLY B 1103 -21.33 12.95 32.19
N GLY B 1104 -20.59 14.05 32.08
CA GLY B 1104 -19.66 14.44 33.13
C GLY B 1104 -18.25 14.59 32.61
N SER B 1105 -17.89 13.77 31.62
CA SER B 1105 -16.53 13.74 31.06
C SER B 1105 -16.61 14.05 29.58
N GLU B 1106 -16.67 15.33 29.24
CA GLU B 1106 -16.78 15.78 27.84
C GLU B 1106 -15.99 17.08 27.72
N VAL B 1107 -14.77 16.99 27.20
CA VAL B 1107 -13.93 18.15 26.96
C VAL B 1107 -13.73 18.27 25.46
N ILE B 1108 -14.08 19.43 24.90
CA ILE B 1108 -14.00 19.67 23.47
C ILE B 1108 -13.05 20.84 23.25
N THR B 1109 -11.99 20.60 22.48
CA THR B 1109 -10.99 21.62 22.20
C THR B 1109 -10.92 22.04 20.74
N ILE B 1110 -11.37 21.19 19.82
CA ILE B 1110 -11.33 21.48 18.39
C ILE B 1110 -12.74 21.35 17.84
N TYR B 1111 -13.28 22.44 17.30
CA TYR B 1111 -14.62 22.43 16.72
C TYR B 1111 -14.51 22.16 15.21
N SER B 1112 -14.15 20.92 14.91
CA SER B 1112 -13.95 20.39 13.54
C SER B 1112 -12.97 21.23 12.71
#